data_1Q0V
#
_entry.id   1Q0V
#
_entity_poly.entity_id   1
_entity_poly.type   'polypeptide(L)'
_entity_poly.pdbx_seq_one_letter_code
;MDRDYSTPEDEEELIRKAIELSLKESRNSASSEPIVPVVESKNEVKRQEIEEEEDPDLKAAIQESLREAEEAKLRSERQK
A
;
_entity_poly.pdbx_strand_id   A
#
# COMPACT_ATOMS: atom_id res chain seq x y z
N MET A 1 64.25 14.98 19.50
CA MET A 1 64.55 14.20 18.28
C MET A 1 65.56 14.93 17.38
N ASP A 2 65.29 16.21 17.12
CA ASP A 2 66.18 17.01 16.29
C ASP A 2 67.54 17.19 16.94
N ARG A 3 67.53 17.63 18.20
CA ARG A 3 68.76 17.85 18.96
C ARG A 3 69.74 18.72 18.19
N ASP A 4 69.22 19.82 17.62
CA ASP A 4 70.05 20.74 16.86
C ASP A 4 69.25 21.99 16.48
N TYR A 5 68.09 21.79 15.87
CA TYR A 5 67.24 22.90 15.46
C TYR A 5 66.00 22.99 16.34
N SER A 6 66.20 22.82 17.65
CA SER A 6 65.10 22.88 18.62
C SER A 6 64.10 21.75 18.38
N THR A 7 63.75 21.04 19.45
CA THR A 7 62.79 19.95 19.37
C THR A 7 61.38 20.46 19.06
N PRO A 8 60.63 19.75 18.20
CA PRO A 8 59.27 20.15 17.83
C PRO A 8 58.30 20.03 19.01
N GLU A 9 57.13 19.43 18.78
CA GLU A 9 56.14 19.26 19.83
C GLU A 9 55.64 20.61 20.33
N ASP A 10 55.20 21.46 19.41
CA ASP A 10 54.69 22.78 19.75
C ASP A 10 53.93 23.40 18.56
N GLU A 11 54.19 24.67 18.25
CA GLU A 11 53.52 25.34 17.15
C GLU A 11 53.66 24.54 15.86
N GLU A 12 54.87 24.04 15.60
CA GLU A 12 55.15 23.26 14.41
C GLU A 12 54.28 22.00 14.38
N GLU A 13 54.20 21.33 15.51
CA GLU A 13 53.40 20.10 15.61
C GLU A 13 51.94 20.37 15.27
N LEU A 14 51.41 21.46 15.80
CA LEU A 14 50.02 21.84 15.57
C LEU A 14 49.75 22.10 14.09
N ILE A 15 50.66 22.83 13.44
CA ILE A 15 50.52 23.14 12.03
C ILE A 15 50.46 21.88 11.18
N ARG A 16 51.42 20.98 11.39
CA ARG A 16 51.48 19.73 10.65
C ARG A 16 50.22 18.89 10.88
N LYS A 17 49.79 18.83 12.13
CA LYS A 17 48.61 18.06 12.51
C LYS A 17 47.35 18.60 11.82
N ALA A 18 47.17 19.91 11.86
CA ALA A 18 46.02 20.55 11.26
C ALA A 18 45.96 20.33 9.75
N ILE A 19 47.10 20.49 9.09
CA ILE A 19 47.18 20.32 7.64
C ILE A 19 46.83 18.89 7.20
N GLU A 20 47.48 17.91 7.81
CA GLU A 20 47.24 16.51 7.45
C GLU A 20 45.79 16.11 7.70
N LEU A 21 45.25 16.48 8.86
CA LEU A 21 43.88 16.14 9.22
C LEU A 21 42.89 16.79 8.27
N SER A 22 43.11 18.07 7.97
CA SER A 22 42.23 18.80 7.08
C SER A 22 42.18 18.17 5.69
N LEU A 23 43.36 17.81 5.17
CA LEU A 23 43.45 17.20 3.85
C LEU A 23 42.69 15.87 3.78
N LYS A 24 42.91 15.02 4.78
CA LYS A 24 42.26 13.71 4.82
C LYS A 24 40.75 13.86 4.99
N GLU A 25 40.35 14.68 5.96
CA GLU A 25 38.93 14.90 6.24
C GLU A 25 38.18 15.41 5.02
N SER A 26 36.93 14.96 4.88
CA SER A 26 36.09 15.37 3.76
C SER A 26 34.63 15.05 4.07
N ARG A 27 33.91 14.47 3.11
CA ARG A 27 32.50 14.14 3.32
C ARG A 27 32.38 12.95 4.27
N ASN A 28 31.48 12.00 3.96
CA ASN A 28 31.28 10.82 4.81
C ASN A 28 30.18 9.94 4.24
N SER A 29 30.27 9.65 2.94
CA SER A 29 29.26 8.82 2.27
C SER A 29 29.14 7.46 2.96
N ALA A 30 30.25 6.71 2.99
CA ALA A 30 30.27 5.40 3.62
C ALA A 30 29.07 4.56 3.17
N SER A 31 28.82 4.53 1.87
CA SER A 31 27.70 3.76 1.31
C SER A 31 26.37 4.36 1.76
N SER A 32 25.40 4.36 0.85
CA SER A 32 24.07 4.90 1.14
C SER A 32 23.02 4.29 0.24
N GLU A 33 21.86 3.99 0.81
CA GLU A 33 20.75 3.40 0.06
C GLU A 33 19.46 3.43 0.87
N PRO A 34 19.02 4.64 1.31
CA PRO A 34 17.80 4.79 2.09
C PRO A 34 16.54 4.52 1.27
N ILE A 35 15.38 4.71 1.87
CA ILE A 35 14.10 4.50 1.19
C ILE A 35 13.92 3.04 0.82
N VAL A 36 12.71 2.53 0.97
CA VAL A 36 12.39 1.14 0.64
C VAL A 36 10.88 0.90 0.64
N PRO A 37 10.37 0.27 -0.43
CA PRO A 37 8.93 -0.02 -0.56
C PRO A 37 8.42 -0.91 0.57
N VAL A 38 7.21 -0.62 1.05
CA VAL A 38 6.60 -1.39 2.12
C VAL A 38 5.12 -1.66 1.85
N VAL A 39 4.83 -1.99 0.59
CA VAL A 39 3.47 -2.28 0.18
C VAL A 39 3.19 -3.78 0.22
N GLU A 40 3.65 -4.43 1.30
CA GLU A 40 3.46 -5.87 1.48
C GLU A 40 2.04 -6.19 1.95
N SER A 41 1.06 -5.57 1.29
CA SER A 41 -0.34 -5.80 1.63
C SER A 41 -1.26 -5.20 0.58
N LYS A 42 -2.30 -5.95 0.22
CA LYS A 42 -3.25 -5.50 -0.80
C LYS A 42 -4.65 -6.05 -0.50
N ASN A 43 -5.65 -5.17 -0.60
CA ASN A 43 -7.04 -5.55 -0.34
C ASN A 43 -7.99 -4.64 -1.09
N GLU A 44 -8.99 -5.23 -1.73
CA GLU A 44 -9.98 -4.47 -2.49
C GLU A 44 -11.35 -4.56 -1.83
N VAL A 45 -11.37 -4.60 -0.51
CA VAL A 45 -12.62 -4.67 0.25
C VAL A 45 -13.30 -3.31 0.32
N LYS A 46 -14.62 -3.31 0.13
CA LYS A 46 -15.39 -2.07 0.17
C LYS A 46 -16.89 -2.36 0.19
N ARG A 47 -17.59 -1.68 1.10
CA ARG A 47 -19.04 -1.86 1.24
C ARG A 47 -19.78 -1.26 0.04
N GLN A 48 -20.92 -1.87 -0.29
CA GLN A 48 -21.73 -1.40 -1.42
C GLN A 48 -23.18 -1.84 -1.24
N GLU A 49 -23.65 -2.75 -2.11
CA GLU A 49 -25.02 -3.22 -2.03
C GLU A 49 -26.02 -2.08 -2.17
N ILE A 50 -25.80 -1.25 -3.19
CA ILE A 50 -26.67 -0.10 -3.44
C ILE A 50 -27.97 -0.53 -4.13
N GLU A 51 -28.58 -1.60 -3.62
CA GLU A 51 -29.83 -2.13 -4.17
C GLU A 51 -29.64 -2.65 -5.58
N GLU A 52 -30.17 -3.84 -5.84
CA GLU A 52 -30.07 -4.46 -7.17
C GLU A 52 -30.88 -3.67 -8.19
N GLU A 53 -32.12 -3.34 -7.81
CA GLU A 53 -33.03 -2.58 -8.68
C GLU A 53 -33.38 -3.37 -9.94
N GLU A 54 -34.67 -3.39 -10.27
CA GLU A 54 -35.16 -4.08 -11.46
C GLU A 54 -34.77 -5.56 -11.43
N ASP A 55 -35.05 -6.23 -10.30
CA ASP A 55 -34.72 -7.65 -10.16
C ASP A 55 -35.39 -8.46 -11.27
N PRO A 56 -34.59 -9.20 -12.06
CA PRO A 56 -35.12 -10.04 -13.14
C PRO A 56 -35.86 -11.27 -12.63
N ASP A 57 -35.30 -11.90 -11.60
CA ASP A 57 -35.90 -13.09 -11.01
C ASP A 57 -37.32 -12.80 -10.53
N LEU A 58 -37.52 -11.64 -9.93
CA LEU A 58 -38.83 -11.25 -9.42
C LEU A 58 -39.89 -11.25 -10.53
N LYS A 59 -39.58 -10.54 -11.62
CA LYS A 59 -40.51 -10.45 -12.74
C LYS A 59 -40.82 -11.84 -13.31
N ALA A 60 -39.79 -12.63 -13.53
CA ALA A 60 -39.95 -13.97 -14.07
C ALA A 60 -40.83 -14.83 -13.18
N ALA A 61 -40.63 -14.71 -11.87
CA ALA A 61 -41.40 -15.48 -10.90
C ALA A 61 -42.88 -15.12 -10.96
N ILE A 62 -43.18 -13.83 -11.04
CA ILE A 62 -44.57 -13.36 -11.10
C ILE A 62 -45.28 -13.88 -12.34
N GLN A 63 -44.62 -13.79 -13.49
CA GLN A 63 -45.21 -14.25 -14.75
C GLN A 63 -45.48 -15.76 -14.74
N GLU A 64 -44.48 -16.54 -14.36
CA GLU A 64 -44.62 -17.99 -14.33
C GLU A 64 -45.69 -18.43 -13.32
N SER A 65 -45.76 -17.74 -12.19
CA SER A 65 -46.72 -18.07 -11.15
C SER A 65 -48.16 -17.84 -11.62
N LEU A 66 -48.42 -16.66 -12.19
CA LEU A 66 -49.76 -16.33 -12.67
C LEU A 66 -50.19 -17.23 -13.81
N ARG A 67 -49.24 -17.58 -14.69
CA ARG A 67 -49.55 -18.45 -15.82
C ARG A 67 -49.94 -19.85 -15.35
N GLU A 68 -49.16 -20.40 -14.43
CA GLU A 68 -49.43 -21.73 -13.89
C GLU A 68 -50.79 -21.77 -13.21
N ALA A 69 -51.07 -20.76 -12.40
CA ALA A 69 -52.35 -20.67 -11.69
C ALA A 69 -53.51 -20.61 -12.68
N GLU A 70 -53.32 -19.85 -13.75
CA GLU A 70 -54.35 -19.70 -14.77
C GLU A 70 -54.68 -21.04 -15.42
N GLU A 71 -53.65 -21.81 -15.73
CA GLU A 71 -53.84 -23.12 -16.36
C GLU A 71 -54.59 -24.08 -15.43
N ALA A 72 -54.19 -24.11 -14.17
CA ALA A 72 -54.83 -24.99 -13.20
C ALA A 72 -56.32 -24.67 -13.05
N LYS A 73 -56.63 -23.39 -12.87
CA LYS A 73 -58.01 -22.95 -12.71
C LYS A 73 -58.82 -23.21 -13.99
N LEU A 74 -58.19 -22.96 -15.13
CA LEU A 74 -58.85 -23.16 -16.43
C LEU A 74 -59.29 -24.60 -16.62
N ARG A 75 -58.44 -25.54 -16.21
CA ARG A 75 -58.74 -26.96 -16.36
C ARG A 75 -59.91 -27.38 -15.47
N SER A 76 -59.89 -26.98 -14.20
CA SER A 76 -60.95 -27.32 -13.27
C SER A 76 -62.28 -26.69 -13.68
N GLU A 77 -62.30 -25.36 -13.75
CA GLU A 77 -63.50 -24.60 -14.11
C GLU A 77 -64.50 -24.56 -12.96
N ARG A 78 -64.64 -25.68 -12.26
CA ARG A 78 -65.55 -25.78 -11.14
C ARG A 78 -64.99 -25.10 -9.88
N GLN A 79 -65.85 -24.40 -9.17
CA GLN A 79 -65.45 -23.69 -7.94
C GLN A 79 -66.61 -23.63 -6.96
N LYS A 80 -66.34 -24.01 -5.71
CA LYS A 80 -67.37 -23.99 -4.67
C LYS A 80 -67.79 -22.57 -4.34
N ALA A 81 -66.80 -21.71 -4.09
CA ALA A 81 -67.06 -20.32 -3.75
C ALA A 81 -65.76 -19.53 -3.64
N MET A 1 47.14 20.12 20.36
CA MET A 1 46.93 18.67 20.49
C MET A 1 45.49 18.29 20.18
N ASP A 2 45.32 17.15 19.51
CA ASP A 2 43.99 16.68 19.13
C ASP A 2 43.20 16.24 20.36
N ARG A 3 41.96 16.71 20.46
CA ARG A 3 41.09 16.36 21.58
C ARG A 3 40.74 14.86 21.53
N ASP A 4 40.56 14.36 20.32
CA ASP A 4 40.22 12.96 20.11
C ASP A 4 40.48 12.55 18.67
N TYR A 5 40.81 11.28 18.47
CA TYR A 5 41.08 10.74 17.14
C TYR A 5 40.01 11.17 16.15
N SER A 6 40.45 11.48 14.92
CA SER A 6 39.53 11.91 13.85
C SER A 6 38.70 13.12 14.28
N THR A 7 39.39 14.19 14.69
CA THR A 7 38.72 15.41 15.13
C THR A 7 37.76 15.92 14.07
N PRO A 8 36.51 16.24 14.44
CA PRO A 8 35.49 16.74 13.52
C PRO A 8 35.90 18.08 12.90
N GLU A 9 35.62 18.24 11.61
CA GLU A 9 35.94 19.47 10.90
C GLU A 9 34.72 20.03 10.19
N ASP A 10 34.03 19.16 9.45
CA ASP A 10 32.83 19.55 8.72
C ASP A 10 32.20 18.33 8.06
N GLU A 11 31.84 18.45 6.78
CA GLU A 11 31.23 17.34 6.04
C GLU A 11 32.18 16.15 6.01
N GLU A 12 33.48 16.44 5.96
CA GLU A 12 34.50 15.40 5.92
C GLU A 12 34.31 14.39 7.04
N GLU A 13 33.82 14.87 8.18
CA GLU A 13 33.58 14.00 9.33
C GLU A 13 32.56 12.91 9.01
N LEU A 14 31.41 13.32 8.48
CA LEU A 14 30.35 12.38 8.13
C LEU A 14 30.83 11.39 7.07
N ILE A 15 31.44 11.92 6.02
CA ILE A 15 31.94 11.09 4.93
C ILE A 15 32.98 10.10 5.46
N ARG A 16 33.84 10.56 6.35
CA ARG A 16 34.88 9.72 6.94
C ARG A 16 34.24 8.53 7.65
N LYS A 17 33.19 8.81 8.44
CA LYS A 17 32.49 7.76 9.16
C LYS A 17 31.95 6.71 8.19
N ALA A 18 31.35 7.19 7.10
CA ALA A 18 30.80 6.31 6.08
C ALA A 18 31.87 5.38 5.54
N ILE A 19 33.06 5.93 5.31
CA ILE A 19 34.18 5.15 4.81
C ILE A 19 34.57 4.04 5.78
N GLU A 20 34.62 4.38 7.07
CA GLU A 20 34.97 3.42 8.10
C GLU A 20 33.98 2.26 8.13
N LEU A 21 32.70 2.58 8.09
CA LEU A 21 31.65 1.57 8.11
C LEU A 21 31.77 0.64 6.91
N SER A 22 32.05 1.22 5.75
CA SER A 22 32.18 0.44 4.53
C SER A 22 33.35 -0.55 4.65
N LEU A 23 34.47 -0.07 5.16
CA LEU A 23 35.65 -0.91 5.34
C LEU A 23 35.37 -2.04 6.33
N LYS A 24 34.56 -1.73 7.34
CA LYS A 24 34.20 -2.71 8.37
C LYS A 24 33.63 -3.98 7.74
N GLU A 25 32.78 -3.82 6.74
CA GLU A 25 32.18 -4.97 6.08
C GLU A 25 32.55 -5.02 4.59
N SER A 26 32.03 -4.05 3.84
CA SER A 26 32.30 -3.96 2.41
C SER A 26 31.57 -2.79 1.78
N ARG A 27 32.24 -2.08 0.87
CA ARG A 27 31.64 -0.94 0.19
C ARG A 27 30.34 -1.34 -0.48
N ASN A 28 29.35 -0.45 -0.47
CA ASN A 28 28.05 -0.73 -1.07
C ASN A 28 27.44 0.52 -1.69
N SER A 29 28.23 1.25 -2.47
CA SER A 29 27.76 2.47 -3.12
C SER A 29 26.63 2.14 -4.08
N ALA A 30 25.55 2.91 -4.01
CA ALA A 30 24.39 2.70 -4.87
C ALA A 30 23.72 1.36 -4.58
N SER A 31 22.40 1.39 -4.41
CA SER A 31 21.64 0.18 -4.12
C SER A 31 20.14 0.47 -4.10
N SER A 32 19.35 -0.49 -4.58
CA SER A 32 17.90 -0.35 -4.61
C SER A 32 17.32 -0.17 -3.21
N GLU A 33 15.99 -0.18 -3.10
CA GLU A 33 15.31 -0.03 -1.82
C GLU A 33 15.61 1.35 -1.23
N PRO A 34 15.30 2.43 -1.99
CA PRO A 34 15.54 3.80 -1.55
C PRO A 34 14.61 4.24 -0.42
N ILE A 35 15.15 5.00 0.52
CA ILE A 35 14.37 5.49 1.66
C ILE A 35 13.16 6.29 1.18
N VAL A 36 12.03 6.09 1.86
CA VAL A 36 10.80 6.79 1.51
C VAL A 36 10.39 6.48 0.08
N PRO A 37 10.13 5.19 -0.23
CA PRO A 37 9.74 4.75 -1.57
C PRO A 37 8.52 5.49 -2.10
N VAL A 38 8.57 5.86 -3.38
CA VAL A 38 7.46 6.57 -4.03
C VAL A 38 7.26 7.95 -3.42
N VAL A 39 7.16 8.96 -4.28
CA VAL A 39 6.94 10.33 -3.84
C VAL A 39 5.57 10.48 -3.20
N GLU A 40 5.52 11.25 -2.10
CA GLU A 40 4.26 11.47 -1.39
C GLU A 40 3.41 12.53 -2.10
N SER A 41 3.27 12.40 -3.42
CA SER A 41 2.49 13.33 -4.21
C SER A 41 1.05 13.39 -3.69
N LYS A 42 0.56 14.61 -3.47
CA LYS A 42 -0.80 14.80 -2.97
C LYS A 42 -1.36 16.14 -3.46
N ASN A 43 -2.65 16.15 -3.76
CA ASN A 43 -3.29 17.37 -4.25
C ASN A 43 -4.79 17.35 -3.94
N GLU A 44 -5.14 16.79 -2.79
CA GLU A 44 -6.53 16.71 -2.36
C GLU A 44 -7.42 16.10 -3.45
N VAL A 45 -6.98 14.98 -4.01
CA VAL A 45 -7.73 14.29 -5.05
C VAL A 45 -9.12 13.92 -4.57
N LYS A 46 -10.13 14.25 -5.37
CA LYS A 46 -11.52 13.96 -5.02
C LYS A 46 -11.80 12.46 -5.10
N ARG A 47 -12.29 11.89 -4.00
CA ARG A 47 -12.61 10.48 -3.95
C ARG A 47 -14.06 10.23 -4.36
N GLN A 48 -14.79 9.44 -3.57
CA GLN A 48 -16.19 9.14 -3.85
C GLN A 48 -16.33 8.33 -5.13
N GLU A 49 -17.16 7.28 -5.09
CA GLU A 49 -17.39 6.44 -6.25
C GLU A 49 -18.86 6.04 -6.33
N ILE A 50 -19.44 6.21 -7.52
CA ILE A 50 -20.84 5.87 -7.74
C ILE A 50 -21.01 4.36 -7.95
N GLU A 51 -20.51 3.58 -7.01
CA GLU A 51 -20.59 2.13 -7.10
C GLU A 51 -22.05 1.68 -7.19
N GLU A 52 -22.87 2.15 -6.25
CA GLU A 52 -24.29 1.81 -6.24
C GLU A 52 -25.05 2.61 -7.29
N GLU A 53 -25.71 1.91 -8.21
CA GLU A 53 -26.47 2.56 -9.26
C GLU A 53 -27.80 3.08 -8.72
N GLU A 54 -28.43 2.27 -7.88
CA GLU A 54 -29.72 2.62 -7.29
C GLU A 54 -30.76 2.87 -8.36
N ASP A 55 -30.67 2.11 -9.45
CA ASP A 55 -31.62 2.24 -10.56
C ASP A 55 -32.94 1.55 -10.22
N PRO A 56 -34.08 2.21 -10.46
CA PRO A 56 -35.40 1.65 -10.17
C PRO A 56 -35.66 0.34 -10.91
N ASP A 57 -35.38 0.34 -12.21
CA ASP A 57 -35.60 -0.84 -13.04
C ASP A 57 -34.63 -1.96 -12.65
N LEU A 58 -33.39 -1.60 -12.38
CA LEU A 58 -32.38 -2.58 -11.99
C LEU A 58 -32.78 -3.32 -10.72
N LYS A 59 -33.24 -2.57 -9.73
CA LYS A 59 -33.65 -3.16 -8.45
C LYS A 59 -34.78 -4.17 -8.66
N ALA A 60 -35.78 -3.79 -9.45
CA ALA A 60 -36.90 -4.67 -9.72
C ALA A 60 -36.45 -5.94 -10.44
N ALA A 61 -35.54 -5.78 -11.40
CA ALA A 61 -35.03 -6.91 -12.15
C ALA A 61 -34.34 -7.92 -11.24
N ILE A 62 -33.56 -7.41 -10.29
CA ILE A 62 -32.85 -8.27 -9.34
C ILE A 62 -33.82 -9.01 -8.45
N GLN A 63 -34.87 -8.32 -8.00
CA GLN A 63 -35.87 -8.91 -7.11
C GLN A 63 -36.61 -10.06 -7.81
N GLU A 64 -37.06 -9.81 -9.04
CA GLU A 64 -37.79 -10.82 -9.80
C GLU A 64 -36.89 -12.00 -10.16
N SER A 65 -35.65 -11.71 -10.50
CA SER A 65 -34.69 -12.76 -10.87
C SER A 65 -34.42 -13.70 -9.70
N LEU A 66 -34.15 -13.12 -8.53
CA LEU A 66 -33.86 -13.91 -7.34
C LEU A 66 -35.11 -14.67 -6.88
N ARG A 67 -36.27 -14.03 -7.02
CA ARG A 67 -37.53 -14.64 -6.62
C ARG A 67 -37.83 -15.86 -7.46
N GLU A 68 -37.70 -15.72 -8.78
CA GLU A 68 -37.97 -16.82 -9.71
C GLU A 68 -37.00 -17.97 -9.47
N ALA A 69 -35.72 -17.64 -9.30
CA ALA A 69 -34.68 -18.64 -9.08
C ALA A 69 -34.96 -19.44 -7.81
N GLU A 70 -35.34 -18.74 -6.75
CA GLU A 70 -35.63 -19.36 -5.47
C GLU A 70 -36.82 -20.33 -5.59
N GLU A 71 -37.87 -19.88 -6.26
CA GLU A 71 -39.06 -20.69 -6.44
C GLU A 71 -38.77 -21.93 -7.26
N ALA A 72 -37.98 -21.77 -8.32
CA ALA A 72 -37.61 -22.88 -9.19
C ALA A 72 -36.85 -23.96 -8.43
N LYS A 73 -35.84 -23.53 -7.66
CA LYS A 73 -35.03 -24.45 -6.87
C LYS A 73 -35.88 -25.16 -5.83
N LEU A 74 -36.73 -24.40 -5.14
CA LEU A 74 -37.60 -24.95 -4.10
C LEU A 74 -38.53 -26.00 -4.69
N ARG A 75 -39.07 -25.71 -5.87
CA ARG A 75 -39.99 -26.62 -6.55
C ARG A 75 -39.31 -27.94 -6.87
N SER A 76 -38.11 -27.86 -7.44
CA SER A 76 -37.35 -29.06 -7.81
C SER A 76 -37.01 -29.91 -6.59
N GLU A 77 -36.54 -29.25 -5.54
CA GLU A 77 -36.18 -29.94 -4.30
C GLU A 77 -35.87 -28.94 -3.19
N ARG A 78 -36.24 -29.29 -1.96
CA ARG A 78 -36.01 -28.44 -0.81
C ARG A 78 -34.54 -28.01 -0.71
N GLN A 79 -33.64 -28.96 -0.91
CA GLN A 79 -32.20 -28.67 -0.85
C GLN A 79 -31.39 -29.87 -1.33
N LYS A 80 -30.37 -29.59 -2.14
CA LYS A 80 -29.51 -30.65 -2.67
C LYS A 80 -28.80 -31.41 -1.55
N ALA A 81 -28.71 -32.73 -1.70
CA ALA A 81 -28.05 -33.56 -0.71
C ALA A 81 -26.61 -33.14 -0.49
N MET A 1 54.73 0.06 18.99
CA MET A 1 53.59 0.13 18.02
C MET A 1 53.91 1.11 16.89
N ASP A 2 55.13 1.04 16.37
CA ASP A 2 55.55 1.91 15.28
C ASP A 2 54.73 1.65 14.02
N ARG A 3 54.21 2.71 13.42
CA ARG A 3 53.41 2.59 12.20
C ARG A 3 54.27 2.12 11.05
N ASP A 4 55.48 2.67 10.95
CA ASP A 4 56.41 2.31 9.88
C ASP A 4 57.78 2.94 10.13
N TYR A 5 58.24 2.85 11.38
CA TYR A 5 59.53 3.40 11.80
C TYR A 5 59.46 4.92 11.93
N SER A 6 58.88 5.58 10.94
CA SER A 6 58.75 7.03 10.95
C SER A 6 57.54 7.46 11.79
N THR A 7 57.36 6.82 12.94
CA THR A 7 56.24 7.14 13.82
C THR A 7 56.32 8.59 14.31
N PRO A 8 55.20 9.33 14.23
CA PRO A 8 55.15 10.74 14.66
C PRO A 8 55.22 10.88 16.18
N GLU A 9 54.60 11.93 16.70
CA GLU A 9 54.59 12.18 18.14
C GLU A 9 53.32 11.59 18.77
N ASP A 10 52.58 12.40 19.52
CA ASP A 10 51.35 11.93 20.16
C ASP A 10 50.21 12.91 19.92
N GLU A 11 50.46 14.18 20.23
CA GLU A 11 49.45 15.23 20.05
C GLU A 11 49.40 15.67 18.59
N GLU A 12 50.57 15.96 18.03
CA GLU A 12 50.68 16.39 16.64
C GLU A 12 50.13 15.32 15.71
N GLU A 13 50.40 14.05 16.04
CA GLU A 13 49.93 12.93 15.23
C GLU A 13 48.41 12.97 15.12
N LEU A 14 47.74 13.18 16.25
CA LEU A 14 46.29 13.24 16.28
C LEU A 14 45.78 14.41 15.45
N ILE A 15 46.45 15.54 15.56
CA ILE A 15 46.07 16.73 14.82
C ILE A 15 46.14 16.49 13.31
N ARG A 16 47.21 15.83 12.88
CA ARG A 16 47.41 15.52 11.46
C ARG A 16 46.29 14.63 10.95
N LYS A 17 46.00 13.57 11.70
CA LYS A 17 44.95 12.63 11.32
C LYS A 17 43.59 13.32 11.27
N ALA A 18 43.33 14.18 12.25
CA ALA A 18 42.07 14.91 12.33
C ALA A 18 41.86 15.79 11.09
N ILE A 19 42.92 16.48 10.68
CA ILE A 19 42.85 17.36 9.53
C ILE A 19 42.57 16.56 8.25
N GLU A 20 43.27 15.45 8.08
CA GLU A 20 43.09 14.61 6.91
C GLU A 20 41.66 14.08 6.83
N LEU A 21 41.14 13.59 7.95
CA LEU A 21 39.78 13.06 8.01
C LEU A 21 38.77 14.17 7.72
N SER A 22 39.00 15.34 8.29
CA SER A 22 38.10 16.47 8.10
C SER A 22 37.96 16.81 6.62
N LEU A 23 39.08 16.82 5.90
CA LEU A 23 39.08 17.12 4.48
C LEU A 23 38.39 16.01 3.70
N LYS A 24 38.68 14.76 4.05
CA LYS A 24 38.09 13.61 3.38
C LYS A 24 36.64 13.40 3.79
N GLU A 25 36.06 14.39 4.47
CA GLU A 25 34.67 14.30 4.91
C GLU A 25 33.74 13.99 3.75
N SER A 26 32.76 13.13 3.99
CA SER A 26 31.82 12.74 2.95
C SER A 26 30.54 12.16 3.57
N ARG A 27 29.88 12.97 4.39
CA ARG A 27 28.64 12.54 5.05
C ARG A 27 27.73 13.73 5.30
N ASN A 28 28.28 14.80 5.88
CA ASN A 28 27.51 16.00 6.18
C ASN A 28 27.14 16.72 4.88
N SER A 29 25.87 17.07 4.76
CA SER A 29 25.39 17.77 3.57
C SER A 29 24.02 18.40 3.82
N ALA A 30 23.12 17.62 4.42
CA ALA A 30 21.77 18.10 4.73
C ALA A 30 20.99 18.40 3.45
N SER A 31 19.74 17.94 3.40
CA SER A 31 18.89 18.17 2.24
C SER A 31 17.44 17.79 2.54
N SER A 32 16.94 18.24 3.68
CA SER A 32 15.55 17.96 4.08
C SER A 32 14.58 18.47 3.03
N GLU A 33 13.53 17.70 2.76
CA GLU A 33 12.53 18.08 1.77
C GLU A 33 11.13 17.59 2.18
N PRO A 34 10.65 17.99 3.37
CA PRO A 34 9.33 17.59 3.86
C PRO A 34 8.21 18.39 3.21
N ILE A 35 8.31 18.59 1.90
CA ILE A 35 7.31 19.34 1.15
C ILE A 35 5.93 18.69 1.30
N VAL A 36 4.90 19.53 1.40
CA VAL A 36 3.53 19.04 1.56
C VAL A 36 2.54 19.81 0.69
N PRO A 37 2.65 19.66 -0.65
CA PRO A 37 1.76 20.35 -1.59
C PRO A 37 0.40 19.67 -1.70
N VAL A 38 -0.18 19.32 -0.54
CA VAL A 38 -1.48 18.66 -0.50
C VAL A 38 -2.26 19.11 0.73
N VAL A 39 -3.58 19.26 0.57
CA VAL A 39 -4.44 19.70 1.66
C VAL A 39 -5.91 19.42 1.35
N GLU A 40 -6.18 18.20 0.89
CA GLU A 40 -7.55 17.80 0.54
C GLU A 40 -7.61 16.31 0.24
N SER A 41 -6.80 15.52 0.96
CA SER A 41 -6.76 14.09 0.78
C SER A 41 -7.95 13.42 1.46
N LYS A 42 -8.55 12.45 0.79
CA LYS A 42 -9.69 11.71 1.33
C LYS A 42 -10.05 10.53 0.46
N ASN A 43 -10.39 10.80 -0.80
CA ASN A 43 -10.76 9.77 -1.78
C ASN A 43 -11.53 8.62 -1.13
N GLU A 44 -12.42 8.96 -0.20
CA GLU A 44 -13.21 7.94 0.49
C GLU A 44 -14.33 7.42 -0.42
N VAL A 45 -15.06 8.34 -1.04
CA VAL A 45 -16.15 7.99 -1.93
C VAL A 45 -15.66 7.12 -3.09
N LYS A 46 -16.47 6.15 -3.49
CA LYS A 46 -16.11 5.26 -4.58
C LYS A 46 -17.32 4.49 -5.10
N ARG A 47 -17.55 4.56 -6.40
CA ARG A 47 -18.67 3.87 -7.02
C ARG A 47 -18.21 2.63 -7.78
N GLN A 48 -17.00 2.70 -8.33
CA GLN A 48 -16.42 1.60 -9.09
C GLN A 48 -16.48 0.30 -8.28
N GLU A 49 -16.68 -0.81 -8.99
CA GLU A 49 -16.76 -2.12 -8.35
C GLU A 49 -16.60 -3.24 -9.37
N ILE A 50 -15.67 -4.14 -9.11
CA ILE A 50 -15.40 -5.25 -10.01
C ILE A 50 -15.69 -6.60 -9.35
N GLU A 51 -16.81 -6.65 -8.63
CA GLU A 51 -17.21 -7.88 -7.95
C GLU A 51 -18.73 -8.05 -8.00
N GLU A 52 -19.44 -7.00 -7.57
CA GLU A 52 -20.89 -7.01 -7.58
C GLU A 52 -21.42 -6.78 -8.99
N GLU A 53 -22.44 -7.55 -9.37
CA GLU A 53 -23.02 -7.43 -10.70
C GLU A 53 -24.35 -8.18 -10.80
N GLU A 54 -25.33 -7.53 -11.42
CA GLU A 54 -26.66 -8.13 -11.58
C GLU A 54 -27.52 -7.27 -12.50
N ASP A 55 -28.02 -7.88 -13.57
CA ASP A 55 -28.87 -7.19 -14.53
C ASP A 55 -30.34 -7.27 -14.11
N PRO A 56 -31.07 -6.16 -14.22
CA PRO A 56 -32.50 -6.12 -13.85
C PRO A 56 -33.33 -7.10 -14.66
N ASP A 57 -33.05 -7.17 -15.97
CA ASP A 57 -33.77 -8.06 -16.86
C ASP A 57 -33.55 -9.52 -16.48
N LEU A 58 -32.28 -9.88 -16.25
CA LEU A 58 -31.93 -11.24 -15.88
C LEU A 58 -32.59 -11.65 -14.56
N LYS A 59 -32.47 -10.77 -13.56
CA LYS A 59 -33.05 -11.05 -12.25
C LYS A 59 -34.57 -11.25 -12.35
N ALA A 60 -35.21 -10.39 -13.14
CA ALA A 60 -36.66 -10.48 -13.32
C ALA A 60 -37.05 -11.82 -13.93
N ALA A 61 -36.30 -12.24 -14.94
CA ALA A 61 -36.57 -13.51 -15.62
C ALA A 61 -36.44 -14.69 -14.65
N ILE A 62 -35.38 -14.66 -13.83
CA ILE A 62 -35.14 -15.73 -12.87
C ILE A 62 -36.27 -15.82 -11.85
N GLN A 63 -36.68 -14.66 -11.33
CA GLN A 63 -37.75 -14.60 -10.34
C GLN A 63 -39.05 -15.14 -10.93
N GLU A 64 -39.34 -14.77 -12.18
CA GLU A 64 -40.55 -15.22 -12.85
C GLU A 64 -40.54 -16.72 -13.06
N SER A 65 -39.39 -17.26 -13.42
CA SER A 65 -39.24 -18.69 -13.66
C SER A 65 -39.48 -19.50 -12.39
N LEU A 66 -38.79 -19.13 -11.31
CA LEU A 66 -38.93 -19.83 -10.04
C LEU A 66 -40.32 -19.64 -9.44
N ARG A 67 -40.89 -18.45 -9.63
CA ARG A 67 -42.21 -18.15 -9.11
C ARG A 67 -43.29 -18.95 -9.83
N GLU A 68 -43.18 -19.02 -11.15
CA GLU A 68 -44.14 -19.76 -11.98
C GLU A 68 -44.10 -21.25 -11.66
N ALA A 69 -42.89 -21.82 -11.64
CA ALA A 69 -42.72 -23.24 -11.36
C ALA A 69 -43.18 -23.59 -9.96
N GLU A 70 -42.75 -22.81 -8.98
CA GLU A 70 -43.12 -23.05 -7.59
C GLU A 70 -44.63 -23.03 -7.44
N GLU A 71 -45.27 -22.03 -8.02
CA GLU A 71 -46.72 -21.89 -7.95
C GLU A 71 -47.39 -23.01 -8.72
N ALA A 72 -46.76 -23.46 -9.80
CA ALA A 72 -47.30 -24.52 -10.64
C ALA A 72 -47.49 -25.82 -9.85
N LYS A 73 -46.43 -26.27 -9.17
CA LYS A 73 -46.51 -27.51 -8.39
C LYS A 73 -47.31 -27.32 -7.12
N LEU A 74 -47.05 -26.22 -6.42
CA LEU A 74 -47.73 -25.92 -5.16
C LEU A 74 -49.25 -25.88 -5.36
N ARG A 75 -49.70 -25.22 -6.42
CA ARG A 75 -51.12 -25.12 -6.71
C ARG A 75 -51.74 -26.50 -6.92
N SER A 76 -51.07 -27.33 -7.70
CA SER A 76 -51.55 -28.67 -7.98
C SER A 76 -51.51 -29.54 -6.72
N GLU A 77 -52.63 -30.21 -6.44
CA GLU A 77 -52.74 -31.08 -5.27
C GLU A 77 -54.09 -31.76 -5.23
N ARG A 78 -55.16 -30.98 -5.34
CA ARG A 78 -56.51 -31.51 -5.33
C ARG A 78 -56.82 -32.25 -6.63
N GLN A 79 -56.44 -31.64 -7.75
CA GLN A 79 -56.66 -32.23 -9.06
C GLN A 79 -58.14 -32.53 -9.28
N LYS A 80 -59.00 -31.63 -8.81
CA LYS A 80 -60.45 -31.78 -8.96
C LYS A 80 -60.95 -33.01 -8.18
N ALA A 81 -62.07 -32.84 -7.50
CA ALA A 81 -62.66 -33.92 -6.71
C ALA A 81 -64.08 -33.59 -6.31
N MET A 1 -61.34 -19.28 -23.18
CA MET A 1 -62.27 -18.44 -22.37
C MET A 1 -62.60 -19.10 -21.04
N ASP A 2 -62.49 -18.33 -19.96
CA ASP A 2 -62.78 -18.85 -18.62
C ASP A 2 -64.27 -19.15 -18.48
N ARG A 3 -64.56 -20.36 -18.01
CA ARG A 3 -65.95 -20.78 -17.82
C ARG A 3 -66.56 -20.13 -16.60
N ASP A 4 -65.88 -20.24 -15.46
CA ASP A 4 -66.37 -19.65 -14.21
C ASP A 4 -66.04 -18.16 -14.14
N TYR A 5 -64.77 -17.83 -14.35
CA TYR A 5 -64.33 -16.44 -14.30
C TYR A 5 -62.84 -16.34 -14.60
N SER A 6 -62.07 -17.30 -14.10
CA SER A 6 -60.63 -17.32 -14.32
C SER A 6 -60.08 -18.73 -14.14
N THR A 7 -60.53 -19.64 -15.00
CA THR A 7 -60.10 -21.04 -14.96
C THR A 7 -58.58 -21.15 -14.83
N PRO A 8 -58.10 -22.14 -14.07
CA PRO A 8 -56.66 -22.36 -13.87
C PRO A 8 -55.91 -22.56 -15.18
N GLU A 9 -54.58 -22.38 -15.13
CA GLU A 9 -53.72 -22.53 -16.30
C GLU A 9 -53.84 -21.32 -17.24
N ASP A 10 -55.06 -20.83 -17.42
CA ASP A 10 -55.30 -19.68 -18.28
C ASP A 10 -54.75 -18.40 -17.63
N GLU A 11 -55.60 -17.38 -17.50
CA GLU A 11 -55.18 -16.11 -16.91
C GLU A 11 -54.77 -16.29 -15.45
N GLU A 12 -55.52 -17.13 -14.72
CA GLU A 12 -55.24 -17.37 -13.31
C GLU A 12 -53.79 -17.80 -13.09
N GLU A 13 -53.29 -18.66 -13.96
CA GLU A 13 -51.91 -19.15 -13.86
C GLU A 13 -50.91 -17.99 -13.99
N LEU A 14 -51.18 -17.10 -14.94
CA LEU A 14 -50.30 -15.95 -15.16
C LEU A 14 -50.24 -15.06 -13.94
N ILE A 15 -51.40 -14.79 -13.34
CA ILE A 15 -51.48 -13.94 -12.16
C ILE A 15 -50.75 -14.57 -10.97
N ARG A 16 -51.01 -15.86 -10.73
CA ARG A 16 -50.39 -16.57 -9.62
C ARG A 16 -48.87 -16.53 -9.74
N LYS A 17 -48.35 -16.91 -10.90
CA LYS A 17 -46.91 -16.92 -11.13
C LYS A 17 -46.34 -15.51 -10.96
N ALA A 18 -47.10 -14.51 -11.40
CA ALA A 18 -46.68 -13.13 -11.29
C ALA A 18 -46.51 -12.72 -9.83
N ILE A 19 -47.47 -13.13 -9.00
CA ILE A 19 -47.43 -12.80 -7.57
C ILE A 19 -46.20 -13.42 -6.91
N GLU A 20 -45.97 -14.70 -7.18
CA GLU A 20 -44.82 -15.40 -6.61
C GLU A 20 -43.51 -14.76 -7.06
N LEU A 21 -43.45 -14.38 -8.33
CA LEU A 21 -42.27 -13.75 -8.89
C LEU A 21 -41.99 -12.41 -8.21
N SER A 22 -43.05 -11.64 -7.99
CA SER A 22 -42.92 -10.34 -7.34
C SER A 22 -42.39 -10.47 -5.92
N LEU A 23 -42.96 -11.40 -5.16
CA LEU A 23 -42.52 -11.61 -3.78
C LEU A 23 -41.06 -12.04 -3.71
N LYS A 24 -40.69 -13.00 -4.54
CA LYS A 24 -39.32 -13.51 -4.57
C LYS A 24 -38.35 -12.40 -4.98
N GLU A 25 -38.79 -11.54 -5.91
CA GLU A 25 -37.96 -10.44 -6.39
C GLU A 25 -36.72 -10.95 -7.10
N SER A 26 -36.31 -10.26 -8.15
CA SER A 26 -35.13 -10.64 -8.91
C SER A 26 -33.85 -10.24 -8.19
N ARG A 27 -33.89 -10.28 -6.87
CA ARG A 27 -32.73 -9.93 -6.05
C ARG A 27 -31.80 -11.14 -5.90
N ASN A 28 -31.56 -11.84 -7.00
CA ASN A 28 -30.69 -13.00 -7.00
C ASN A 28 -29.30 -12.65 -6.50
N SER A 29 -28.88 -11.42 -6.75
CA SER A 29 -27.57 -10.94 -6.33
C SER A 29 -27.60 -9.45 -6.02
N ALA A 30 -28.14 -8.67 -6.95
CA ALA A 30 -28.24 -7.22 -6.78
C ALA A 30 -26.89 -6.61 -6.42
N SER A 31 -25.84 -7.05 -7.12
CA SER A 31 -24.49 -6.55 -6.88
C SER A 31 -24.00 -6.93 -5.49
N SER A 32 -22.76 -7.41 -5.42
CA SER A 32 -22.17 -7.82 -4.14
C SER A 32 -20.69 -8.15 -4.32
N GLU A 33 -20.22 -9.21 -3.66
CA GLU A 33 -18.82 -9.62 -3.75
C GLU A 33 -17.88 -8.46 -3.39
N PRO A 34 -18.09 -7.79 -2.24
CA PRO A 34 -17.26 -6.67 -1.80
C PRO A 34 -15.96 -7.14 -1.16
N ILE A 35 -15.41 -8.25 -1.68
CA ILE A 35 -14.17 -8.80 -1.16
C ILE A 35 -13.41 -9.54 -2.26
N VAL A 36 -12.10 -9.26 -2.36
CA VAL A 36 -11.26 -9.90 -3.36
C VAL A 36 -9.78 -9.57 -3.16
N PRO A 37 -9.25 -9.77 -1.94
CA PRO A 37 -7.84 -9.49 -1.62
C PRO A 37 -6.91 -10.50 -2.27
N VAL A 38 -5.81 -10.02 -2.85
CA VAL A 38 -4.84 -10.89 -3.50
C VAL A 38 -3.42 -10.39 -3.29
N VAL A 39 -2.57 -11.27 -2.75
CA VAL A 39 -1.18 -10.94 -2.48
C VAL A 39 -1.06 -9.88 -1.41
N GLU A 40 -0.10 -10.05 -0.50
CA GLU A 40 0.10 -9.10 0.58
C GLU A 40 0.32 -7.70 0.01
N SER A 41 -0.69 -6.84 0.18
CA SER A 41 -0.63 -5.47 -0.32
C SER A 41 0.33 -4.61 0.51
N LYS A 42 1.60 -4.98 0.49
CA LYS A 42 2.62 -4.23 1.23
C LYS A 42 2.70 -2.79 0.76
N ASN A 43 2.92 -1.86 1.69
CA ASN A 43 3.01 -0.45 1.37
C ASN A 43 4.26 -0.15 0.53
N GLU A 44 4.82 1.05 0.71
CA GLU A 44 6.02 1.46 -0.01
C GLU A 44 6.83 2.45 0.81
N VAL A 45 7.07 2.11 2.08
CA VAL A 45 7.84 2.97 2.98
C VAL A 45 8.78 2.14 3.84
N LYS A 46 9.99 2.65 4.04
CA LYS A 46 10.98 1.96 4.85
C LYS A 46 11.54 2.86 5.94
N ARG A 47 11.46 2.38 7.18
CA ARG A 47 11.94 3.13 8.33
C ARG A 47 13.47 3.10 8.39
N GLN A 48 14.03 1.93 8.11
CA GLN A 48 15.48 1.76 8.12
C GLN A 48 16.14 2.65 7.08
N GLU A 49 17.33 3.16 7.42
CA GLU A 49 18.05 4.05 6.52
C GLU A 49 19.53 4.11 6.94
N ILE A 50 20.15 2.94 7.07
CA ILE A 50 21.54 2.85 7.46
C ILE A 50 22.29 1.85 6.59
N GLU A 51 23.49 2.21 6.18
CA GLU A 51 24.32 1.36 5.34
C GLU A 51 25.76 1.83 5.37
N GLU A 52 25.95 3.15 5.40
CA GLU A 52 27.28 3.75 5.44
C GLU A 52 27.18 5.25 5.64
N GLU A 53 27.68 5.74 6.77
CA GLU A 53 27.64 7.17 7.06
C GLU A 53 28.76 7.91 6.32
N GLU A 54 29.98 7.41 6.48
CA GLU A 54 31.15 8.01 5.83
C GLU A 54 31.40 9.43 6.34
N ASP A 55 32.67 9.75 6.56
CA ASP A 55 33.03 11.07 7.05
C ASP A 55 34.42 11.46 6.54
N PRO A 56 34.60 11.53 5.20
CA PRO A 56 35.88 11.90 4.59
C PRO A 56 36.40 13.24 5.11
N ASP A 57 35.46 14.13 5.46
CA ASP A 57 35.81 15.44 5.97
C ASP A 57 36.78 15.33 7.14
N LEU A 58 36.58 14.32 7.98
CA LEU A 58 37.44 14.10 9.14
C LEU A 58 38.89 13.95 8.70
N LYS A 59 39.12 13.17 7.66
CA LYS A 59 40.48 12.97 7.14
C LYS A 59 41.10 14.29 6.72
N ALA A 60 40.29 15.15 6.10
CA ALA A 60 40.76 16.45 5.66
C ALA A 60 41.14 17.34 6.84
N ALA A 61 40.32 17.29 7.89
CA ALA A 61 40.56 18.09 9.09
C ALA A 61 41.87 17.71 9.77
N ILE A 62 42.05 16.41 10.01
CA ILE A 62 43.26 15.92 10.65
C ILE A 62 44.50 16.18 9.80
N GLN A 63 44.34 16.03 8.49
CA GLN A 63 45.45 16.25 7.55
C GLN A 63 45.92 17.70 7.62
N GLU A 64 44.97 18.63 7.64
CA GLU A 64 45.29 20.05 7.70
C GLU A 64 45.99 20.40 9.01
N SER A 65 45.46 19.88 10.11
CA SER A 65 46.03 20.13 11.42
C SER A 65 47.45 19.59 11.50
N LEU A 66 47.63 18.35 11.06
CA LEU A 66 48.94 17.72 11.05
C LEU A 66 49.91 18.51 10.18
N ARG A 67 49.42 19.00 9.05
CA ARG A 67 50.22 19.79 8.14
C ARG A 67 50.76 21.03 8.83
N GLU A 68 49.89 21.71 9.58
CA GLU A 68 50.28 22.90 10.31
C GLU A 68 51.37 22.58 11.33
N ALA A 69 51.19 21.45 12.02
CA ALA A 69 52.15 21.01 13.02
C ALA A 69 53.52 20.79 12.40
N GLU A 70 53.55 20.19 11.22
CA GLU A 70 54.80 19.92 10.51
C GLU A 70 55.49 21.22 10.13
N GLU A 71 54.71 22.18 9.66
CA GLU A 71 55.26 23.48 9.25
C GLU A 71 55.95 24.17 10.42
N ALA A 72 55.23 24.29 11.54
CA ALA A 72 55.77 24.93 12.74
C ALA A 72 56.98 24.19 13.27
N LYS A 73 56.90 22.86 13.25
CA LYS A 73 57.98 22.01 13.74
C LYS A 73 59.25 22.23 12.92
N LEU A 74 59.09 22.30 11.59
CA LEU A 74 60.23 22.50 10.70
C LEU A 74 60.91 23.84 11.00
N ARG A 75 60.11 24.90 11.06
CA ARG A 75 60.63 26.23 11.33
C ARG A 75 61.26 26.31 12.72
N SER A 76 60.76 25.49 13.64
CA SER A 76 61.27 25.46 15.01
C SER A 76 62.77 25.19 15.02
N GLU A 77 63.50 25.93 15.86
CA GLU A 77 64.94 25.77 15.98
C GLU A 77 65.28 24.68 16.99
N ARG A 78 64.39 23.70 17.07
CA ARG A 78 64.56 22.56 17.99
C ARG A 78 64.57 23.04 19.44
N GLN A 79 63.48 22.76 20.15
CA GLN A 79 63.35 23.15 21.55
C GLN A 79 63.71 24.63 21.74
N LYS A 80 64.34 24.94 22.87
CA LYS A 80 64.74 26.31 23.17
C LYS A 80 65.86 26.77 22.24
N ALA A 81 66.83 25.89 22.02
CA ALA A 81 67.96 26.21 21.15
C ALA A 81 68.84 24.97 20.94
N MET A 1 68.08 25.92 17.93
CA MET A 1 66.88 26.55 17.33
C MET A 1 65.65 25.65 17.49
N ASP A 2 65.85 24.35 17.27
CA ASP A 2 64.76 23.38 17.40
C ASP A 2 65.19 22.21 18.27
N ARG A 3 64.39 21.89 19.28
CA ARG A 3 64.70 20.79 20.19
C ARG A 3 64.02 19.50 19.76
N ASP A 4 62.75 19.59 19.37
CA ASP A 4 62.01 18.40 18.95
C ASP A 4 61.69 18.45 17.45
N TYR A 5 62.53 19.15 16.70
CA TYR A 5 62.35 19.28 15.25
C TYR A 5 61.02 19.93 14.89
N SER A 6 61.08 20.94 14.02
CA SER A 6 59.89 21.66 13.58
C SER A 6 59.00 22.03 14.76
N THR A 7 59.57 22.76 15.71
CA THR A 7 58.84 23.19 16.90
C THR A 7 57.52 23.87 16.52
N PRO A 8 56.38 23.38 17.08
CA PRO A 8 55.07 23.95 16.80
C PRO A 8 54.85 25.30 17.47
N GLU A 9 53.64 25.52 17.98
CA GLU A 9 53.30 26.77 18.65
C GLU A 9 53.55 27.97 17.74
N ASP A 10 53.21 27.81 16.46
CA ASP A 10 53.39 28.88 15.48
C ASP A 10 52.87 28.43 14.12
N GLU A 11 53.69 28.55 13.08
CA GLU A 11 53.29 28.15 11.73
C GLU A 11 53.10 26.64 11.64
N GLU A 12 54.02 25.90 12.25
CA GLU A 12 53.97 24.44 12.25
C GLU A 12 52.65 23.94 12.84
N GLU A 13 52.20 24.59 13.91
CA GLU A 13 50.96 24.20 14.56
C GLU A 13 49.77 24.30 13.61
N LEU A 14 49.67 25.42 12.91
CA LEU A 14 48.57 25.63 11.97
C LEU A 14 48.59 24.61 10.83
N ILE A 15 49.76 24.39 10.27
CA ILE A 15 49.91 23.44 9.17
C ILE A 15 49.51 22.03 9.60
N ARG A 16 50.00 21.61 10.76
CA ARG A 16 49.69 20.27 11.27
C ARG A 16 48.19 20.10 11.47
N LYS A 17 47.54 21.11 12.04
CA LYS A 17 46.11 21.08 12.27
C LYS A 17 45.34 20.89 10.97
N ALA A 18 45.71 21.66 9.96
CA ALA A 18 45.06 21.58 8.65
C ALA A 18 45.18 20.18 8.06
N ILE A 19 46.38 19.61 8.17
CA ILE A 19 46.63 18.26 7.65
C ILE A 19 45.72 17.24 8.32
N GLU A 20 45.57 17.37 9.64
CA GLU A 20 44.73 16.45 10.41
C GLU A 20 43.28 16.51 9.93
N LEU A 21 42.78 17.72 9.72
CA LEU A 21 41.40 17.90 9.26
C LEU A 21 41.19 17.28 7.89
N SER A 22 42.13 17.49 6.98
CA SER A 22 42.03 16.95 5.63
C SER A 22 42.02 15.43 5.65
N LEU A 23 42.95 14.83 6.39
CA LEU A 23 43.05 13.38 6.50
C LEU A 23 41.81 12.80 7.18
N LYS A 24 41.26 13.55 8.14
CA LYS A 24 40.08 13.11 8.87
C LYS A 24 38.96 12.70 7.93
N GLU A 25 38.85 13.41 6.80
CA GLU A 25 37.83 13.13 5.80
C GLU A 25 36.43 13.43 6.34
N SER A 26 35.56 13.95 5.48
CA SER A 26 34.20 14.29 5.86
C SER A 26 33.33 14.50 4.62
N ARG A 27 33.37 13.53 3.72
CA ARG A 27 32.59 13.60 2.48
C ARG A 27 32.48 12.23 1.84
N ASN A 28 32.39 11.19 2.67
CA ASN A 28 32.28 9.82 2.19
C ASN A 28 30.89 9.57 1.62
N SER A 29 30.81 8.88 0.49
CA SER A 29 29.53 8.57 -0.14
C SER A 29 28.59 7.89 0.85
N ALA A 30 27.39 8.43 0.98
CA ALA A 30 26.39 7.88 1.89
C ALA A 30 25.89 6.53 1.41
N SER A 31 25.47 6.48 0.14
CA SER A 31 24.97 5.25 -0.45
C SER A 31 23.84 4.65 0.39
N SER A 32 23.78 3.32 0.45
CA SER A 32 22.76 2.63 1.23
C SER A 32 21.35 3.07 0.81
N GLU A 33 20.42 3.05 1.76
CA GLU A 33 19.05 3.46 1.50
C GLU A 33 18.45 2.66 0.33
N PRO A 34 18.42 1.31 0.44
CA PRO A 34 17.89 0.44 -0.61
C PRO A 34 16.41 0.65 -0.85
N ILE A 35 16.05 0.85 -2.12
CA ILE A 35 14.65 1.06 -2.50
C ILE A 35 14.04 -0.23 -3.04
N VAL A 36 12.79 -0.49 -2.67
CA VAL A 36 12.10 -1.70 -3.13
C VAL A 36 10.61 -1.67 -2.75
N PRO A 37 9.72 -1.88 -3.73
CA PRO A 37 8.27 -1.89 -3.51
C PRO A 37 7.81 -3.13 -2.76
N VAL A 38 6.85 -2.95 -1.86
CA VAL A 38 6.31 -4.07 -1.09
C VAL A 38 4.83 -4.29 -1.39
N VAL A 39 4.47 -5.55 -1.65
CA VAL A 39 3.09 -5.90 -1.97
C VAL A 39 2.27 -6.08 -0.68
N GLU A 40 2.28 -5.04 0.16
CA GLU A 40 1.55 -5.09 1.43
C GLU A 40 0.46 -4.01 1.46
N SER A 41 -0.43 -4.05 0.47
CA SER A 41 -1.53 -3.08 0.38
C SER A 41 -2.66 -3.61 -0.49
N LYS A 42 -2.91 -4.93 -0.40
CA LYS A 42 -3.96 -5.57 -1.18
C LYS A 42 -3.98 -7.07 -0.90
N ASN A 43 -2.79 -7.67 -0.87
CA ASN A 43 -2.64 -9.11 -0.62
C ASN A 43 -3.45 -9.92 -1.63
N GLU A 44 -3.51 -9.42 -2.86
CA GLU A 44 -4.25 -10.10 -3.93
C GLU A 44 -5.67 -10.46 -3.49
N VAL A 45 -6.40 -9.48 -2.97
CA VAL A 45 -7.77 -9.69 -2.51
C VAL A 45 -7.82 -10.62 -1.30
N LYS A 46 -8.77 -10.37 -0.41
CA LYS A 46 -8.93 -11.18 0.79
C LYS A 46 -10.35 -11.07 1.33
N ARG A 47 -11.33 -11.41 0.51
CA ARG A 47 -12.74 -11.34 0.89
C ARG A 47 -13.52 -12.48 0.25
N GLN A 48 -14.32 -13.18 1.06
CA GLN A 48 -15.12 -14.30 0.57
C GLN A 48 -16.58 -14.15 0.98
N GLU A 49 -17.18 -13.02 0.64
CA GLU A 49 -18.58 -12.76 0.99
C GLU A 49 -19.47 -13.91 0.51
N ILE A 50 -20.31 -14.41 1.40
CA ILE A 50 -21.21 -15.51 1.08
C ILE A 50 -22.66 -15.05 1.13
N GLU A 51 -23.42 -15.43 0.11
CA GLU A 51 -24.83 -15.05 0.03
C GLU A 51 -25.55 -15.88 -1.02
N GLU A 52 -26.70 -16.44 -0.64
CA GLU A 52 -27.51 -17.25 -1.53
C GLU A 52 -28.98 -17.18 -1.12
N GLU A 53 -29.42 -15.99 -0.72
CA GLU A 53 -30.80 -15.78 -0.29
C GLU A 53 -31.70 -15.42 -1.47
N GLU A 54 -31.20 -14.54 -2.34
CA GLU A 54 -31.96 -14.08 -3.50
C GLU A 54 -31.99 -15.13 -4.62
N ASP A 55 -32.35 -16.36 -4.27
CA ASP A 55 -32.43 -17.44 -5.26
C ASP A 55 -33.41 -17.08 -6.37
N PRO A 56 -32.96 -17.16 -7.65
CA PRO A 56 -33.81 -16.85 -8.80
C PRO A 56 -34.91 -17.88 -9.03
N ASP A 57 -34.58 -19.15 -8.82
CA ASP A 57 -35.53 -20.24 -9.02
C ASP A 57 -36.75 -20.07 -8.12
N LEU A 58 -36.53 -19.78 -6.85
CA LEU A 58 -37.62 -19.60 -5.89
C LEU A 58 -38.50 -18.41 -6.28
N LYS A 59 -37.87 -17.27 -6.55
CA LYS A 59 -38.60 -16.07 -6.92
C LYS A 59 -39.43 -16.32 -8.17
N ALA A 60 -38.82 -16.98 -9.15
CA ALA A 60 -39.50 -17.30 -10.39
C ALA A 60 -40.72 -18.19 -10.15
N ALA A 61 -40.56 -19.17 -9.25
CA ALA A 61 -41.64 -20.08 -8.92
C ALA A 61 -42.84 -19.32 -8.38
N ILE A 62 -42.59 -18.39 -7.47
CA ILE A 62 -43.66 -17.58 -6.88
C ILE A 62 -44.37 -16.75 -7.95
N GLN A 63 -43.58 -16.17 -8.86
CA GLN A 63 -44.12 -15.35 -9.93
C GLN A 63 -45.05 -16.16 -10.84
N GLU A 64 -44.62 -17.36 -11.20
CA GLU A 64 -45.39 -18.22 -12.09
C GLU A 64 -46.71 -18.65 -11.44
N SER A 65 -46.65 -19.06 -10.18
CA SER A 65 -47.83 -19.51 -9.46
C SER A 65 -48.86 -18.39 -9.34
N LEU A 66 -48.41 -17.22 -8.89
CA LEU A 66 -49.30 -16.07 -8.74
C LEU A 66 -49.87 -15.62 -10.08
N ARG A 67 -49.02 -15.63 -11.11
CA ARG A 67 -49.44 -15.22 -12.45
C ARG A 67 -50.55 -16.12 -12.97
N GLU A 68 -50.38 -17.42 -12.82
CA GLU A 68 -51.37 -18.39 -13.29
C GLU A 68 -52.68 -18.24 -12.53
N ALA A 69 -52.59 -18.02 -11.22
CA ALA A 69 -53.77 -17.87 -10.38
C ALA A 69 -54.61 -16.66 -10.80
N GLU A 70 -53.97 -15.50 -10.92
CA GLU A 70 -54.67 -14.28 -11.30
C GLU A 70 -55.20 -14.37 -12.73
N GLU A 71 -54.37 -14.86 -13.64
CA GLU A 71 -54.76 -15.00 -15.03
C GLU A 71 -55.97 -15.91 -15.18
N ALA A 72 -55.97 -17.01 -14.43
CA ALA A 72 -57.07 -17.96 -14.46
C ALA A 72 -58.35 -17.35 -13.93
N LYS A 73 -58.24 -16.61 -12.83
CA LYS A 73 -59.41 -15.98 -12.23
C LYS A 73 -60.06 -14.99 -13.19
N LEU A 74 -59.25 -14.16 -13.83
CA LEU A 74 -59.75 -13.18 -14.79
C LEU A 74 -60.35 -13.87 -16.01
N ARG A 75 -59.63 -14.86 -16.53
CA ARG A 75 -60.08 -15.61 -17.70
C ARG A 75 -61.38 -16.36 -17.40
N SER A 76 -61.57 -16.69 -16.13
CA SER A 76 -62.76 -17.43 -15.69
C SER A 76 -64.03 -16.83 -16.28
N GLU A 77 -64.04 -15.51 -16.48
CA GLU A 77 -65.20 -14.83 -17.04
C GLU A 77 -64.77 -13.69 -17.96
N ARG A 78 -64.11 -12.69 -17.38
CA ARG A 78 -63.63 -11.55 -18.15
C ARG A 78 -62.81 -10.60 -17.28
N GLN A 79 -61.70 -10.12 -17.82
CA GLN A 79 -60.83 -9.19 -17.09
C GLN A 79 -61.56 -7.89 -16.79
N LYS A 80 -61.41 -7.40 -15.56
CA LYS A 80 -62.04 -6.16 -15.12
C LYS A 80 -63.54 -6.32 -14.92
N ALA A 81 -64.19 -7.04 -15.82
CA ALA A 81 -65.64 -7.27 -15.75
C ALA A 81 -66.40 -5.96 -15.79
N MET A 1 56.49 21.10 17.65
CA MET A 1 56.15 19.82 16.99
C MET A 1 57.37 18.90 16.92
N ASP A 2 58.09 18.79 18.02
CA ASP A 2 59.28 17.95 18.09
C ASP A 2 60.31 18.39 17.04
N ARG A 3 60.85 17.42 16.30
CA ARG A 3 61.85 17.69 15.26
C ARG A 3 63.20 18.05 15.87
N ASP A 4 63.25 19.15 16.63
CA ASP A 4 64.49 19.58 17.26
C ASP A 4 64.87 18.65 18.41
N TYR A 5 65.83 17.77 18.15
CA TYR A 5 66.31 16.84 19.16
C TYR A 5 65.13 16.10 19.80
N SER A 6 64.20 15.64 18.97
CA SER A 6 63.01 14.94 19.46
C SER A 6 62.17 14.40 18.31
N THR A 7 61.78 13.14 18.40
CA THR A 7 60.97 12.51 17.38
C THR A 7 59.55 12.27 17.87
N PRO A 8 58.53 12.54 17.02
CA PRO A 8 57.12 12.36 17.38
C PRO A 8 56.77 10.90 17.62
N GLU A 9 55.55 10.51 17.25
CA GLU A 9 55.10 9.13 17.42
C GLU A 9 55.58 8.26 16.26
N ASP A 10 56.83 8.49 15.84
CA ASP A 10 57.43 7.74 14.75
C ASP A 10 56.54 7.79 13.49
N GLU A 11 56.54 6.71 12.72
CA GLU A 11 55.73 6.64 11.51
C GLU A 11 54.25 6.74 11.84
N GLU A 12 53.87 6.14 12.97
CA GLU A 12 52.48 6.14 13.41
C GLU A 12 51.93 7.56 13.49
N GLU A 13 52.80 8.52 13.84
CA GLU A 13 52.39 9.91 13.95
C GLU A 13 51.86 10.45 12.62
N LEU A 14 52.65 10.30 11.57
CA LEU A 14 52.27 10.77 10.24
C LEU A 14 51.05 10.01 9.70
N ILE A 15 51.09 8.69 9.82
CA ILE A 15 49.99 7.85 9.35
C ILE A 15 48.67 8.26 10.01
N ARG A 16 48.71 8.44 11.33
CA ARG A 16 47.54 8.82 12.10
C ARG A 16 47.02 10.17 11.64
N LYS A 17 47.94 11.11 11.41
CA LYS A 17 47.58 12.46 10.97
C LYS A 17 46.84 12.41 9.63
N ALA A 18 47.33 11.59 8.71
CA ALA A 18 46.73 11.46 7.39
C ALA A 18 45.31 10.92 7.49
N ILE A 19 45.13 9.84 8.26
CA ILE A 19 43.83 9.24 8.45
C ILE A 19 42.82 10.23 9.02
N GLU A 20 43.24 10.93 10.06
CA GLU A 20 42.38 11.92 10.71
C GLU A 20 42.07 13.08 9.77
N LEU A 21 43.04 13.45 8.94
CA LEU A 21 42.87 14.55 7.99
C LEU A 21 41.75 14.23 7.00
N SER A 22 41.79 13.03 6.44
CA SER A 22 40.79 12.61 5.47
C SER A 22 39.41 12.48 6.12
N LEU A 23 39.36 11.83 7.27
CA LEU A 23 38.11 11.64 7.99
C LEU A 23 37.48 12.98 8.38
N LYS A 24 38.32 13.95 8.69
CA LYS A 24 37.85 15.27 9.09
C LYS A 24 36.90 15.86 8.05
N GLU A 25 37.32 15.84 6.79
CA GLU A 25 36.50 16.38 5.70
C GLU A 25 35.24 15.54 5.52
N SER A 26 34.11 16.21 5.31
CA SER A 26 32.84 15.52 5.12
C SER A 26 31.71 16.51 4.82
N ARG A 27 30.95 16.23 3.77
CA ARG A 27 29.83 17.09 3.38
C ARG A 27 28.62 16.85 4.28
N ASN A 28 28.48 15.60 4.73
CA ASN A 28 27.37 15.21 5.61
C ASN A 28 26.07 15.04 4.83
N SER A 29 25.79 15.97 3.92
CA SER A 29 24.57 15.91 3.12
C SER A 29 24.66 16.81 1.89
N ALA A 30 25.07 18.07 2.11
CA ALA A 30 25.21 19.05 1.03
C ALA A 30 23.85 19.55 0.55
N SER A 31 22.90 18.63 0.37
CA SER A 31 21.56 18.99 -0.09
C SER A 31 20.58 17.86 0.19
N SER A 32 19.45 18.21 0.82
CA SER A 32 18.42 17.24 1.15
C SER A 32 17.13 17.94 1.54
N GLU A 33 16.00 17.41 1.08
CA GLU A 33 14.69 17.99 1.37
C GLU A 33 13.56 17.06 0.93
N PRO A 34 13.50 15.83 1.48
CA PRO A 34 12.45 14.86 1.12
C PRO A 34 11.06 15.35 1.52
N ILE A 35 10.09 15.18 0.62
CA ILE A 35 8.73 15.59 0.88
C ILE A 35 7.72 14.75 0.08
N VAL A 36 6.56 14.50 0.67
CA VAL A 36 5.53 13.69 0.04
C VAL A 36 4.13 14.19 0.43
N PRO A 37 3.79 15.45 0.06
CA PRO A 37 2.48 16.04 0.38
C PRO A 37 1.37 15.51 -0.51
N VAL A 38 1.38 14.20 -0.76
CA VAL A 38 0.37 13.57 -1.59
C VAL A 38 -0.99 13.55 -0.90
N VAL A 39 -2.05 13.66 -1.68
CA VAL A 39 -3.41 13.65 -1.15
C VAL A 39 -4.35 12.87 -2.04
N GLU A 40 -5.09 11.94 -1.44
CA GLU A 40 -6.05 11.11 -2.17
C GLU A 40 -6.76 10.17 -1.20
N SER A 41 -7.05 10.68 0.00
CA SER A 41 -7.73 9.90 1.02
C SER A 41 -9.11 10.46 1.31
N LYS A 42 -9.91 10.63 0.26
CA LYS A 42 -11.26 11.16 0.40
C LYS A 42 -12.26 10.36 -0.44
N ASN A 43 -11.91 10.14 -1.71
CA ASN A 43 -12.77 9.38 -2.61
C ASN A 43 -12.59 7.87 -2.41
N GLU A 44 -12.30 7.47 -1.17
CA GLU A 44 -12.11 6.07 -0.85
C GLU A 44 -13.45 5.39 -0.56
N VAL A 45 -14.18 5.96 0.39
CA VAL A 45 -15.49 5.40 0.76
C VAL A 45 -16.58 5.84 -0.21
N LYS A 46 -16.23 5.90 -1.49
CA LYS A 46 -17.17 6.30 -2.53
C LYS A 46 -18.05 5.12 -2.96
N ARG A 47 -18.52 4.35 -1.98
CA ARG A 47 -19.38 3.21 -2.26
C ARG A 47 -20.69 3.66 -2.88
N GLN A 48 -21.13 2.94 -3.91
CA GLN A 48 -22.37 3.27 -4.60
C GLN A 48 -23.10 2.00 -5.05
N GLU A 49 -24.39 1.95 -4.79
CA GLU A 49 -25.23 0.81 -5.16
C GLU A 49 -26.69 1.11 -4.85
N ILE A 50 -27.44 0.09 -4.45
CA ILE A 50 -28.86 0.27 -4.11
C ILE A 50 -29.67 0.71 -5.33
N GLU A 51 -30.87 0.16 -5.47
CA GLU A 51 -31.74 0.50 -6.59
C GLU A 51 -31.07 0.16 -7.92
N GLU A 52 -30.58 -1.07 -8.02
CA GLU A 52 -29.90 -1.53 -9.23
C GLU A 52 -29.69 -3.04 -9.17
N GLU A 53 -30.67 -3.74 -8.59
CA GLU A 53 -30.60 -5.18 -8.47
C GLU A 53 -30.95 -5.86 -9.80
N GLU A 54 -31.84 -6.85 -9.75
CA GLU A 54 -32.25 -7.56 -10.96
C GLU A 54 -31.07 -8.27 -11.60
N ASP A 55 -30.24 -8.92 -10.77
CA ASP A 55 -29.08 -9.64 -11.26
C ASP A 55 -29.51 -10.73 -12.24
N PRO A 56 -28.68 -11.04 -13.24
CA PRO A 56 -29.00 -12.06 -14.25
C PRO A 56 -29.39 -13.40 -13.63
N ASP A 57 -28.63 -13.83 -12.63
CA ASP A 57 -28.90 -15.11 -11.97
C ASP A 57 -30.16 -15.04 -11.09
N LEU A 58 -30.19 -14.05 -10.20
CA LEU A 58 -31.33 -13.87 -9.31
C LEU A 58 -32.63 -13.71 -10.09
N LYS A 59 -32.58 -12.89 -11.13
CA LYS A 59 -33.75 -12.63 -11.97
C LYS A 59 -34.28 -13.95 -12.56
N ALA A 60 -33.36 -14.78 -13.03
CA ALA A 60 -33.72 -16.06 -13.61
C ALA A 60 -34.45 -16.92 -12.59
N ALA A 61 -33.93 -16.93 -11.36
CA ALA A 61 -34.54 -17.70 -10.28
C ALA A 61 -35.97 -17.24 -10.03
N ILE A 62 -36.18 -15.93 -10.05
CA ILE A 62 -37.51 -15.36 -9.83
C ILE A 62 -38.48 -15.79 -10.92
N GLN A 63 -38.01 -15.75 -12.17
CA GLN A 63 -38.85 -16.12 -13.31
C GLN A 63 -39.31 -17.58 -13.19
N GLU A 64 -38.38 -18.46 -12.83
CA GLU A 64 -38.70 -19.88 -12.69
C GLU A 64 -39.67 -20.13 -11.54
N SER A 65 -39.48 -19.41 -10.44
CA SER A 65 -40.34 -19.56 -9.27
C SER A 65 -41.77 -19.10 -9.58
N LEU A 66 -41.89 -17.91 -10.13
CA LEU A 66 -43.20 -17.34 -10.46
C LEU A 66 -43.90 -18.18 -11.54
N ARG A 67 -43.16 -18.54 -12.58
CA ARG A 67 -43.72 -19.33 -13.67
C ARG A 67 -44.19 -20.69 -13.18
N GLU A 68 -43.36 -21.34 -12.36
CA GLU A 68 -43.70 -22.65 -11.83
C GLU A 68 -44.96 -22.59 -10.97
N ALA A 69 -45.05 -21.56 -10.14
CA ALA A 69 -46.19 -21.38 -9.25
C ALA A 69 -47.48 -21.18 -10.04
N GLU A 70 -47.42 -20.34 -11.08
CA GLU A 70 -48.58 -20.04 -11.91
C GLU A 70 -49.07 -21.30 -12.63
N GLU A 71 -48.15 -22.02 -13.26
CA GLU A 71 -48.49 -23.23 -13.99
C GLU A 71 -49.10 -24.29 -13.07
N ALA A 72 -48.46 -24.49 -11.92
CA ALA A 72 -48.94 -25.47 -10.95
C ALA A 72 -50.35 -25.13 -10.48
N LYS A 73 -50.61 -23.85 -10.23
CA LYS A 73 -51.92 -23.41 -9.77
C LYS A 73 -52.98 -23.65 -10.84
N LEU A 74 -52.65 -23.34 -12.09
CA LEU A 74 -53.59 -23.52 -13.19
C LEU A 74 -54.02 -24.98 -13.32
N ARG A 75 -53.04 -25.89 -13.30
CA ARG A 75 -53.33 -27.32 -13.40
C ARG A 75 -54.17 -27.80 -12.22
N SER A 76 -53.74 -27.44 -11.02
CA SER A 76 -54.45 -27.84 -9.80
C SER A 76 -55.83 -27.20 -9.76
N GLU A 77 -56.83 -27.97 -9.32
CA GLU A 77 -58.19 -27.49 -9.23
C GLU A 77 -59.09 -28.48 -8.50
N ARG A 78 -58.85 -29.76 -8.73
CA ARG A 78 -59.65 -30.81 -8.11
C ARG A 78 -58.76 -31.93 -7.56
N GLN A 79 -57.84 -31.55 -6.68
CA GLN A 79 -56.92 -32.52 -6.07
C GLN A 79 -57.66 -33.48 -5.15
N LYS A 80 -57.10 -33.72 -3.96
CA LYS A 80 -57.70 -34.62 -2.99
C LYS A 80 -57.83 -36.03 -3.55
N ALA A 81 -56.78 -36.49 -4.23
CA ALA A 81 -56.76 -37.82 -4.82
C ALA A 81 -55.39 -38.14 -5.40
N MET A 1 -54.05 -36.17 -16.45
CA MET A 1 -53.81 -34.82 -15.90
C MET A 1 -52.95 -33.97 -16.84
N ASP A 2 -53.29 -32.70 -16.96
CA ASP A 2 -52.55 -31.80 -17.84
C ASP A 2 -51.22 -31.41 -17.21
N ARG A 3 -51.28 -30.85 -16.00
CA ARG A 3 -50.07 -30.44 -15.29
C ARG A 3 -50.32 -30.43 -13.79
N ASP A 4 -49.47 -31.14 -13.05
CA ASP A 4 -49.57 -31.22 -11.60
C ASP A 4 -50.98 -31.62 -11.16
N TYR A 5 -51.68 -32.36 -12.01
CA TYR A 5 -53.04 -32.82 -11.71
C TYR A 5 -53.91 -31.66 -11.23
N SER A 6 -54.01 -30.61 -12.05
CA SER A 6 -54.81 -29.45 -11.70
C SER A 6 -55.07 -28.56 -12.91
N THR A 7 -53.99 -28.14 -13.55
CA THR A 7 -54.02 -27.27 -14.74
C THR A 7 -54.94 -26.05 -14.57
N PRO A 8 -54.42 -24.85 -14.89
CA PRO A 8 -55.20 -23.60 -14.78
C PRO A 8 -56.46 -23.64 -15.65
N GLU A 9 -57.58 -23.17 -15.08
CA GLU A 9 -58.84 -23.16 -15.81
C GLU A 9 -59.93 -22.45 -15.00
N ASP A 10 -60.70 -21.60 -15.68
CA ASP A 10 -61.78 -20.86 -15.05
C ASP A 10 -61.26 -19.99 -13.90
N GLU A 11 -62.01 -19.93 -12.80
CA GLU A 11 -61.62 -19.13 -11.65
C GLU A 11 -60.27 -19.58 -11.09
N GLU A 12 -60.05 -20.89 -11.08
CA GLU A 12 -58.80 -21.45 -10.58
C GLU A 12 -57.61 -20.85 -11.32
N GLU A 13 -57.80 -20.59 -12.61
CA GLU A 13 -56.73 -20.00 -13.43
C GLU A 13 -56.26 -18.69 -12.81
N LEU A 14 -57.21 -17.85 -12.44
CA LEU A 14 -56.90 -16.56 -11.83
C LEU A 14 -56.20 -16.77 -10.49
N ILE A 15 -56.70 -17.74 -9.73
CA ILE A 15 -56.12 -18.06 -8.42
C ILE A 15 -54.65 -18.43 -8.54
N ARG A 16 -54.34 -19.33 -9.47
CA ARG A 16 -52.97 -19.77 -9.70
C ARG A 16 -52.10 -18.59 -10.11
N LYS A 17 -52.63 -17.74 -10.98
CA LYS A 17 -51.90 -16.57 -11.44
C LYS A 17 -51.47 -15.69 -10.28
N ALA A 18 -52.39 -15.50 -9.33
CA ALA A 18 -52.12 -14.68 -8.16
C ALA A 18 -51.04 -15.30 -7.27
N ILE A 19 -51.14 -16.60 -7.05
CA ILE A 19 -50.17 -17.32 -6.21
C ILE A 19 -48.77 -17.23 -6.81
N GLU A 20 -48.67 -17.51 -8.11
CA GLU A 20 -47.39 -17.46 -8.80
C GLU A 20 -46.84 -16.04 -8.82
N LEU A 21 -47.73 -15.07 -9.01
CA LEU A 21 -47.33 -13.67 -9.05
C LEU A 21 -46.73 -13.22 -7.72
N SER A 22 -47.33 -13.67 -6.62
CA SER A 22 -46.86 -13.31 -5.29
C SER A 22 -45.51 -13.96 -4.98
N LEU A 23 -45.37 -15.24 -5.32
CA LEU A 23 -44.13 -15.96 -5.07
C LEU A 23 -42.95 -15.31 -5.80
N LYS A 24 -43.09 -15.15 -7.11
CA LYS A 24 -42.05 -14.55 -7.92
C LYS A 24 -41.89 -13.06 -7.57
N GLU A 25 -43.01 -12.34 -7.57
CA GLU A 25 -43.03 -10.92 -7.24
C GLU A 25 -41.94 -10.16 -8.00
N SER A 26 -41.19 -9.31 -7.30
CA SER A 26 -40.13 -8.52 -7.91
C SER A 26 -39.46 -7.63 -6.87
N ARG A 27 -38.45 -8.17 -6.18
CA ARG A 27 -37.73 -7.42 -5.16
C ARG A 27 -37.08 -6.18 -5.75
N ASN A 28 -37.27 -5.06 -5.08
CA ASN A 28 -36.70 -3.79 -5.52
C ASN A 28 -35.18 -3.86 -5.59
N SER A 29 -34.61 -3.25 -6.62
CA SER A 29 -33.16 -3.25 -6.81
C SER A 29 -32.73 -2.17 -7.79
N ALA A 30 -33.36 -1.00 -7.69
CA ALA A 30 -33.05 0.12 -8.56
C ALA A 30 -31.80 0.86 -8.09
N SER A 31 -30.79 0.11 -7.70
CA SER A 31 -29.54 0.69 -7.21
C SER A 31 -28.49 -0.40 -6.95
N SER A 32 -27.26 -0.13 -7.37
CA SER A 32 -26.17 -1.07 -7.18
C SER A 32 -24.82 -0.38 -7.37
N GLU A 33 -23.93 -0.57 -6.39
CA GLU A 33 -22.60 0.04 -6.44
C GLU A 33 -21.76 -0.41 -5.24
N PRO A 34 -21.18 -1.62 -5.31
CA PRO A 34 -20.35 -2.16 -4.24
C PRO A 34 -19.02 -1.42 -4.11
N ILE A 35 -18.64 -1.06 -2.89
CA ILE A 35 -17.39 -0.36 -2.66
C ILE A 35 -16.19 -1.22 -3.03
N VAL A 36 -15.29 -0.66 -3.83
CA VAL A 36 -14.09 -1.37 -4.27
C VAL A 36 -12.94 -0.39 -4.50
N PRO A 37 -11.75 -0.68 -3.92
CA PRO A 37 -10.58 0.19 -4.07
C PRO A 37 -10.09 0.25 -5.52
N VAL A 38 -9.96 1.46 -6.05
CA VAL A 38 -9.50 1.66 -7.42
C VAL A 38 -7.98 1.62 -7.48
N VAL A 39 -7.39 0.57 -6.90
CA VAL A 39 -5.94 0.41 -6.89
C VAL A 39 -5.27 1.51 -6.06
N GLU A 40 -4.30 1.12 -5.25
CA GLU A 40 -3.58 2.06 -4.41
C GLU A 40 -2.07 1.94 -4.60
N SER A 41 -1.65 1.82 -5.86
CA SER A 41 -0.24 1.70 -6.19
C SER A 41 0.51 2.97 -5.80
N LYS A 42 1.69 2.80 -5.20
CA LYS A 42 2.51 3.94 -4.78
C LYS A 42 3.89 3.47 -4.33
N ASN A 43 4.51 4.25 -3.44
CA ASN A 43 5.83 3.94 -2.92
C ASN A 43 6.89 3.93 -4.03
N GLU A 44 7.99 4.66 -3.81
CA GLU A 44 9.07 4.73 -4.78
C GLU A 44 10.23 5.55 -4.23
N VAL A 45 10.00 6.85 -4.07
CA VAL A 45 11.03 7.76 -3.55
C VAL A 45 12.26 7.80 -4.43
N LYS A 46 12.74 9.01 -4.72
CA LYS A 46 13.93 9.19 -5.55
C LYS A 46 15.16 8.60 -4.87
N ARG A 47 15.05 8.35 -3.57
CA ARG A 47 16.15 7.80 -2.78
C ARG A 47 17.30 8.79 -2.70
N GLN A 48 16.97 10.07 -2.50
CA GLN A 48 17.97 11.12 -2.40
C GLN A 48 18.13 11.61 -0.97
N GLU A 49 19.38 11.79 -0.55
CA GLU A 49 19.68 12.25 0.79
C GLU A 49 21.17 12.60 0.93
N ILE A 50 21.45 13.73 1.58
CA ILE A 50 22.82 14.18 1.76
C ILE A 50 23.51 13.41 2.88
N GLU A 51 24.56 12.68 2.52
CA GLU A 51 25.31 11.90 3.49
C GLU A 51 26.30 12.78 4.25
N GLU A 52 26.17 12.81 5.57
CA GLU A 52 27.04 13.60 6.42
C GLU A 52 28.31 12.82 6.78
N GLU A 53 28.61 12.74 8.08
CA GLU A 53 29.78 12.01 8.56
C GLU A 53 31.06 12.49 7.87
N GLU A 54 31.26 13.81 7.88
CA GLU A 54 32.44 14.40 7.26
C GLU A 54 32.55 15.88 7.66
N ASP A 55 32.56 16.13 8.97
CA ASP A 55 32.65 17.48 9.49
C ASP A 55 33.92 18.17 8.98
N PRO A 56 33.80 19.44 8.52
CA PRO A 56 34.93 20.21 8.00
C PRO A 56 35.92 20.59 9.11
N ASP A 57 35.39 21.04 10.24
CA ASP A 57 36.21 21.44 11.38
C ASP A 57 37.09 20.30 11.87
N LEU A 58 36.49 19.12 12.02
CA LEU A 58 37.21 17.94 12.49
C LEU A 58 38.36 17.56 11.53
N LYS A 59 38.06 17.54 10.24
CA LYS A 59 39.06 17.19 9.24
C LYS A 59 40.32 18.04 9.42
N ALA A 60 40.12 19.35 9.55
CA ALA A 60 41.22 20.28 9.72
C ALA A 60 41.91 20.07 11.06
N ALA A 61 41.13 19.80 12.10
CA ALA A 61 41.66 19.58 13.43
C ALA A 61 42.67 18.43 13.46
N ILE A 62 42.26 17.29 12.92
CA ILE A 62 43.13 16.11 12.89
C ILE A 62 44.36 16.35 12.02
N GLN A 63 44.15 16.93 10.84
CA GLN A 63 45.26 17.20 9.92
C GLN A 63 46.31 18.10 10.58
N GLU A 64 45.84 19.17 11.21
CA GLU A 64 46.74 20.12 11.87
C GLU A 64 47.49 19.46 13.01
N SER A 65 46.78 18.68 13.82
CA SER A 65 47.38 17.99 14.97
C SER A 65 48.50 17.05 14.51
N LEU A 66 48.22 16.28 13.47
CA LEU A 66 49.20 15.32 12.95
C LEU A 66 50.44 16.03 12.40
N ARG A 67 50.22 17.13 11.68
CA ARG A 67 51.31 17.89 11.09
C ARG A 67 52.22 18.47 12.17
N GLU A 68 51.63 19.14 13.15
CA GLU A 68 52.38 19.74 14.24
C GLU A 68 53.17 18.70 15.02
N ALA A 69 52.54 17.57 15.30
CA ALA A 69 53.18 16.49 16.03
C ALA A 69 54.38 15.93 15.28
N GLU A 70 54.20 15.70 13.98
CA GLU A 70 55.26 15.16 13.14
C GLU A 70 56.48 16.08 13.12
N GLU A 71 56.23 17.37 12.93
CA GLU A 71 57.30 18.36 12.88
C GLU A 71 58.05 18.44 14.22
N ALA A 72 57.29 18.51 15.30
CA ALA A 72 57.87 18.61 16.64
C ALA A 72 58.79 17.43 16.96
N LYS A 73 58.30 16.22 16.68
CA LYS A 73 59.08 15.01 16.96
C LYS A 73 60.33 14.94 16.07
N LEU A 74 60.16 15.24 14.79
CA LEU A 74 61.27 15.19 13.84
C LEU A 74 62.40 16.13 14.25
N ARG A 75 62.04 17.36 14.61
CA ARG A 75 63.03 18.35 15.02
C ARG A 75 63.80 17.89 16.25
N SER A 76 63.05 17.42 17.26
CA SER A 76 63.67 16.95 18.50
C SER A 76 64.54 15.72 18.25
N GLU A 77 65.79 15.78 18.72
CA GLU A 77 66.72 14.68 18.54
C GLU A 77 66.55 13.64 19.65
N ARG A 78 66.59 14.11 20.90
CA ARG A 78 66.45 13.22 22.05
C ARG A 78 65.05 12.63 22.13
N GLN A 79 64.82 11.55 21.39
CA GLN A 79 63.53 10.88 21.38
C GLN A 79 63.59 9.58 20.59
N LYS A 80 64.13 9.66 19.37
CA LYS A 80 64.26 8.49 18.51
C LYS A 80 64.95 8.86 17.19
N ALA A 81 65.92 8.04 16.79
CA ALA A 81 66.66 8.27 15.56
C ALA A 81 67.32 9.65 15.56
N MET A 1 -59.21 -25.66 -5.09
CA MET A 1 -59.87 -26.99 -5.01
C MET A 1 -59.90 -27.68 -6.37
N ASP A 2 -59.49 -28.94 -6.40
CA ASP A 2 -59.46 -29.72 -7.63
C ASP A 2 -59.56 -31.21 -7.31
N ARG A 3 -58.74 -32.03 -7.97
CA ARG A 3 -58.74 -33.48 -7.75
C ARG A 3 -60.12 -34.06 -7.99
N ASP A 4 -60.76 -33.60 -9.07
CA ASP A 4 -62.10 -34.06 -9.43
C ASP A 4 -62.50 -33.43 -10.77
N TYR A 5 -63.67 -32.81 -10.83
CA TYR A 5 -64.12 -32.16 -12.06
C TYR A 5 -63.14 -31.07 -12.46
N SER A 6 -62.80 -30.22 -11.49
CA SER A 6 -61.86 -29.13 -11.72
C SER A 6 -60.41 -29.61 -11.57
N THR A 7 -59.51 -29.08 -12.38
CA THR A 7 -58.11 -29.44 -12.33
C THR A 7 -57.26 -28.56 -13.25
N PRO A 8 -56.14 -28.02 -12.73
CA PRO A 8 -55.26 -27.14 -13.51
C PRO A 8 -54.51 -27.89 -14.60
N GLU A 9 -53.20 -27.60 -14.73
CA GLU A 9 -52.35 -28.24 -15.73
C GLU A 9 -52.61 -27.69 -17.13
N ASP A 10 -53.89 -27.56 -17.49
CA ASP A 10 -54.26 -27.03 -18.80
C ASP A 10 -53.94 -25.54 -18.91
N GLU A 11 -54.91 -24.74 -19.35
CA GLU A 11 -54.70 -23.30 -19.48
C GLU A 11 -54.43 -22.66 -18.12
N GLU A 12 -55.12 -23.16 -17.09
CA GLU A 12 -54.97 -22.65 -15.74
C GLU A 12 -53.50 -22.62 -15.32
N GLU A 13 -52.75 -23.64 -15.71
CA GLU A 13 -51.34 -23.73 -15.36
C GLU A 13 -50.56 -22.54 -15.93
N LEU A 14 -50.80 -22.24 -17.20
CA LEU A 14 -50.12 -21.13 -17.86
C LEU A 14 -50.44 -19.79 -17.19
N ILE A 15 -51.73 -19.55 -16.94
CA ILE A 15 -52.17 -18.32 -16.31
C ILE A 15 -51.57 -18.16 -14.92
N ARG A 16 -51.60 -19.23 -14.14
CA ARG A 16 -51.07 -19.22 -12.78
C ARG A 16 -49.58 -18.86 -12.77
N LYS A 17 -48.81 -19.51 -13.61
CA LYS A 17 -47.37 -19.25 -13.69
C LYS A 17 -47.10 -17.79 -14.08
N ALA A 18 -47.86 -17.30 -15.05
CA ALA A 18 -47.70 -15.92 -15.52
C ALA A 18 -47.93 -14.93 -14.39
N ILE A 19 -49.01 -15.13 -13.63
CA ILE A 19 -49.34 -14.25 -12.51
C ILE A 19 -48.22 -14.24 -11.48
N GLU A 20 -47.70 -15.42 -11.15
CA GLU A 20 -46.63 -15.53 -10.18
C GLU A 20 -45.41 -14.72 -10.61
N LEU A 21 -44.96 -14.92 -11.83
CA LEU A 21 -43.81 -14.20 -12.36
C LEU A 21 -44.04 -12.69 -12.28
N SER A 22 -45.26 -12.27 -12.57
CA SER A 22 -45.61 -10.86 -12.52
C SER A 22 -45.47 -10.29 -11.12
N LEU A 23 -45.88 -11.08 -10.12
CA LEU A 23 -45.81 -10.65 -8.73
C LEU A 23 -44.35 -10.54 -8.25
N LYS A 24 -43.58 -11.58 -8.47
CA LYS A 24 -42.17 -11.59 -8.06
C LYS A 24 -41.39 -10.44 -8.68
N GLU A 25 -41.68 -10.16 -9.95
CA GLU A 25 -40.99 -9.08 -10.67
C GLU A 25 -39.49 -9.27 -10.64
N SER A 26 -39.07 -10.53 -10.66
CA SER A 26 -37.64 -10.85 -10.64
C SER A 26 -36.92 -10.22 -11.82
N ARG A 27 -35.75 -9.64 -11.56
CA ARG A 27 -34.98 -9.01 -12.62
C ARG A 27 -33.56 -8.69 -12.15
N ASN A 28 -33.42 -8.07 -10.98
CA ASN A 28 -32.12 -7.73 -10.44
C ASN A 28 -32.24 -7.13 -9.03
N SER A 29 -31.44 -6.11 -8.76
CA SER A 29 -31.44 -5.45 -7.44
C SER A 29 -30.80 -4.06 -7.54
N ALA A 30 -31.29 -3.14 -6.70
CA ALA A 30 -30.77 -1.78 -6.69
C ALA A 30 -29.26 -1.75 -6.61
N SER A 31 -28.63 -1.00 -7.51
CA SER A 31 -27.18 -0.88 -7.55
C SER A 31 -26.65 -0.05 -6.38
N SER A 32 -25.47 -0.44 -5.88
CA SER A 32 -24.84 0.26 -4.77
C SER A 32 -23.35 -0.06 -4.72
N GLU A 33 -22.53 0.98 -4.56
CA GLU A 33 -21.08 0.80 -4.50
C GLU A 33 -20.36 2.11 -4.14
N PRO A 34 -20.66 2.69 -2.96
CA PRO A 34 -20.03 3.93 -2.52
C PRO A 34 -18.51 3.86 -2.56
N ILE A 35 -17.88 4.94 -3.04
CA ILE A 35 -16.43 5.00 -3.15
C ILE A 35 -15.76 4.86 -1.78
N VAL A 36 -14.68 4.08 -1.74
CA VAL A 36 -13.94 3.86 -0.50
C VAL A 36 -13.20 5.13 -0.06
N PRO A 37 -13.30 5.49 1.24
CA PRO A 37 -12.64 6.68 1.78
C PRO A 37 -11.14 6.48 2.01
N VAL A 38 -10.43 6.05 0.97
CA VAL A 38 -8.99 5.81 1.07
C VAL A 38 -8.27 7.05 1.58
N VAL A 39 -7.36 6.84 2.52
CA VAL A 39 -6.58 7.92 3.11
C VAL A 39 -5.60 8.51 2.11
N GLU A 40 -5.55 9.85 2.06
CA GLU A 40 -4.65 10.56 1.16
C GLU A 40 -3.28 10.72 1.81
N SER A 41 -2.71 9.60 2.25
CA SER A 41 -1.40 9.61 2.91
C SER A 41 -0.33 10.22 2.00
N LYS A 42 0.38 11.21 2.53
CA LYS A 42 1.45 11.89 1.79
C LYS A 42 2.74 11.10 1.86
N ASN A 43 3.54 11.18 0.80
CA ASN A 43 4.82 10.47 0.75
C ASN A 43 5.69 10.98 -0.40
N GLU A 44 6.92 11.35 -0.08
CA GLU A 44 7.86 11.85 -1.09
C GLU A 44 9.23 12.08 -0.47
N VAL A 45 9.28 12.89 0.59
CA VAL A 45 10.53 13.18 1.27
C VAL A 45 10.85 12.12 2.31
N LYS A 46 12.13 11.80 2.47
CA LYS A 46 12.56 10.80 3.43
C LYS A 46 14.08 10.82 3.60
N ARG A 47 14.53 10.87 4.85
CA ARG A 47 15.96 10.90 5.15
C ARG A 47 16.61 9.55 4.86
N GLN A 48 17.77 9.59 4.23
CA GLN A 48 18.51 8.37 3.90
C GLN A 48 19.90 8.71 3.38
N GLU A 49 19.96 9.63 2.42
CA GLU A 49 21.22 10.04 1.83
C GLU A 49 22.05 10.85 2.84
N ILE A 50 23.32 10.48 2.97
CA ILE A 50 24.21 11.15 3.91
C ILE A 50 25.35 11.85 3.17
N GLU A 51 25.01 12.56 2.10
CA GLU A 51 26.00 13.29 1.32
C GLU A 51 27.13 12.36 0.84
N GLU A 52 26.77 11.42 -0.03
CA GLU A 52 27.75 10.46 -0.56
C GLU A 52 28.96 11.17 -1.14
N GLU A 53 30.13 10.55 -1.00
CA GLU A 53 31.38 11.12 -1.50
C GLU A 53 31.77 12.37 -0.71
N GLU A 54 33.06 12.49 -0.40
CA GLU A 54 33.58 13.63 0.34
C GLU A 54 33.03 13.66 1.77
N ASP A 55 33.90 13.98 2.72
CA ASP A 55 33.51 14.03 4.13
C ASP A 55 34.54 14.80 4.95
N PRO A 56 34.08 15.79 5.75
CA PRO A 56 34.96 16.61 6.59
C PRO A 56 35.65 15.80 7.68
N ASP A 57 34.92 14.87 8.28
CA ASP A 57 35.45 14.04 9.36
C ASP A 57 36.68 13.25 8.89
N LEU A 58 36.61 12.72 7.68
CA LEU A 58 37.73 11.94 7.12
C LEU A 58 38.99 12.78 6.97
N LYS A 59 38.85 13.95 6.34
CA LYS A 59 39.98 14.85 6.12
C LYS A 59 40.58 15.30 7.45
N ALA A 60 39.73 15.69 8.38
CA ALA A 60 40.17 16.15 9.70
C ALA A 60 40.90 15.05 10.45
N ALA A 61 40.40 13.82 10.34
CA ALA A 61 41.00 12.68 11.03
C ALA A 61 42.42 12.42 10.54
N ILE A 62 42.58 12.31 9.23
CA ILE A 62 43.90 12.05 8.65
C ILE A 62 44.87 13.18 8.96
N GLN A 63 44.42 14.42 8.76
CA GLN A 63 45.24 15.59 9.02
C GLN A 63 45.67 15.63 10.48
N GLU A 64 44.74 15.30 11.37
CA GLU A 64 45.01 15.29 12.81
C GLU A 64 46.12 14.29 13.13
N SER A 65 46.04 13.12 12.52
CA SER A 65 47.04 12.08 12.73
C SER A 65 48.43 12.57 12.33
N LEU A 66 48.50 13.20 11.15
CA LEU A 66 49.77 13.74 10.66
C LEU A 66 50.33 14.77 11.63
N ARG A 67 49.44 15.58 12.19
CA ARG A 67 49.84 16.61 13.15
C ARG A 67 50.50 15.96 14.37
N GLU A 68 49.88 14.89 14.87
CA GLU A 68 50.41 14.18 16.03
C GLU A 68 51.82 13.66 15.74
N ALA A 69 52.01 13.11 14.55
CA ALA A 69 53.31 12.58 14.16
C ALA A 69 54.36 13.69 14.14
N GLU A 70 54.02 14.82 13.54
CA GLU A 70 54.92 15.96 13.46
C GLU A 70 55.37 16.39 14.85
N GLU A 71 54.43 16.44 15.78
CA GLU A 71 54.73 16.82 17.16
C GLU A 71 55.70 15.83 17.80
N ALA A 72 55.46 14.54 17.57
CA ALA A 72 56.31 13.50 18.12
C ALA A 72 57.76 13.71 17.72
N LYS A 73 57.99 13.93 16.43
CA LYS A 73 59.35 14.16 15.92
C LYS A 73 59.92 15.46 16.47
N LEU A 74 59.06 16.45 16.67
CA LEU A 74 59.48 17.74 17.20
C LEU A 74 60.14 17.59 18.56
N ARG A 75 59.49 16.85 19.45
CA ARG A 75 60.02 16.62 20.79
C ARG A 75 61.23 15.69 20.77
N SER A 76 61.17 14.64 19.94
CA SER A 76 62.26 13.69 19.84
C SER A 76 63.58 14.37 19.53
N GLU A 77 63.55 15.26 18.53
CA GLU A 77 64.74 16.02 18.12
C GLU A 77 65.77 15.13 17.43
N ARG A 78 65.78 13.84 17.75
CA ARG A 78 66.73 12.90 17.16
C ARG A 78 66.76 13.04 15.64
N GLN A 79 67.96 12.95 15.07
CA GLN A 79 68.12 13.07 13.62
C GLN A 79 67.72 14.46 13.14
N LYS A 80 68.09 15.48 13.92
CA LYS A 80 67.76 16.85 13.58
C LYS A 80 68.48 17.31 12.32
N ALA A 81 69.68 16.76 12.10
CA ALA A 81 70.48 17.11 10.93
C ALA A 81 69.70 16.84 9.64
N MET A 1 57.77 26.49 10.69
CA MET A 1 58.57 25.41 11.33
C MET A 1 58.83 25.72 12.80
N ASP A 2 58.52 24.77 13.67
CA ASP A 2 58.72 24.93 15.10
C ASP A 2 60.05 24.34 15.55
N ARG A 3 60.85 25.14 16.24
CA ARG A 3 62.15 24.71 16.75
C ARG A 3 62.60 25.59 17.90
N ASP A 4 62.50 26.90 17.71
CA ASP A 4 62.91 27.86 18.74
C ASP A 4 61.93 27.86 19.91
N TYR A 5 60.65 28.08 19.61
CA TYR A 5 59.62 28.12 20.63
C TYR A 5 59.30 26.72 21.14
N SER A 6 59.20 25.77 20.22
CA SER A 6 58.90 24.39 20.56
C SER A 6 59.35 23.44 19.45
N THR A 7 58.65 22.32 19.29
CA THR A 7 58.99 21.34 18.25
C THR A 7 57.76 20.51 17.87
N PRO A 8 57.53 20.31 16.55
CA PRO A 8 56.39 19.53 16.06
C PRO A 8 56.54 18.04 16.39
N GLU A 9 56.10 17.19 15.46
CA GLU A 9 56.18 15.74 15.65
C GLU A 9 55.65 15.33 17.03
N ASP A 10 54.47 15.84 17.37
CA ASP A 10 53.85 15.53 18.66
C ASP A 10 52.39 15.97 18.64
N GLU A 11 52.01 16.86 19.56
CA GLU A 11 50.64 17.35 19.62
C GLU A 11 50.24 18.00 18.31
N GLU A 12 51.13 18.85 17.78
CA GLU A 12 50.88 19.54 16.53
C GLU A 12 50.70 18.54 15.40
N GLU A 13 51.52 17.49 15.40
CA GLU A 13 51.44 16.45 14.37
C GLU A 13 50.07 15.78 14.38
N LEU A 14 49.61 15.43 15.57
CA LEU A 14 48.31 14.79 15.73
C LEU A 14 47.21 15.69 15.17
N ILE A 15 47.33 16.99 15.45
CA ILE A 15 46.35 17.96 14.97
C ILE A 15 46.31 17.99 13.44
N ARG A 16 47.49 17.97 12.82
CA ARG A 16 47.58 18.00 11.36
C ARG A 16 46.84 16.82 10.75
N LYS A 17 47.16 15.61 11.22
CA LYS A 17 46.52 14.41 10.71
C LYS A 17 45.03 14.46 10.94
N ALA A 18 44.64 14.94 12.12
CA ALA A 18 43.22 15.05 12.47
C ALA A 18 42.48 15.89 11.43
N ILE A 19 43.10 16.98 11.00
CA ILE A 19 42.51 17.87 10.01
C ILE A 19 42.36 17.15 8.67
N GLU A 20 43.40 16.42 8.28
CA GLU A 20 43.39 15.69 7.02
C GLU A 20 42.22 14.72 6.94
N LEU A 21 42.10 13.86 7.95
CA LEU A 21 41.01 12.87 8.00
C LEU A 21 39.66 13.55 8.07
N SER A 22 39.57 14.62 8.86
CA SER A 22 38.32 15.35 9.03
C SER A 22 37.77 15.82 7.67
N LEU A 23 38.65 16.41 6.87
CA LEU A 23 38.27 16.90 5.55
C LEU A 23 37.91 15.74 4.62
N LYS A 24 38.68 14.66 4.71
CA LYS A 24 38.45 13.48 3.89
C LYS A 24 37.03 12.94 4.06
N GLU A 25 36.52 13.02 5.29
CA GLU A 25 35.17 12.54 5.59
C GLU A 25 34.14 13.14 4.64
N SER A 26 33.23 12.31 4.17
CA SER A 26 32.19 12.74 3.25
C SER A 26 31.23 13.72 3.92
N ARG A 27 30.69 13.31 5.07
CA ARG A 27 29.75 14.14 5.82
C ARG A 27 28.59 14.58 4.94
N ASN A 28 28.08 13.65 4.13
CA ASN A 28 26.96 13.94 3.24
C ASN A 28 25.70 14.29 4.02
N SER A 29 25.45 13.55 5.10
CA SER A 29 24.28 13.77 5.94
C SER A 29 22.99 13.56 5.15
N ALA A 30 22.90 12.43 4.45
CA ALA A 30 21.72 12.10 3.66
C ALA A 30 21.76 10.66 3.19
N SER A 31 20.62 9.97 3.31
CA SER A 31 20.52 8.58 2.90
C SER A 31 19.08 8.10 2.96
N SER A 32 18.41 8.37 4.08
CA SER A 32 17.02 7.97 4.26
C SER A 32 16.12 8.62 3.22
N GLU A 33 15.21 7.83 2.66
CA GLU A 33 14.29 8.32 1.64
C GLU A 33 13.27 7.24 1.26
N PRO A 34 12.35 6.91 2.19
CA PRO A 34 11.32 5.89 1.95
C PRO A 34 10.40 6.24 0.78
N ILE A 35 9.23 5.63 0.74
CA ILE A 35 8.28 5.87 -0.33
C ILE A 35 8.90 5.57 -1.69
N VAL A 36 9.13 4.28 -1.94
CA VAL A 36 9.75 3.83 -3.19
C VAL A 36 9.07 4.49 -4.40
N PRO A 37 9.87 5.07 -5.31
CA PRO A 37 9.34 5.73 -6.51
C PRO A 37 8.67 4.76 -7.48
N VAL A 38 7.56 5.21 -8.07
CA VAL A 38 6.82 4.39 -9.02
C VAL A 38 6.20 3.16 -8.36
N VAL A 39 4.95 2.88 -8.71
CA VAL A 39 4.23 1.75 -8.16
C VAL A 39 2.86 1.59 -8.83
N GLU A 40 2.56 0.39 -9.30
CA GLU A 40 1.30 0.11 -9.96
C GLU A 40 1.19 -1.37 -10.34
N SER A 41 1.56 -2.24 -9.41
CA SER A 41 1.51 -3.68 -9.65
C SER A 41 1.52 -4.45 -8.33
N LYS A 42 0.75 -3.96 -7.36
CA LYS A 42 0.68 -4.61 -6.05
C LYS A 42 -0.31 -5.78 -6.09
N ASN A 43 -0.63 -6.24 -7.29
CA ASN A 43 -1.57 -7.36 -7.47
C ASN A 43 -2.86 -7.12 -6.68
N GLU A 44 -3.42 -5.92 -6.82
CA GLU A 44 -4.65 -5.57 -6.12
C GLU A 44 -5.78 -6.55 -6.46
N VAL A 45 -5.90 -6.89 -7.74
CA VAL A 45 -6.94 -7.81 -8.19
C VAL A 45 -6.71 -9.20 -7.59
N LYS A 46 -7.76 -9.73 -6.96
CA LYS A 46 -7.68 -11.06 -6.34
C LYS A 46 -9.03 -11.45 -5.76
N ARG A 47 -9.69 -10.50 -5.09
CA ARG A 47 -10.99 -10.76 -4.48
C ARG A 47 -12.00 -11.25 -5.52
N GLN A 48 -12.10 -10.51 -6.63
CA GLN A 48 -13.02 -10.86 -7.71
C GLN A 48 -14.47 -10.79 -7.23
N GLU A 49 -15.31 -10.09 -7.98
CA GLU A 49 -16.72 -9.95 -7.64
C GLU A 49 -17.40 -11.31 -7.65
N ILE A 50 -17.99 -11.69 -6.52
CA ILE A 50 -18.67 -12.97 -6.40
C ILE A 50 -19.40 -13.08 -5.06
N GLU A 51 -20.63 -13.58 -5.11
CA GLU A 51 -21.45 -13.74 -3.91
C GLU A 51 -22.42 -14.91 -4.08
N GLU A 52 -22.86 -15.12 -5.32
CA GLU A 52 -23.79 -16.20 -5.65
C GLU A 52 -24.91 -16.32 -4.63
N GLU A 53 -25.37 -17.55 -4.39
CA GLU A 53 -26.45 -17.80 -3.43
C GLU A 53 -26.70 -19.28 -3.27
N GLU A 54 -27.13 -19.68 -2.08
CA GLU A 54 -27.41 -21.09 -1.80
C GLU A 54 -28.49 -21.22 -0.72
N ASP A 55 -29.64 -21.75 -1.12
CA ASP A 55 -30.77 -21.96 -0.22
C ASP A 55 -31.97 -22.50 -0.97
N PRO A 56 -32.57 -23.61 -0.47
CA PRO A 56 -33.73 -24.24 -1.11
C PRO A 56 -35.02 -23.41 -0.95
N ASP A 57 -35.20 -22.84 0.23
CA ASP A 57 -36.39 -22.03 0.52
C ASP A 57 -36.56 -20.91 -0.49
N LEU A 58 -35.46 -20.25 -0.85
CA LEU A 58 -35.49 -19.15 -1.80
C LEU A 58 -36.03 -19.63 -3.15
N LYS A 59 -35.54 -20.78 -3.61
CA LYS A 59 -35.97 -21.33 -4.89
C LYS A 59 -37.49 -21.51 -4.92
N ALA A 60 -38.03 -22.11 -3.87
CA ALA A 60 -39.47 -22.34 -3.78
C ALA A 60 -40.23 -21.03 -3.75
N ALA A 61 -39.69 -20.05 -3.05
CA ALA A 61 -40.32 -18.73 -2.94
C ALA A 61 -40.48 -18.09 -4.31
N ILE A 62 -39.41 -18.11 -5.12
CA ILE A 62 -39.45 -17.53 -6.46
C ILE A 62 -40.46 -18.25 -7.34
N GLN A 63 -40.45 -19.58 -7.28
CA GLN A 63 -41.36 -20.39 -8.08
C GLN A 63 -42.82 -20.02 -7.76
N GLU A 64 -43.11 -19.85 -6.49
CA GLU A 64 -44.46 -19.49 -6.05
C GLU A 64 -44.85 -18.11 -6.56
N SER A 65 -43.91 -17.17 -6.46
CA SER A 65 -44.16 -15.79 -6.89
C SER A 65 -44.47 -15.74 -8.38
N LEU A 66 -43.71 -16.47 -9.18
CA LEU A 66 -43.90 -16.50 -10.62
C LEU A 66 -45.26 -17.10 -10.98
N ARG A 67 -45.60 -18.22 -10.35
CA ARG A 67 -46.86 -18.89 -10.61
C ARG A 67 -48.05 -18.00 -10.27
N GLU A 68 -47.99 -17.38 -9.09
CA GLU A 68 -49.06 -16.50 -8.63
C GLU A 68 -49.24 -15.31 -9.58
N ALA A 69 -48.11 -14.76 -10.05
CA ALA A 69 -48.15 -13.63 -10.95
C ALA A 69 -48.83 -13.98 -12.26
N GLU A 70 -48.49 -15.13 -12.82
CA GLU A 70 -49.08 -15.58 -14.08
C GLU A 70 -50.57 -15.85 -13.93
N GLU A 71 -50.94 -16.57 -12.87
CA GLU A 71 -52.33 -16.91 -12.62
C GLU A 71 -53.18 -15.66 -12.36
N ALA A 72 -52.65 -14.76 -11.55
CA ALA A 72 -53.36 -13.52 -11.21
C ALA A 72 -53.60 -12.66 -12.44
N LYS A 73 -52.56 -12.50 -13.26
CA LYS A 73 -52.65 -11.68 -14.47
C LYS A 73 -53.66 -12.28 -15.45
N LEU A 74 -53.63 -13.59 -15.63
CA LEU A 74 -54.54 -14.28 -16.54
C LEU A 74 -55.98 -14.16 -16.05
N ARG A 75 -56.18 -14.44 -14.77
CA ARG A 75 -57.52 -14.36 -14.16
C ARG A 75 -58.08 -12.94 -14.24
N SER A 76 -57.20 -11.96 -14.11
CA SER A 76 -57.60 -10.56 -14.15
C SER A 76 -58.47 -10.26 -15.38
N GLU A 77 -59.60 -9.60 -15.14
CA GLU A 77 -60.53 -9.25 -16.21
C GLU A 77 -61.66 -8.39 -15.65
N ARG A 78 -62.17 -8.78 -14.48
CA ARG A 78 -63.26 -8.07 -13.78
C ARG A 78 -64.47 -7.80 -14.67
N GLN A 79 -65.66 -7.93 -14.08
CA GLN A 79 -66.91 -7.71 -14.80
C GLN A 79 -68.10 -7.82 -13.86
N LYS A 80 -67.94 -7.33 -12.64
CA LYS A 80 -69.00 -7.38 -11.64
C LYS A 80 -70.15 -6.44 -12.01
N ALA A 81 -69.80 -5.22 -12.40
CA ALA A 81 -70.80 -4.22 -12.78
C ALA A 81 -71.80 -3.98 -11.65
N MET A 1 63.80 23.41 9.61
CA MET A 1 63.27 24.17 8.45
C MET A 1 61.77 23.94 8.27
N ASP A 2 61.04 25.02 8.01
CA ASP A 2 59.60 24.94 7.81
C ASP A 2 59.26 24.04 6.63
N ARG A 3 58.27 23.17 6.82
CA ARG A 3 57.84 22.25 5.78
C ARG A 3 57.18 23.00 4.63
N ASP A 4 57.72 22.79 3.43
CA ASP A 4 57.18 23.43 2.22
C ASP A 4 56.96 24.93 2.44
N TYR A 5 55.96 25.49 1.78
CA TYR A 5 55.64 26.90 1.90
C TYR A 5 54.45 27.11 2.85
N SER A 6 54.55 26.54 4.04
CA SER A 6 53.49 26.65 5.04
C SER A 6 54.07 26.75 6.44
N THR A 7 54.92 27.76 6.64
CA THR A 7 55.56 27.98 7.94
C THR A 7 54.53 28.05 9.06
N PRO A 8 54.76 27.31 10.17
CA PRO A 8 53.85 27.30 11.32
C PRO A 8 53.72 28.68 11.97
N GLU A 9 52.49 29.11 12.21
CA GLU A 9 52.24 30.41 12.82
C GLU A 9 52.53 30.37 14.32
N ASP A 10 51.83 29.47 15.02
CA ASP A 10 52.01 29.32 16.47
C ASP A 10 51.11 28.20 16.98
N GLU A 11 50.32 28.47 18.03
CA GLU A 11 49.43 27.48 18.60
C GLU A 11 48.37 27.07 17.59
N GLU A 12 47.82 28.05 16.88
CA GLU A 12 46.79 27.79 15.87
C GLU A 12 47.23 26.72 14.88
N GLU A 13 48.51 26.72 14.54
CA GLU A 13 49.05 25.75 13.59
C GLU A 13 48.96 24.33 14.13
N LEU A 14 49.45 24.13 15.36
CA LEU A 14 49.42 22.81 15.99
C LEU A 14 48.00 22.35 16.27
N ILE A 15 47.21 23.22 16.88
CA ILE A 15 45.83 22.92 17.22
C ILE A 15 45.02 22.55 15.98
N ARG A 16 45.19 23.35 14.93
CA ARG A 16 44.48 23.11 13.67
C ARG A 16 44.87 21.76 13.07
N LYS A 17 46.16 21.47 13.08
CA LYS A 17 46.66 20.20 12.54
C LYS A 17 46.05 19.01 13.28
N ALA A 18 46.02 19.12 14.61
CA ALA A 18 45.47 18.05 15.44
C ALA A 18 44.01 17.78 15.09
N ILE A 19 43.23 18.86 14.98
CA ILE A 19 41.83 18.74 14.62
C ILE A 19 41.66 18.10 13.25
N GLU A 20 42.53 18.48 12.32
CA GLU A 20 42.49 17.96 10.97
C GLU A 20 42.72 16.44 10.97
N LEU A 21 43.67 15.99 11.77
CA LEU A 21 43.99 14.57 11.86
C LEU A 21 42.81 13.77 12.41
N SER A 22 42.20 14.29 13.48
CA SER A 22 41.06 13.61 14.09
C SER A 22 39.89 13.53 13.12
N LEU A 23 39.57 14.66 12.49
CA LEU A 23 38.47 14.71 11.53
C LEU A 23 38.76 13.83 10.32
N LYS A 24 40.03 13.79 9.93
CA LYS A 24 40.46 13.00 8.78
C LYS A 24 40.04 11.54 8.93
N GLU A 25 40.22 11.00 10.14
CA GLU A 25 39.87 9.61 10.42
C GLU A 25 38.40 9.36 10.09
N SER A 26 38.14 8.22 9.44
CA SER A 26 36.78 7.86 9.07
C SER A 26 35.92 7.61 10.31
N ARG A 27 34.79 8.29 10.39
CA ARG A 27 33.88 8.13 11.51
C ARG A 27 33.09 6.82 11.41
N ASN A 28 33.06 6.05 12.49
CA ASN A 28 32.36 4.78 12.51
C ASN A 28 30.86 4.99 12.30
N SER A 29 30.29 4.23 11.38
CA SER A 29 28.86 4.32 11.09
C SER A 29 28.45 3.27 10.04
N ALA A 30 27.57 3.65 9.12
CA ALA A 30 27.12 2.74 8.08
C ALA A 30 26.55 1.45 8.67
N SER A 31 25.72 1.59 9.69
CA SER A 31 25.11 0.44 10.35
C SER A 31 24.18 -0.31 9.40
N SER A 32 24.35 -1.63 9.35
CA SER A 32 23.53 -2.47 8.48
C SER A 32 22.09 -2.54 8.98
N GLU A 33 21.14 -2.52 8.05
CA GLU A 33 19.72 -2.57 8.40
C GLU A 33 18.86 -2.78 7.15
N PRO A 34 19.12 -3.85 6.37
CA PRO A 34 18.36 -4.14 5.15
C PRO A 34 17.02 -4.80 5.42
N ILE A 35 16.30 -4.32 6.44
CA ILE A 35 15.00 -4.87 6.78
C ILE A 35 13.90 -4.31 5.88
N VAL A 36 14.06 -4.51 4.57
CA VAL A 36 13.09 -4.02 3.61
C VAL A 36 11.72 -4.67 3.84
N PRO A 37 10.65 -3.86 3.97
CA PRO A 37 9.29 -4.36 4.21
C PRO A 37 8.76 -5.17 3.03
N VAL A 38 8.46 -6.44 3.27
CA VAL A 38 7.93 -7.33 2.24
C VAL A 38 7.09 -8.44 2.87
N VAL A 39 5.85 -8.58 2.42
CA VAL A 39 4.96 -9.62 2.94
C VAL A 39 4.02 -10.12 1.84
N GLU A 40 4.55 -10.27 0.63
CA GLU A 40 3.76 -10.75 -0.50
C GLU A 40 2.46 -9.96 -0.65
N SER A 41 2.57 -8.63 -0.60
CA SER A 41 1.40 -7.76 -0.72
C SER A 41 0.98 -7.62 -2.19
N LYS A 42 1.05 -8.71 -2.93
CA LYS A 42 0.67 -8.70 -4.34
C LYS A 42 -0.83 -8.93 -4.50
N ASN A 43 -1.62 -8.35 -3.60
CA ASN A 43 -3.07 -8.49 -3.64
C ASN A 43 -3.47 -9.96 -3.70
N GLU A 44 -2.74 -10.81 -2.97
CA GLU A 44 -3.02 -12.23 -2.95
C GLU A 44 -4.04 -12.57 -1.87
N VAL A 45 -3.87 -11.99 -0.69
CA VAL A 45 -4.77 -12.23 0.43
C VAL A 45 -6.07 -11.46 0.30
N LYS A 46 -6.70 -11.54 -0.87
CA LYS A 46 -7.96 -10.85 -1.11
C LYS A 46 -8.63 -11.36 -2.38
N ARG A 47 -9.90 -11.72 -2.27
CA ARG A 47 -10.66 -12.24 -3.42
C ARG A 47 -12.12 -12.48 -3.03
N GLN A 48 -13.01 -12.33 -4.00
CA GLN A 48 -14.44 -12.54 -3.75
C GLN A 48 -15.17 -12.93 -5.03
N GLU A 49 -16.42 -12.50 -5.16
CA GLU A 49 -17.22 -12.81 -6.34
C GLU A 49 -17.28 -14.32 -6.57
N ILE A 50 -17.31 -15.08 -5.47
CA ILE A 50 -17.36 -16.54 -5.55
C ILE A 50 -18.75 -17.02 -6.02
N GLU A 51 -19.14 -18.21 -5.61
CA GLU A 51 -20.43 -18.76 -5.98
C GLU A 51 -21.56 -18.03 -5.26
N GLU A 52 -22.72 -18.67 -5.18
CA GLU A 52 -23.88 -18.08 -4.51
C GLU A 52 -24.13 -16.66 -5.03
N GLU A 53 -24.52 -15.75 -4.12
CA GLU A 53 -24.79 -14.36 -4.48
C GLU A 53 -25.97 -14.25 -5.44
N GLU A 54 -26.91 -13.37 -5.13
CA GLU A 54 -28.08 -13.17 -5.95
C GLU A 54 -28.83 -14.48 -6.15
N ASP A 55 -29.41 -15.00 -5.07
CA ASP A 55 -30.14 -16.25 -5.11
C ASP A 55 -31.18 -16.26 -6.24
N PRO A 56 -31.18 -17.33 -7.06
CA PRO A 56 -32.12 -17.46 -8.19
C PRO A 56 -33.56 -17.63 -7.72
N ASP A 57 -33.74 -18.36 -6.63
CA ASP A 57 -35.06 -18.61 -6.07
C ASP A 57 -35.82 -17.30 -5.83
N LEU A 58 -35.10 -16.26 -5.44
CA LEU A 58 -35.72 -14.96 -5.16
C LEU A 58 -36.43 -14.40 -6.39
N LYS A 59 -35.69 -14.22 -7.48
CA LYS A 59 -36.27 -13.71 -8.71
C LYS A 59 -37.36 -14.63 -9.23
N ALA A 60 -37.12 -15.94 -9.13
CA ALA A 60 -38.09 -16.92 -9.57
C ALA A 60 -39.41 -16.74 -8.83
N ALA A 61 -39.31 -16.49 -7.52
CA ALA A 61 -40.49 -16.28 -6.69
C ALA A 61 -41.27 -15.06 -7.16
N ILE A 62 -40.55 -13.98 -7.44
CA ILE A 62 -41.18 -12.74 -7.89
C ILE A 62 -41.96 -12.99 -9.19
N GLN A 63 -41.33 -13.72 -10.11
CA GLN A 63 -41.96 -14.03 -11.39
C GLN A 63 -43.26 -14.79 -11.18
N GLU A 64 -43.23 -15.78 -10.30
CA GLU A 64 -44.41 -16.59 -10.00
C GLU A 64 -45.53 -15.71 -9.46
N SER A 65 -45.16 -14.74 -8.61
CA SER A 65 -46.13 -13.84 -8.03
C SER A 65 -46.83 -13.02 -9.11
N LEU A 66 -46.04 -12.54 -10.08
CA LEU A 66 -46.58 -11.75 -11.17
C LEU A 66 -47.59 -12.57 -11.97
N ARG A 67 -47.22 -13.81 -12.27
CA ARG A 67 -48.09 -14.70 -13.03
C ARG A 67 -49.41 -14.91 -12.29
N GLU A 68 -49.31 -15.11 -10.98
CA GLU A 68 -50.49 -15.30 -10.15
C GLU A 68 -51.43 -14.10 -10.24
N ALA A 69 -50.84 -12.91 -10.22
CA ALA A 69 -51.62 -11.68 -10.32
C ALA A 69 -52.40 -11.61 -11.63
N GLU A 70 -51.72 -11.97 -12.73
CA GLU A 70 -52.35 -11.96 -14.04
C GLU A 70 -53.53 -12.92 -14.09
N GLU A 71 -53.28 -14.16 -13.70
CA GLU A 71 -54.32 -15.19 -13.70
C GLU A 71 -55.54 -14.71 -12.90
N ALA A 72 -55.27 -14.10 -11.75
CA ALA A 72 -56.34 -13.59 -10.89
C ALA A 72 -57.11 -12.48 -11.60
N LYS A 73 -56.38 -11.65 -12.36
CA LYS A 73 -56.98 -10.54 -13.09
C LYS A 73 -58.03 -11.07 -14.07
N LEU A 74 -57.68 -12.11 -14.81
CA LEU A 74 -58.61 -12.70 -15.78
C LEU A 74 -59.81 -13.31 -15.09
N ARG A 75 -59.57 -14.07 -14.03
CA ARG A 75 -60.64 -14.73 -13.28
C ARG A 75 -61.44 -13.70 -12.45
N SER A 76 -61.09 -12.43 -12.59
CA SER A 76 -61.77 -11.37 -11.85
C SER A 76 -63.13 -11.04 -12.47
N GLU A 77 -63.87 -12.07 -12.88
CA GLU A 77 -65.19 -11.88 -13.48
C GLU A 77 -65.15 -10.93 -14.67
N ARG A 78 -64.32 -11.25 -15.65
CA ARG A 78 -64.19 -10.41 -16.85
C ARG A 78 -65.56 -10.19 -17.49
N GLN A 79 -65.73 -9.02 -18.11
CA GLN A 79 -67.01 -8.70 -18.75
C GLN A 79 -66.80 -7.78 -19.95
N LYS A 80 -65.91 -6.80 -19.80
CA LYS A 80 -65.62 -5.85 -20.88
C LYS A 80 -66.90 -5.14 -21.32
N ALA A 81 -67.13 -5.07 -22.63
CA ALA A 81 -68.32 -4.42 -23.17
C ALA A 81 -68.49 -4.72 -24.65
N MET A 1 -52.47 -2.43 -17.44
CA MET A 1 -52.59 -2.98 -18.81
C MET A 1 -54.00 -2.74 -19.38
N ASP A 2 -54.52 -3.70 -20.13
CA ASP A 2 -55.84 -3.58 -20.72
C ASP A 2 -56.93 -3.66 -19.64
N ARG A 3 -57.77 -2.64 -19.58
CA ARG A 3 -58.85 -2.61 -18.59
C ARG A 3 -60.07 -3.36 -19.10
N ASP A 4 -60.60 -4.25 -18.26
CA ASP A 4 -61.77 -5.04 -18.60
C ASP A 4 -61.54 -5.83 -19.89
N TYR A 5 -60.41 -6.53 -19.93
CA TYR A 5 -60.05 -7.33 -21.10
C TYR A 5 -58.77 -8.13 -20.84
N SER A 6 -57.81 -7.49 -20.17
CA SER A 6 -56.53 -8.13 -19.86
C SER A 6 -55.86 -7.43 -18.67
N THR A 7 -56.66 -7.18 -17.63
CA THR A 7 -56.17 -6.52 -16.43
C THR A 7 -55.00 -7.28 -15.80
N PRO A 8 -53.99 -6.54 -15.27
CA PRO A 8 -52.81 -7.14 -14.65
C PRO A 8 -53.18 -8.08 -13.51
N GLU A 9 -52.33 -9.09 -13.27
CA GLU A 9 -52.57 -10.07 -12.21
C GLU A 9 -52.54 -9.41 -10.84
N ASP A 10 -52.12 -8.14 -10.79
CA ASP A 10 -52.05 -7.40 -9.54
C ASP A 10 -51.06 -8.08 -8.58
N GLU A 11 -51.49 -8.38 -7.36
CA GLU A 11 -50.63 -9.03 -6.38
C GLU A 11 -50.02 -10.29 -6.97
N GLU A 12 -50.84 -11.02 -7.72
CA GLU A 12 -50.39 -12.26 -8.36
C GLU A 12 -49.26 -11.98 -9.34
N GLU A 13 -49.36 -10.87 -10.06
CA GLU A 13 -48.34 -10.48 -11.02
C GLU A 13 -46.98 -10.35 -10.35
N LEU A 14 -46.94 -9.64 -9.23
CA LEU A 14 -45.71 -9.43 -8.48
C LEU A 14 -45.13 -10.76 -7.99
N ILE A 15 -46.01 -11.60 -7.45
CA ILE A 15 -45.58 -12.91 -6.94
C ILE A 15 -44.97 -13.76 -8.04
N ARG A 16 -45.60 -13.76 -9.22
CA ARG A 16 -45.11 -14.55 -10.34
C ARG A 16 -43.71 -14.10 -10.76
N LYS A 17 -43.52 -12.79 -10.90
CA LYS A 17 -42.23 -12.25 -11.30
C LYS A 17 -41.14 -12.61 -10.29
N ALA A 18 -41.44 -12.41 -9.01
CA ALA A 18 -40.50 -12.72 -7.94
C ALA A 18 -40.03 -14.16 -8.04
N ILE A 19 -40.99 -15.07 -8.22
CA ILE A 19 -40.67 -16.49 -8.33
C ILE A 19 -39.80 -16.76 -9.56
N GLU A 20 -40.07 -16.02 -10.64
CA GLU A 20 -39.30 -16.17 -11.88
C GLU A 20 -37.81 -15.92 -11.61
N LEU A 21 -37.51 -14.79 -10.98
CA LEU A 21 -36.12 -14.44 -10.66
C LEU A 21 -35.51 -15.50 -9.76
N SER A 22 -36.28 -15.95 -8.77
CA SER A 22 -35.81 -16.96 -7.84
C SER A 22 -35.42 -18.25 -8.57
N LEU A 23 -36.25 -18.65 -9.51
CA LEU A 23 -35.99 -19.86 -10.29
C LEU A 23 -34.70 -19.72 -11.09
N LYS A 24 -34.49 -18.55 -11.68
CA LYS A 24 -33.29 -18.28 -12.45
C LYS A 24 -32.03 -18.51 -11.63
N GLU A 25 -32.06 -18.03 -10.39
CA GLU A 25 -30.92 -18.17 -9.48
C GLU A 25 -30.75 -19.64 -9.05
N SER A 26 -30.53 -19.86 -7.75
CA SER A 26 -30.36 -21.20 -7.22
C SER A 26 -30.43 -21.19 -5.69
N ARG A 27 -29.50 -21.89 -5.03
CA ARG A 27 -29.48 -21.93 -3.57
C ARG A 27 -28.06 -22.11 -3.05
N ASN A 28 -27.93 -22.64 -1.84
CA ASN A 28 -26.63 -22.86 -1.22
C ASN A 28 -25.82 -21.57 -1.19
N SER A 29 -26.47 -20.47 -0.81
CA SER A 29 -25.82 -19.17 -0.74
C SER A 29 -24.72 -19.16 0.31
N ALA A 30 -23.52 -18.76 -0.10
CA ALA A 30 -22.37 -18.69 0.81
C ALA A 30 -22.10 -17.26 1.24
N SER A 31 -21.83 -17.08 2.53
CA SER A 31 -21.54 -15.76 3.08
C SER A 31 -21.11 -15.85 4.54
N SER A 32 -20.15 -16.72 4.82
CA SER A 32 -19.64 -16.91 6.17
C SER A 32 -18.89 -15.66 6.65
N GLU A 33 -17.83 -15.86 7.43
CA GLU A 33 -17.03 -14.74 7.93
C GLU A 33 -15.76 -15.21 8.65
N PRO A 34 -14.97 -16.10 8.02
CA PRO A 34 -13.73 -16.60 8.62
C PRO A 34 -12.69 -15.49 8.78
N ILE A 35 -12.04 -15.44 9.94
CA ILE A 35 -11.02 -14.42 10.19
C ILE A 35 -9.86 -14.97 11.02
N VAL A 36 -8.64 -14.68 10.58
CA VAL A 36 -7.43 -15.13 11.27
C VAL A 36 -6.31 -14.11 11.09
N PRO A 37 -5.58 -13.78 12.18
CA PRO A 37 -4.49 -12.80 12.13
C PRO A 37 -3.23 -13.33 11.46
N VAL A 38 -3.40 -13.98 10.31
CA VAL A 38 -2.26 -14.53 9.57
C VAL A 38 -1.38 -13.42 9.01
N VAL A 39 -0.07 -13.60 9.13
CA VAL A 39 0.89 -12.62 8.64
C VAL A 39 0.86 -12.55 7.12
N GLU A 40 0.99 -11.34 6.58
CA GLU A 40 0.99 -11.14 5.15
C GLU A 40 1.66 -9.80 4.82
N SER A 41 2.77 -9.53 5.51
CA SER A 41 3.52 -8.30 5.30
C SER A 41 4.81 -8.30 6.12
N LYS A 42 5.91 -7.94 5.47
CA LYS A 42 7.21 -7.87 6.13
C LYS A 42 8.28 -7.34 5.18
N ASN A 43 8.38 -7.95 4.00
CA ASN A 43 9.35 -7.54 2.99
C ASN A 43 10.79 -7.72 3.48
N GLU A 44 11.64 -8.29 2.63
CA GLU A 44 13.04 -8.53 2.98
C GLU A 44 13.81 -9.05 1.77
N VAL A 45 13.51 -8.51 0.59
CA VAL A 45 14.17 -8.91 -0.65
C VAL A 45 15.52 -8.22 -0.79
N LYS A 46 16.56 -9.01 -1.08
CA LYS A 46 17.91 -8.49 -1.26
C LYS A 46 18.44 -7.85 0.03
N ARG A 47 19.75 -7.93 0.22
CA ARG A 47 20.38 -7.35 1.40
C ARG A 47 21.87 -7.14 1.18
N GLN A 48 22.25 -6.84 -0.06
CA GLN A 48 23.65 -6.60 -0.39
C GLN A 48 23.90 -5.12 -0.59
N GLU A 49 23.09 -4.29 0.07
CA GLU A 49 23.22 -2.85 -0.04
C GLU A 49 24.37 -2.34 0.82
N ILE A 50 25.25 -1.54 0.20
CA ILE A 50 26.40 -0.98 0.89
C ILE A 50 26.32 0.55 0.92
N GLU A 51 27.46 1.21 0.80
CA GLU A 51 27.51 2.67 0.81
C GLU A 51 28.30 3.19 -0.38
N GLU A 52 28.24 2.45 -1.50
CA GLU A 52 28.94 2.81 -2.73
C GLU A 52 30.45 2.63 -2.62
N GLU A 53 31.04 3.21 -1.58
CA GLU A 53 32.49 3.13 -1.37
C GLU A 53 33.25 3.86 -2.47
N GLU A 54 34.32 4.55 -2.08
CA GLU A 54 35.14 5.31 -3.03
C GLU A 54 34.33 6.42 -3.69
N ASP A 55 33.47 7.06 -2.89
CA ASP A 55 32.63 8.15 -3.38
C ASP A 55 33.45 9.45 -3.50
N PRO A 56 33.23 10.22 -4.60
CA PRO A 56 33.94 11.48 -4.83
C PRO A 56 33.59 12.54 -3.78
N ASP A 57 32.29 12.70 -3.54
CA ASP A 57 31.81 13.69 -2.57
C ASP A 57 32.22 13.32 -1.15
N LEU A 58 32.04 12.05 -0.79
CA LEU A 58 32.39 11.58 0.55
C LEU A 58 33.87 11.74 0.82
N LYS A 59 34.70 11.33 -0.13
CA LYS A 59 36.15 11.42 0.00
C LYS A 59 36.59 12.87 0.20
N ALA A 60 36.04 13.77 -0.60
CA ALA A 60 36.37 15.18 -0.51
C ALA A 60 35.98 15.76 0.85
N ALA A 61 34.81 15.37 1.34
CA ALA A 61 34.32 15.85 2.62
C ALA A 61 35.22 15.42 3.76
N ILE A 62 35.63 14.16 3.75
CA ILE A 62 36.50 13.62 4.80
C ILE A 62 37.86 14.31 4.81
N GLN A 63 38.48 14.40 3.63
CA GLN A 63 39.79 15.03 3.52
C GLN A 63 39.75 16.50 3.95
N GLU A 64 38.77 17.23 3.44
CA GLU A 64 38.60 18.64 3.78
C GLU A 64 38.37 18.83 5.27
N SER A 65 37.57 17.95 5.84
CA SER A 65 37.25 18.01 7.27
C SER A 65 38.50 17.80 8.11
N LEU A 66 39.32 16.83 7.73
CA LEU A 66 40.54 16.53 8.46
C LEU A 66 41.50 17.72 8.44
N ARG A 67 41.65 18.33 7.27
CA ARG A 67 42.53 19.48 7.12
C ARG A 67 42.05 20.64 7.99
N GLU A 68 40.74 20.87 7.99
CA GLU A 68 40.16 21.95 8.79
C GLU A 68 40.45 21.76 10.27
N ALA A 69 40.25 20.54 10.75
CA ALA A 69 40.50 20.22 12.16
C ALA A 69 41.97 20.40 12.52
N GLU A 70 42.85 19.95 11.62
CA GLU A 70 44.29 20.06 11.85
C GLU A 70 44.71 21.51 11.98
N GLU A 71 44.23 22.35 11.06
CA GLU A 71 44.56 23.77 11.06
C GLU A 71 44.04 24.44 12.33
N ALA A 72 42.81 24.12 12.70
CA ALA A 72 42.20 24.70 13.89
C ALA A 72 43.04 24.40 15.14
N LYS A 73 43.47 23.15 15.25
CA LYS A 73 44.30 22.73 16.38
C LYS A 73 45.63 23.46 16.39
N LEU A 74 46.21 23.65 15.21
CA LEU A 74 47.49 24.34 15.07
C LEU A 74 47.41 25.75 15.65
N ARG A 75 46.36 26.47 15.27
CA ARG A 75 46.16 27.83 15.75
C ARG A 75 45.82 27.85 17.24
N SER A 76 45.13 26.80 17.69
CA SER A 76 44.73 26.68 19.09
C SER A 76 45.90 26.93 20.03
N GLU A 77 45.61 27.60 21.14
CA GLU A 77 46.62 27.92 22.15
C GLU A 77 47.70 28.84 21.58
N ARG A 78 47.28 29.76 20.70
CA ARG A 78 48.19 30.72 20.09
C ARG A 78 49.26 30.02 19.24
N GLN A 79 49.46 30.52 18.02
CA GLN A 79 50.46 29.95 17.12
C GLN A 79 51.69 30.85 17.02
N LYS A 80 52.01 31.53 18.12
CA LYS A 80 53.17 32.43 18.15
C LYS A 80 53.35 33.02 19.55
N ALA A 81 54.60 33.07 19.99
CA ALA A 81 54.92 33.62 21.31
C ALA A 81 56.43 33.73 21.50
N MET A 1 -44.47 11.76 -12.58
CA MET A 1 -44.78 10.62 -13.49
C MET A 1 -44.61 9.29 -12.77
N ASP A 2 -43.45 9.08 -12.17
CA ASP A 2 -43.17 7.85 -11.43
C ASP A 2 -43.99 7.77 -10.16
N ARG A 3 -44.53 6.59 -9.88
CA ARG A 3 -45.34 6.38 -8.67
C ARG A 3 -45.80 4.93 -8.58
N ASP A 4 -46.29 4.40 -9.70
CA ASP A 4 -46.77 3.03 -9.74
C ASP A 4 -45.65 2.03 -9.44
N TYR A 5 -45.91 1.11 -8.54
CA TYR A 5 -44.93 0.09 -8.15
C TYR A 5 -43.61 0.73 -7.75
N SER A 6 -43.70 1.85 -7.04
CA SER A 6 -42.50 2.57 -6.59
C SER A 6 -41.71 3.11 -7.77
N THR A 7 -41.17 4.32 -7.62
CA THR A 7 -40.39 4.95 -8.68
C THR A 7 -39.18 4.08 -9.07
N PRO A 8 -39.00 3.82 -10.38
CA PRO A 8 -37.89 3.02 -10.87
C PRO A 8 -36.62 3.84 -11.08
N GLU A 9 -35.78 3.41 -12.01
CA GLU A 9 -34.52 4.09 -12.33
C GLU A 9 -33.47 3.89 -11.24
N ASP A 10 -33.87 4.03 -9.98
CA ASP A 10 -32.95 3.88 -8.86
C ASP A 10 -32.59 2.40 -8.67
N GLU A 11 -32.38 1.98 -7.42
CA GLU A 11 -32.02 0.59 -7.13
C GLU A 11 -33.22 -0.33 -7.35
N GLU A 12 -34.42 0.16 -7.03
CA GLU A 12 -35.64 -0.63 -7.17
C GLU A 12 -35.72 -1.30 -8.55
N GLU A 13 -35.29 -0.58 -9.59
CA GLU A 13 -35.32 -1.10 -10.94
C GLU A 13 -34.42 -2.33 -11.09
N LEU A 14 -33.16 -2.18 -10.68
CA LEU A 14 -32.19 -3.28 -10.77
C LEU A 14 -32.62 -4.46 -9.90
N ILE A 15 -33.07 -4.17 -8.68
CA ILE A 15 -33.51 -5.19 -7.75
C ILE A 15 -34.65 -6.00 -8.34
N ARG A 16 -35.62 -5.32 -8.95
CA ARG A 16 -36.76 -5.98 -9.58
C ARG A 16 -36.30 -6.93 -10.67
N LYS A 17 -35.40 -6.44 -11.53
CA LYS A 17 -34.86 -7.25 -12.61
C LYS A 17 -34.20 -8.51 -12.05
N ALA A 18 -33.47 -8.36 -10.96
CA ALA A 18 -32.79 -9.47 -10.32
C ALA A 18 -33.78 -10.53 -9.84
N ILE A 19 -34.89 -10.07 -9.27
CA ILE A 19 -35.93 -10.97 -8.77
C ILE A 19 -36.54 -11.79 -9.91
N GLU A 20 -36.84 -11.13 -11.02
CA GLU A 20 -37.43 -11.80 -12.18
C GLU A 20 -36.50 -12.87 -12.73
N LEU A 21 -35.23 -12.53 -12.90
CA LEU A 21 -34.24 -13.46 -13.42
C LEU A 21 -34.01 -14.62 -12.47
N SER A 22 -33.91 -14.32 -11.18
CA SER A 22 -33.68 -15.35 -10.17
C SER A 22 -34.81 -16.37 -10.15
N LEU A 23 -36.05 -15.89 -10.08
CA LEU A 23 -37.21 -16.76 -10.05
C LEU A 23 -37.30 -17.58 -11.33
N LYS A 24 -37.03 -16.94 -12.46
CA LYS A 24 -37.07 -17.59 -13.76
C LYS A 24 -36.11 -18.77 -13.82
N GLU A 25 -34.86 -18.53 -13.41
CA GLU A 25 -33.84 -19.57 -13.43
C GLU A 25 -34.14 -20.65 -12.39
N SER A 26 -34.00 -21.90 -12.80
CA SER A 26 -34.26 -23.03 -11.91
C SER A 26 -32.96 -23.54 -11.28
N ARG A 27 -33.01 -23.79 -9.98
CA ARG A 27 -31.83 -24.29 -9.25
C ARG A 27 -30.66 -23.31 -9.38
N ASN A 28 -29.46 -23.85 -9.64
CA ASN A 28 -28.26 -23.04 -9.76
C ASN A 28 -27.97 -22.28 -8.47
N SER A 29 -28.24 -22.94 -7.35
CA SER A 29 -28.00 -22.34 -6.04
C SER A 29 -26.53 -22.47 -5.65
N ALA A 30 -26.29 -22.90 -4.40
CA ALA A 30 -24.92 -23.09 -3.91
C ALA A 30 -24.17 -21.76 -3.79
N SER A 31 -23.45 -21.59 -2.69
CA SER A 31 -22.68 -20.38 -2.45
C SER A 31 -21.82 -20.53 -1.20
N SER A 32 -20.53 -20.22 -1.34
CA SER A 32 -19.59 -20.35 -0.23
C SER A 32 -18.21 -19.82 -0.62
N GLU A 33 -17.50 -19.26 0.35
CA GLU A 33 -16.16 -18.71 0.11
C GLU A 33 -15.18 -19.21 1.18
N PRO A 34 -15.01 -20.54 1.31
CA PRO A 34 -14.09 -21.13 2.28
C PRO A 34 -12.66 -20.66 2.09
N ILE A 35 -12.26 -20.50 0.83
CA ILE A 35 -10.90 -20.06 0.49
C ILE A 35 -10.56 -18.77 1.23
N VAL A 36 -9.30 -18.68 1.67
CA VAL A 36 -8.83 -17.50 2.40
C VAL A 36 -7.30 -17.51 2.49
N PRO A 37 -6.67 -16.36 2.19
CA PRO A 37 -5.20 -16.24 2.24
C PRO A 37 -4.63 -16.67 3.58
N VAL A 38 -3.55 -17.44 3.54
CA VAL A 38 -2.90 -17.93 4.75
C VAL A 38 -2.51 -16.77 5.66
N VAL A 39 -2.66 -16.97 6.97
CA VAL A 39 -2.33 -15.94 7.95
C VAL A 39 -0.82 -15.80 8.14
N GLU A 40 -0.07 -15.89 7.04
CA GLU A 40 1.39 -15.77 7.08
C GLU A 40 2.00 -16.81 8.03
N SER A 41 1.58 -18.06 7.86
CA SER A 41 2.09 -19.16 8.69
C SER A 41 3.61 -19.26 8.57
N LYS A 42 4.27 -19.54 9.70
CA LYS A 42 5.71 -19.66 9.72
C LYS A 42 6.37 -18.32 9.33
N ASN A 43 7.27 -18.34 8.36
CA ASN A 43 7.94 -17.12 7.91
C ASN A 43 8.64 -16.43 9.08
N GLU A 44 9.50 -17.18 9.78
CA GLU A 44 10.22 -16.64 10.92
C GLU A 44 10.97 -15.37 10.55
N VAL A 45 11.65 -15.39 9.41
CA VAL A 45 12.41 -14.23 8.94
C VAL A 45 11.49 -13.02 8.77
N LYS A 46 12.00 -11.85 9.14
CA LYS A 46 11.22 -10.62 9.03
C LYS A 46 12.01 -9.50 8.36
N ARG A 47 11.39 -8.84 7.39
CA ARG A 47 12.00 -7.73 6.66
C ARG A 47 13.23 -8.19 5.88
N GLN A 48 13.29 -7.83 4.61
CA GLN A 48 14.40 -8.21 3.75
C GLN A 48 15.36 -7.03 3.56
N GLU A 49 16.28 -6.86 4.51
CA GLU A 49 17.25 -5.77 4.45
C GLU A 49 18.38 -5.98 5.45
N ILE A 50 19.62 -5.79 4.98
CA ILE A 50 20.78 -5.96 5.83
C ILE A 50 20.87 -4.85 6.87
N GLU A 51 20.79 -5.25 8.13
CA GLU A 51 20.87 -4.30 9.24
C GLU A 51 22.23 -4.34 9.90
N GLU A 52 22.72 -5.54 10.17
CA GLU A 52 24.03 -5.72 10.81
C GLU A 52 25.18 -5.50 9.83
N GLU A 53 25.05 -4.48 8.98
CA GLU A 53 26.08 -4.15 8.01
C GLU A 53 26.29 -2.64 7.92
N GLU A 54 26.51 -2.14 6.71
CA GLU A 54 26.72 -0.71 6.49
C GLU A 54 26.79 -0.40 4.99
N ASP A 55 25.97 0.54 4.56
CA ASP A 55 25.94 0.94 3.15
C ASP A 55 27.21 1.69 2.77
N PRO A 56 27.81 1.35 1.62
CA PRO A 56 29.03 2.00 1.15
C PRO A 56 28.81 3.48 0.85
N ASP A 57 27.65 3.80 0.28
CA ASP A 57 27.31 5.17 -0.07
C ASP A 57 27.31 6.06 1.17
N LEU A 58 26.80 5.53 2.29
CA LEU A 58 26.73 6.27 3.54
C LEU A 58 28.11 6.78 3.96
N LYS A 59 29.10 5.89 3.90
CA LYS A 59 30.47 6.26 4.27
C LYS A 59 30.97 7.41 3.40
N ALA A 60 30.67 7.34 2.10
CA ALA A 60 31.08 8.37 1.16
C ALA A 60 30.48 9.72 1.56
N ALA A 61 29.21 9.70 1.96
CA ALA A 61 28.52 10.92 2.38
C ALA A 61 29.20 11.52 3.60
N ILE A 62 29.56 10.68 4.55
CA ILE A 62 30.22 11.12 5.77
C ILE A 62 31.55 11.80 5.44
N GLN A 63 32.29 11.20 4.52
CA GLN A 63 33.58 11.74 4.09
C GLN A 63 33.39 13.12 3.46
N GLU A 64 32.33 13.26 2.67
CA GLU A 64 32.03 14.52 2.00
C GLU A 64 31.73 15.61 3.01
N SER A 65 30.91 15.29 4.01
CA SER A 65 30.54 16.25 5.05
C SER A 65 31.77 16.68 5.83
N LEU A 66 32.61 15.72 6.20
CA LEU A 66 33.82 16.00 6.93
C LEU A 66 34.75 16.88 6.10
N ARG A 67 34.80 16.61 4.80
CA ARG A 67 35.64 17.37 3.89
C ARG A 67 35.24 18.84 3.88
N GLU A 68 33.95 19.10 3.76
CA GLU A 68 33.44 20.46 3.76
C GLU A 68 33.74 21.17 5.07
N ALA A 69 33.56 20.44 6.18
CA ALA A 69 33.82 21.00 7.50
C ALA A 69 35.29 21.40 7.65
N GLU A 70 36.19 20.54 7.18
CA GLU A 70 37.61 20.82 7.26
C GLU A 70 37.98 22.04 6.43
N GLU A 71 37.43 22.12 5.22
CA GLU A 71 37.68 23.25 4.33
C GLU A 71 37.22 24.55 4.96
N ALA A 72 36.04 24.52 5.57
CA ALA A 72 35.48 25.70 6.22
C ALA A 72 36.38 26.17 7.35
N LYS A 73 36.86 25.22 8.16
CA LYS A 73 37.74 25.53 9.27
C LYS A 73 39.03 26.18 8.77
N LEU A 74 39.57 25.64 7.68
CA LEU A 74 40.80 26.16 7.09
C LEU A 74 40.62 27.62 6.68
N ARG A 75 39.51 27.90 6.01
CA ARG A 75 39.22 29.26 5.56
C ARG A 75 39.18 30.23 6.74
N SER A 76 38.53 29.81 7.82
CA SER A 76 38.44 30.64 9.01
C SER A 76 39.82 30.96 9.57
N GLU A 77 40.67 29.93 9.63
CA GLU A 77 42.03 30.08 10.14
C GLU A 77 42.03 30.46 11.61
N ARG A 78 42.93 29.84 12.38
CA ARG A 78 43.04 30.12 13.80
C ARG A 78 44.32 29.52 14.37
N GLN A 79 44.65 28.31 13.93
CA GLN A 79 45.86 27.63 14.38
C GLN A 79 47.10 28.46 14.08
N LYS A 80 47.99 28.58 15.06
CA LYS A 80 49.21 29.34 14.89
C LYS A 80 50.14 28.68 13.87
N ALA A 81 50.65 29.48 12.94
CA ALA A 81 51.54 28.97 11.91
C ALA A 81 52.82 28.41 12.52
N MET A 1 41.14 21.84 3.64
CA MET A 1 40.15 22.61 4.44
C MET A 1 40.84 23.42 5.53
N ASP A 2 41.87 24.18 5.13
CA ASP A 2 42.62 25.00 6.07
C ASP A 2 43.57 25.93 5.33
N ARG A 3 43.54 27.22 5.70
CA ARG A 3 44.38 28.23 5.08
C ARG A 3 44.68 29.36 6.06
N ASP A 4 43.63 29.86 6.71
CA ASP A 4 43.77 30.95 7.66
C ASP A 4 44.36 30.47 8.98
N TYR A 5 43.99 29.26 9.40
CA TYR A 5 44.47 28.69 10.66
C TYR A 5 45.99 28.65 10.70
N SER A 6 46.60 27.85 9.83
CA SER A 6 48.06 27.74 9.79
C SER A 6 48.52 27.02 8.52
N THR A 7 47.56 26.56 7.72
CA THR A 7 47.86 25.84 6.47
C THR A 7 48.66 24.57 6.73
N PRO A 8 48.25 23.44 6.13
CA PRO A 8 48.95 22.15 6.29
C PRO A 8 50.35 22.18 5.71
N GLU A 9 51.34 21.86 6.54
CA GLU A 9 52.74 21.84 6.10
C GLU A 9 53.57 20.89 6.97
N ASP A 10 54.26 19.97 6.31
CA ASP A 10 55.12 19.01 7.01
C ASP A 10 54.33 18.21 8.05
N GLU A 11 54.86 18.14 9.28
CA GLU A 11 54.20 17.40 10.36
C GLU A 11 52.75 17.85 10.53
N GLU A 12 52.50 19.14 10.31
CA GLU A 12 51.16 19.69 10.45
C GLU A 12 50.16 18.88 9.63
N GLU A 13 50.56 18.48 8.44
CA GLU A 13 49.70 17.70 7.56
C GLU A 13 49.30 16.38 8.25
N LEU A 14 50.30 15.73 8.86
CA LEU A 14 50.06 14.47 9.55
C LEU A 14 49.14 14.68 10.75
N ILE A 15 49.34 15.79 11.45
CA ILE A 15 48.53 16.11 12.63
C ILE A 15 47.05 16.19 12.29
N ARG A 16 46.71 17.05 11.34
CA ARG A 16 45.32 17.21 10.92
C ARG A 16 44.76 15.89 10.39
N LYS A 17 45.60 15.16 9.65
CA LYS A 17 45.19 13.89 9.08
C LYS A 17 44.81 12.90 10.17
N ALA A 18 45.59 12.88 11.25
CA ALA A 18 45.33 11.99 12.37
C ALA A 18 44.02 12.33 13.06
N ILE A 19 43.83 13.62 13.36
CA ILE A 19 42.61 14.07 14.02
C ILE A 19 41.38 13.76 13.16
N GLU A 20 41.48 14.08 11.87
CA GLU A 20 40.38 13.83 10.94
C GLU A 20 40.10 12.33 10.83
N LEU A 21 41.16 11.53 10.89
CA LEU A 21 41.03 10.08 10.80
C LEU A 21 40.17 9.56 11.94
N SER A 22 40.48 10.02 13.16
CA SER A 22 39.74 9.60 14.34
C SER A 22 38.29 10.07 14.27
N LEU A 23 38.09 11.31 13.84
CA LEU A 23 36.75 11.88 13.72
C LEU A 23 35.90 11.07 12.73
N LYS A 24 36.53 10.62 11.66
CA LYS A 24 35.83 9.83 10.64
C LYS A 24 35.13 8.63 11.27
N GLU A 25 35.85 7.92 12.14
CA GLU A 25 35.31 6.75 12.81
C GLU A 25 34.84 5.69 11.82
N SER A 26 33.62 5.85 11.30
CA SER A 26 33.05 4.91 10.34
C SER A 26 32.86 3.53 10.97
N ARG A 27 31.66 2.97 10.80
CA ARG A 27 31.34 1.66 11.34
C ARG A 27 29.96 1.21 10.88
N ASN A 28 29.87 0.00 10.35
CA ASN A 28 28.61 -0.55 9.88
C ASN A 28 27.62 -0.73 11.02
N SER A 29 26.34 -0.49 10.73
CA SER A 29 25.30 -0.62 11.74
C SER A 29 23.93 -0.83 11.10
N ALA A 30 23.91 -1.62 10.02
CA ALA A 30 22.68 -1.93 9.28
C ALA A 30 22.19 -0.73 8.47
N SER A 31 22.19 0.45 9.09
CA SER A 31 21.72 1.67 8.41
C SER A 31 20.28 1.51 7.93
N SER A 32 19.98 2.07 6.76
CA SER A 32 18.64 1.99 6.20
C SER A 32 17.60 2.52 7.18
N GLU A 33 16.47 1.81 7.30
CA GLU A 33 15.40 2.21 8.21
C GLU A 33 14.89 3.62 7.90
N PRO A 34 14.39 3.85 6.67
CA PRO A 34 13.89 5.17 6.26
C PRO A 34 12.65 5.58 7.06
N ILE A 35 11.81 6.41 6.46
CA ILE A 35 10.59 6.88 7.13
C ILE A 35 9.41 5.96 6.78
N VAL A 36 9.69 4.66 6.71
CA VAL A 36 8.67 3.67 6.41
C VAL A 36 7.94 4.01 5.10
N PRO A 37 8.68 4.10 3.97
CA PRO A 37 8.10 4.44 2.67
C PRO A 37 7.07 3.40 2.23
N VAL A 38 5.92 3.89 1.75
CA VAL A 38 4.81 3.06 1.27
C VAL A 38 4.37 2.02 2.31
N VAL A 39 3.07 1.86 2.46
CA VAL A 39 2.52 0.91 3.43
C VAL A 39 1.26 0.23 2.90
N GLU A 40 1.26 -0.08 1.60
CA GLU A 40 0.12 -0.73 0.96
C GLU A 40 0.15 -2.23 1.21
N SER A 41 0.46 -2.61 2.45
CA SER A 41 0.53 -4.02 2.82
C SER A 41 -0.86 -4.62 3.00
N LYS A 42 -1.84 -4.09 2.27
CA LYS A 42 -3.21 -4.59 2.34
C LYS A 42 -3.34 -5.92 1.62
N ASN A 43 -4.03 -6.86 2.24
CA ASN A 43 -4.24 -8.17 1.65
C ASN A 43 -5.14 -8.08 0.41
N GLU A 44 -6.25 -8.82 0.41
CA GLU A 44 -7.18 -8.80 -0.71
C GLU A 44 -8.60 -9.15 -0.23
N VAL A 45 -9.04 -8.46 0.81
CA VAL A 45 -10.37 -8.70 1.37
C VAL A 45 -11.45 -8.57 0.30
N LYS A 46 -12.36 -9.53 0.27
CA LYS A 46 -13.45 -9.55 -0.71
C LYS A 46 -14.68 -10.23 -0.12
N ARG A 47 -15.24 -11.19 -0.86
CA ARG A 47 -16.44 -11.93 -0.41
C ARG A 47 -17.66 -11.01 -0.34
N GLN A 48 -18.77 -11.49 -0.88
CA GLN A 48 -20.02 -10.72 -0.88
C GLN A 48 -21.17 -11.55 -1.46
N GLU A 49 -20.92 -12.20 -2.59
CA GLU A 49 -21.94 -13.01 -3.25
C GLU A 49 -21.90 -14.45 -2.74
N ILE A 50 -21.87 -14.62 -1.42
CA ILE A 50 -21.83 -15.96 -0.83
C ILE A 50 -23.21 -16.61 -0.83
N GLU A 51 -23.95 -16.42 -1.92
CA GLU A 51 -25.28 -16.99 -2.05
C GLU A 51 -25.25 -18.51 -1.98
N GLU A 52 -24.27 -19.11 -2.64
CA GLU A 52 -24.12 -20.57 -2.66
C GLU A 52 -25.35 -21.24 -3.28
N GLU A 53 -25.79 -20.71 -4.41
CA GLU A 53 -26.95 -21.23 -5.12
C GLU A 53 -26.88 -20.91 -6.60
N GLU A 54 -27.20 -21.90 -7.44
CA GLU A 54 -27.18 -21.71 -8.89
C GLU A 54 -27.80 -22.91 -9.60
N ASP A 55 -28.93 -23.38 -9.07
CA ASP A 55 -29.64 -24.52 -9.65
C ASP A 55 -30.30 -24.13 -10.97
N PRO A 56 -30.19 -24.99 -11.99
CA PRO A 56 -30.79 -24.73 -13.31
C PRO A 56 -32.29 -24.50 -13.23
N ASP A 57 -32.98 -25.32 -12.46
CA ASP A 57 -34.43 -25.20 -12.31
C ASP A 57 -34.79 -23.86 -11.67
N LEU A 58 -34.08 -23.54 -10.59
CA LEU A 58 -34.32 -22.28 -9.88
C LEU A 58 -34.08 -21.10 -10.80
N LYS A 59 -33.15 -21.26 -11.74
CA LYS A 59 -32.83 -20.21 -12.70
C LYS A 59 -34.08 -19.81 -13.49
N ALA A 60 -34.79 -20.80 -13.99
CA ALA A 60 -36.01 -20.55 -14.76
C ALA A 60 -37.10 -19.98 -13.87
N ALA A 61 -37.20 -20.51 -12.65
CA ALA A 61 -38.21 -20.05 -11.70
C ALA A 61 -38.03 -18.58 -11.35
N ILE A 62 -36.79 -18.18 -11.07
CA ILE A 62 -36.50 -16.80 -10.72
C ILE A 62 -36.74 -15.86 -11.91
N GLN A 63 -36.33 -16.29 -13.10
CA GLN A 63 -36.52 -15.49 -14.31
C GLN A 63 -38.00 -15.17 -14.51
N GLU A 64 -38.84 -16.20 -14.38
CA GLU A 64 -40.28 -16.03 -14.55
C GLU A 64 -40.86 -15.24 -13.37
N SER A 65 -40.26 -15.40 -12.20
CA SER A 65 -40.72 -14.71 -11.01
C SER A 65 -40.55 -13.20 -11.17
N LEU A 66 -39.38 -12.79 -11.67
CA LEU A 66 -39.08 -11.38 -11.88
C LEU A 66 -39.85 -10.82 -13.07
N ARG A 67 -40.05 -11.65 -14.10
CA ARG A 67 -40.77 -11.22 -15.29
C ARG A 67 -42.23 -10.94 -14.96
N GLU A 68 -42.82 -11.81 -14.14
CA GLU A 68 -44.21 -11.65 -13.73
C GLU A 68 -44.35 -10.46 -12.78
N ALA A 69 -43.41 -10.34 -11.84
CA ALA A 69 -43.44 -9.25 -10.88
C ALA A 69 -43.27 -7.90 -11.56
N GLU A 70 -42.37 -7.85 -12.54
CA GLU A 70 -42.12 -6.62 -13.29
C GLU A 70 -43.35 -6.20 -14.08
N GLU A 71 -43.91 -7.15 -14.83
CA GLU A 71 -45.10 -6.89 -15.64
C GLU A 71 -46.27 -6.46 -14.76
N ALA A 72 -46.46 -7.18 -13.66
CA ALA A 72 -47.54 -6.87 -12.73
C ALA A 72 -47.38 -5.48 -12.14
N LYS A 73 -46.17 -5.14 -11.74
CA LYS A 73 -45.88 -3.84 -11.16
C LYS A 73 -46.17 -2.72 -12.16
N LEU A 74 -45.80 -2.96 -13.41
CA LEU A 74 -46.02 -1.97 -14.47
C LEU A 74 -47.48 -1.65 -14.66
N ARG A 75 -48.30 -2.69 -14.86
CA ARG A 75 -49.74 -2.50 -15.06
C ARG A 75 -50.49 -2.42 -13.73
N SER A 76 -50.45 -3.51 -12.96
CA SER A 76 -51.13 -3.55 -11.67
C SER A 76 -50.39 -2.70 -10.63
N GLU A 77 -51.16 -1.93 -9.86
CA GLU A 77 -50.58 -1.07 -8.83
C GLU A 77 -49.98 -1.89 -7.69
N ARG A 78 -50.80 -2.77 -7.11
CA ARG A 78 -50.35 -3.60 -6.00
C ARG A 78 -49.53 -4.79 -6.52
N GLN A 79 -49.64 -5.94 -5.84
CA GLN A 79 -48.89 -7.13 -6.24
C GLN A 79 -49.54 -7.78 -7.47
N LYS A 80 -50.86 -7.95 -7.42
CA LYS A 80 -51.58 -8.58 -8.52
C LYS A 80 -53.09 -8.48 -8.30
N ALA A 81 -53.52 -8.77 -7.07
CA ALA A 81 -54.94 -8.72 -6.73
C ALA A 81 -55.49 -7.31 -6.87
N MET A 1 -56.87 -25.69 -11.14
CA MET A 1 -55.59 -25.39 -11.83
C MET A 1 -54.50 -25.03 -10.82
N ASP A 2 -54.81 -24.09 -9.93
CA ASP A 2 -53.87 -23.66 -8.91
C ASP A 2 -53.71 -24.71 -7.81
N ARG A 3 -52.47 -25.08 -7.52
CA ARG A 3 -52.19 -26.07 -6.49
C ARG A 3 -52.45 -25.51 -5.10
N ASP A 4 -52.17 -24.22 -4.92
CA ASP A 4 -52.37 -23.56 -3.64
C ASP A 4 -52.22 -22.05 -3.79
N TYR A 5 -51.21 -21.63 -4.54
CA TYR A 5 -50.97 -20.21 -4.78
C TYR A 5 -49.85 -20.02 -5.80
N SER A 6 -50.14 -19.21 -6.82
CA SER A 6 -49.15 -18.93 -7.87
C SER A 6 -48.62 -20.23 -8.50
N THR A 7 -49.54 -21.07 -8.96
CA THR A 7 -49.17 -22.34 -9.57
C THR A 7 -48.22 -22.13 -10.74
N PRO A 8 -47.12 -22.90 -10.79
CA PRO A 8 -46.12 -22.80 -11.87
C PRO A 8 -46.50 -23.60 -13.10
N GLU A 9 -46.37 -22.98 -14.27
CA GLU A 9 -46.71 -23.66 -15.52
C GLU A 9 -45.54 -24.53 -16.01
N ASP A 10 -44.56 -23.90 -16.64
CA ASP A 10 -43.39 -24.61 -17.14
C ASP A 10 -42.37 -23.64 -17.74
N GLU A 11 -42.81 -22.84 -18.71
CA GLU A 11 -41.95 -21.87 -19.37
C GLU A 11 -42.05 -20.52 -18.67
N GLU A 12 -43.29 -20.10 -18.41
CA GLU A 12 -43.56 -18.83 -17.75
C GLU A 12 -42.89 -18.78 -16.38
N GLU A 13 -42.90 -19.91 -15.68
CA GLU A 13 -42.29 -19.99 -14.35
C GLU A 13 -40.81 -19.61 -14.41
N LEU A 14 -40.12 -20.12 -15.44
CA LEU A 14 -38.70 -19.85 -15.62
C LEU A 14 -38.44 -18.38 -15.95
N ILE A 15 -39.21 -17.84 -16.89
CA ILE A 15 -39.06 -16.46 -17.31
C ILE A 15 -39.28 -15.49 -16.14
N ARG A 16 -40.41 -15.67 -15.45
CA ARG A 16 -40.75 -14.81 -14.31
C ARG A 16 -39.73 -14.95 -13.18
N LYS A 17 -39.34 -16.19 -12.88
CA LYS A 17 -38.38 -16.45 -11.82
C LYS A 17 -37.08 -15.71 -12.07
N ALA A 18 -36.62 -15.76 -13.32
CA ALA A 18 -35.38 -15.09 -13.70
C ALA A 18 -35.49 -13.58 -13.53
N ILE A 19 -36.58 -13.00 -14.03
CA ILE A 19 -36.81 -11.56 -13.93
C ILE A 19 -36.80 -11.12 -12.48
N GLU A 20 -37.54 -11.84 -11.64
CA GLU A 20 -37.62 -11.52 -10.21
C GLU A 20 -36.25 -11.64 -9.56
N LEU A 21 -35.49 -12.65 -9.95
CA LEU A 21 -34.16 -12.87 -9.40
C LEU A 21 -33.27 -11.65 -9.64
N SER A 22 -33.34 -11.11 -10.84
CA SER A 22 -32.56 -9.94 -11.20
C SER A 22 -33.03 -8.71 -10.45
N LEU A 23 -34.34 -8.55 -10.33
CA LEU A 23 -34.93 -7.41 -9.63
C LEU A 23 -34.45 -7.35 -8.18
N LYS A 24 -34.54 -8.47 -7.48
CA LYS A 24 -34.12 -8.53 -6.08
C LYS A 24 -32.62 -8.29 -5.95
N GLU A 25 -31.84 -8.97 -6.80
CA GLU A 25 -30.38 -8.85 -6.80
C GLU A 25 -29.77 -9.32 -5.47
N SER A 26 -30.64 -9.62 -4.50
CA SER A 26 -30.24 -10.08 -3.18
C SER A 26 -29.30 -9.09 -2.50
N ARG A 27 -29.70 -8.63 -1.31
CA ARG A 27 -28.89 -7.69 -0.54
C ARG A 27 -27.67 -8.39 0.05
N ASN A 28 -27.40 -8.13 1.33
CA ASN A 28 -26.25 -8.73 2.01
C ASN A 28 -26.30 -8.49 3.51
N SER A 29 -25.97 -9.52 4.29
CA SER A 29 -25.98 -9.41 5.74
C SER A 29 -24.97 -8.37 6.21
N ALA A 30 -23.74 -8.45 5.70
CA ALA A 30 -22.69 -7.52 6.06
C ALA A 30 -21.42 -7.77 5.25
N SER A 31 -21.60 -8.18 4.00
CA SER A 31 -20.47 -8.45 3.12
C SER A 31 -20.06 -7.20 2.34
N SER A 32 -20.15 -6.05 3.01
CA SER A 32 -19.78 -4.78 2.38
C SER A 32 -18.27 -4.63 2.28
N GLU A 33 -17.79 -4.44 1.05
CA GLU A 33 -16.35 -4.27 0.79
C GLU A 33 -16.11 -3.56 -0.54
N PRO A 34 -16.73 -2.39 -0.76
CA PRO A 34 -16.58 -1.63 -2.01
C PRO A 34 -15.19 -1.01 -2.14
N ILE A 35 -14.76 -0.33 -1.07
CA ILE A 35 -13.45 0.32 -1.05
C ILE A 35 -13.34 1.41 -2.10
N VAL A 36 -12.98 2.61 -1.67
CA VAL A 36 -12.84 3.75 -2.58
C VAL A 36 -11.60 3.61 -3.46
N PRO A 37 -11.75 3.76 -4.79
CA PRO A 37 -10.63 3.65 -5.73
C PRO A 37 -9.75 4.88 -5.73
N VAL A 38 -8.44 4.67 -5.55
CA VAL A 38 -7.46 5.76 -5.53
C VAL A 38 -7.97 6.97 -4.73
N VAL A 39 -7.31 8.12 -4.94
CA VAL A 39 -7.67 9.36 -4.25
C VAL A 39 -7.52 9.21 -2.73
N GLU A 40 -7.35 10.33 -2.04
CA GLU A 40 -7.17 10.33 -0.59
C GLU A 40 -5.90 9.59 -0.20
N SER A 41 -4.84 9.79 -0.97
CA SER A 41 -3.56 9.15 -0.72
C SER A 41 -2.45 9.83 -1.52
N LYS A 42 -2.61 11.12 -1.77
CA LYS A 42 -1.63 11.89 -2.53
C LYS A 42 -0.49 12.35 -1.64
N ASN A 43 0.74 12.23 -2.14
CA ASN A 43 1.92 12.64 -1.39
C ASN A 43 3.16 12.60 -2.29
N GLU A 44 4.29 12.16 -1.74
CA GLU A 44 5.53 12.07 -2.51
C GLU A 44 5.82 13.39 -3.19
N VAL A 45 5.66 14.49 -2.46
CA VAL A 45 5.89 15.82 -2.99
C VAL A 45 7.39 16.16 -2.99
N LYS A 46 8.21 15.16 -3.33
CA LYS A 46 9.65 15.35 -3.37
C LYS A 46 10.16 15.95 -2.06
N ARG A 47 9.85 15.28 -0.95
CA ARG A 47 10.28 15.74 0.36
C ARG A 47 10.55 14.56 1.30
N GLN A 48 11.31 13.60 0.80
CA GLN A 48 11.67 12.41 1.56
C GLN A 48 12.68 11.56 0.80
N GLU A 49 13.78 11.21 1.48
CA GLU A 49 14.84 10.41 0.87
C GLU A 49 15.92 10.10 1.90
N ILE A 50 15.53 9.49 3.01
CA ILE A 50 16.47 9.15 4.07
C ILE A 50 15.91 8.04 4.96
N GLU A 51 15.23 7.08 4.35
CA GLU A 51 14.65 5.96 5.07
C GLU A 51 15.74 5.02 5.56
N GLU A 52 15.66 4.63 6.84
CA GLU A 52 16.63 3.72 7.46
C GLU A 52 17.95 4.45 7.74
N GLU A 53 18.45 5.18 6.75
CA GLU A 53 19.71 5.92 6.89
C GLU A 53 20.85 4.99 7.28
N GLU A 54 21.57 4.49 6.28
CA GLU A 54 22.70 3.60 6.52
C GLU A 54 23.95 4.39 6.89
N ASP A 55 23.76 5.54 7.51
CA ASP A 55 24.87 6.40 7.92
C ASP A 55 25.85 6.63 6.76
N PRO A 56 25.36 7.08 5.59
CA PRO A 56 26.24 7.33 4.43
C PRO A 56 27.19 8.49 4.66
N ASP A 57 26.64 9.62 5.08
CA ASP A 57 27.45 10.82 5.34
C ASP A 57 28.26 10.66 6.63
N LEU A 58 27.62 10.10 7.65
CA LEU A 58 28.27 9.89 8.94
C LEU A 58 29.52 9.03 8.80
N LYS A 59 29.40 7.95 8.04
CA LYS A 59 30.52 7.04 7.82
C LYS A 59 31.71 7.78 7.21
N ALA A 60 31.42 8.62 6.22
CA ALA A 60 32.46 9.38 5.55
C ALA A 60 33.09 10.41 6.49
N ALA A 61 32.27 11.02 7.33
CA ALA A 61 32.74 12.02 8.29
C ALA A 61 33.76 11.43 9.25
N ILE A 62 33.39 10.34 9.92
CA ILE A 62 34.29 9.69 10.87
C ILE A 62 35.52 9.14 10.18
N GLN A 63 35.34 8.58 8.98
CA GLN A 63 36.44 8.02 8.22
C GLN A 63 37.46 9.11 7.88
N GLU A 64 36.93 10.29 7.51
CA GLU A 64 37.78 11.42 7.15
C GLU A 64 38.59 11.91 8.35
N SER A 65 37.92 12.01 9.50
CA SER A 65 38.57 12.47 10.72
C SER A 65 39.70 11.52 11.13
N LEU A 66 39.42 10.22 11.07
CA LEU A 66 40.41 9.21 11.43
C LEU A 66 41.64 9.32 10.54
N ARG A 67 41.41 9.25 9.22
CA ARG A 67 42.50 9.36 8.25
C ARG A 67 43.31 10.62 8.52
N GLU A 68 42.62 11.70 8.84
CA GLU A 68 43.26 12.98 9.13
C GLU A 68 44.16 12.84 10.35
N ALA A 69 43.72 12.04 11.32
CA ALA A 69 44.48 11.83 12.55
C ALA A 69 45.80 11.12 12.27
N GLU A 70 45.74 9.98 11.60
CA GLU A 70 46.96 9.22 11.27
C GLU A 70 47.91 10.05 10.42
N GLU A 71 47.37 10.74 9.43
CA GLU A 71 48.18 11.57 8.54
C GLU A 71 48.83 12.72 9.31
N ALA A 72 48.05 13.36 10.18
CA ALA A 72 48.54 14.48 10.97
C ALA A 72 49.76 14.08 11.78
N LYS A 73 49.63 13.01 12.55
CA LYS A 73 50.73 12.51 13.37
C LYS A 73 51.87 11.97 12.50
N LEU A 74 51.49 11.41 11.36
CA LEU A 74 52.47 10.85 10.42
C LEU A 74 53.48 11.91 10.02
N ARG A 75 52.99 13.09 9.66
CA ARG A 75 53.86 14.19 9.26
C ARG A 75 54.62 14.75 10.46
N SER A 76 53.91 14.93 11.57
CA SER A 76 54.52 15.46 12.79
C SER A 76 55.63 14.54 13.29
N GLU A 77 56.86 15.06 13.34
CA GLU A 77 58.01 14.29 13.79
C GLU A 77 59.12 15.22 14.29
N ARG A 78 58.71 16.31 14.93
CA ARG A 78 59.67 17.28 15.46
C ARG A 78 59.08 18.03 16.66
N GLN A 79 59.80 18.00 17.78
CA GLN A 79 59.34 18.66 18.99
C GLN A 79 60.07 19.99 19.18
N LYS A 80 60.37 20.67 18.08
CA LYS A 80 61.07 21.95 18.13
C LYS A 80 60.15 23.05 18.66
N ALA A 81 58.94 23.10 18.13
CA ALA A 81 57.96 24.11 18.54
C ALA A 81 56.59 23.83 17.93
N MET A 1 58.40 20.54 21.29
CA MET A 1 58.40 19.12 21.71
C MET A 1 57.73 18.23 20.67
N ASP A 2 58.37 17.09 20.38
CA ASP A 2 57.85 16.14 19.40
C ASP A 2 58.66 14.85 19.41
N ARG A 3 58.75 14.19 18.25
CA ARG A 3 59.50 12.95 18.12
C ARG A 3 58.99 11.91 19.12
N ASP A 4 59.59 11.87 20.31
CA ASP A 4 59.19 10.92 21.33
C ASP A 4 57.75 11.16 21.76
N TYR A 5 56.98 10.08 21.85
CA TYR A 5 55.57 10.16 22.24
C TYR A 5 54.81 11.12 21.33
N SER A 6 55.08 11.02 20.03
CA SER A 6 54.43 11.87 19.04
C SER A 6 54.75 11.38 17.63
N THR A 7 55.13 12.31 16.74
CA THR A 7 55.47 11.97 15.36
C THR A 7 54.24 11.47 14.61
N PRO A 8 54.03 11.93 13.36
CA PRO A 8 52.89 11.53 12.54
C PRO A 8 53.01 10.09 12.06
N GLU A 9 52.17 9.71 11.09
CA GLU A 9 52.15 8.37 10.53
C GLU A 9 51.57 7.33 11.50
N ASP A 10 51.87 7.49 12.79
CA ASP A 10 51.38 6.56 13.81
C ASP A 10 49.87 6.67 13.98
N GLU A 11 49.40 6.55 15.23
CA GLU A 11 47.97 6.62 15.52
C GLU A 11 47.40 7.98 15.15
N GLU A 12 48.17 9.03 15.37
CA GLU A 12 47.73 10.39 15.07
C GLU A 12 47.24 10.51 13.63
N GLU A 13 47.97 9.88 12.70
CA GLU A 13 47.61 9.92 11.30
C GLU A 13 46.27 9.25 11.05
N LEU A 14 46.06 8.10 11.67
CA LEU A 14 44.81 7.35 11.51
C LEU A 14 43.62 8.13 12.07
N ILE A 15 43.79 8.70 13.26
CA ILE A 15 42.73 9.47 13.90
C ILE A 15 42.32 10.66 13.06
N ARG A 16 43.31 11.42 12.59
CA ARG A 16 43.05 12.60 11.76
C ARG A 16 42.29 12.19 10.50
N LYS A 17 42.78 11.14 9.85
CA LYS A 17 42.17 10.64 8.63
C LYS A 17 40.71 10.27 8.85
N ALA A 18 40.43 9.63 9.98
CA ALA A 18 39.07 9.21 10.32
C ALA A 18 38.12 10.41 10.48
N ILE A 19 38.58 11.42 11.21
CA ILE A 19 37.78 12.62 11.44
C ILE A 19 37.45 13.34 10.13
N GLU A 20 38.46 13.52 9.29
CA GLU A 20 38.29 14.19 8.01
C GLU A 20 37.34 13.42 7.09
N LEU A 21 37.51 12.10 7.06
CA LEU A 21 36.69 11.25 6.21
C LEU A 21 35.23 11.28 6.64
N SER A 22 34.98 11.15 7.94
CA SER A 22 33.63 11.16 8.48
C SER A 22 32.92 12.48 8.18
N LEU A 23 33.59 13.59 8.46
CA LEU A 23 33.02 14.91 8.22
C LEU A 23 32.79 15.17 6.73
N LYS A 24 33.74 14.73 5.91
CA LYS A 24 33.65 14.92 4.46
C LYS A 24 32.37 14.30 3.90
N GLU A 25 32.14 13.02 4.22
CA GLU A 25 30.94 12.32 3.74
C GLU A 25 29.68 12.85 4.42
N SER A 26 28.57 12.16 4.17
CA SER A 26 27.27 12.54 4.74
C SER A 26 26.71 13.79 4.07
N ARG A 27 27.46 14.88 4.11
CA ARG A 27 27.03 16.15 3.51
C ARG A 27 27.14 16.06 1.98
N ASN A 28 26.08 15.59 1.35
CA ASN A 28 26.04 15.46 -0.11
C ASN A 28 24.67 15.03 -0.58
N SER A 29 24.12 15.76 -1.55
CA SER A 29 22.81 15.45 -2.10
C SER A 29 22.91 14.40 -3.21
N ALA A 30 22.13 14.57 -4.27
CA ALA A 30 22.13 13.65 -5.40
C ALA A 30 21.80 12.22 -4.95
N SER A 31 20.86 12.10 -4.03
CA SER A 31 20.45 10.79 -3.53
C SER A 31 19.54 10.09 -4.54
N SER A 32 18.59 9.29 -4.04
CA SER A 32 17.66 8.58 -4.91
C SER A 32 16.65 9.53 -5.53
N GLU A 33 16.17 10.46 -4.71
CA GLU A 33 15.20 11.46 -5.15
C GLU A 33 13.92 10.79 -5.68
N PRO A 34 13.26 9.95 -4.85
CA PRO A 34 12.03 9.26 -5.26
C PRO A 34 10.89 10.23 -5.55
N ILE A 35 10.23 10.04 -6.69
CA ILE A 35 9.13 10.90 -7.08
C ILE A 35 7.83 10.50 -6.38
N VAL A 36 7.89 10.41 -5.05
CA VAL A 36 6.72 10.03 -4.27
C VAL A 36 5.59 11.05 -4.42
N PRO A 37 4.36 10.59 -4.69
CA PRO A 37 3.19 11.47 -4.87
C PRO A 37 2.83 12.23 -3.59
N VAL A 38 2.68 13.54 -3.71
CA VAL A 38 2.33 14.39 -2.57
C VAL A 38 0.81 14.48 -2.42
N VAL A 39 0.15 13.32 -2.42
CA VAL A 39 -1.31 13.26 -2.29
C VAL A 39 -1.76 12.02 -1.52
N GLU A 40 -2.75 12.19 -0.66
CA GLU A 40 -3.27 11.08 0.14
C GLU A 40 -3.81 9.97 -0.75
N SER A 41 -3.41 8.74 -0.44
CA SER A 41 -3.84 7.57 -1.21
C SER A 41 -5.21 7.08 -0.75
N LYS A 42 -6.24 7.89 -0.99
CA LYS A 42 -7.60 7.53 -0.60
C LYS A 42 -8.63 8.25 -1.46
N ASN A 43 -8.45 9.55 -1.66
CA ASN A 43 -9.37 10.34 -2.46
C ASN A 43 -9.37 9.87 -3.92
N GLU A 44 -10.57 9.79 -4.50
CA GLU A 44 -10.74 9.36 -5.88
C GLU A 44 -12.18 9.56 -6.33
N VAL A 45 -12.74 10.71 -5.97
CA VAL A 45 -14.11 11.06 -6.31
C VAL A 45 -14.29 11.21 -7.82
N LYS A 46 -15.39 10.66 -8.34
CA LYS A 46 -15.69 10.74 -9.76
C LYS A 46 -17.07 10.14 -10.05
N ARG A 47 -17.29 8.91 -9.58
CA ARG A 47 -18.56 8.23 -9.78
C ARG A 47 -19.61 8.75 -8.81
N GLN A 48 -19.19 9.02 -7.57
CA GLN A 48 -20.08 9.52 -6.52
C GLN A 48 -21.13 8.48 -6.14
N GLU A 49 -21.28 8.25 -4.83
CA GLU A 49 -22.25 7.29 -4.33
C GLU A 49 -23.68 7.74 -4.61
N ILE A 50 -24.52 6.80 -5.02
CA ILE A 50 -25.92 7.09 -5.33
C ILE A 50 -26.71 5.80 -5.50
N GLU A 51 -27.91 5.77 -4.92
CA GLU A 51 -28.78 4.61 -5.00
C GLU A 51 -30.24 5.02 -4.99
N GLU A 52 -30.56 6.08 -5.73
CA GLU A 52 -31.92 6.58 -5.81
C GLU A 52 -32.82 5.57 -6.53
N GLU A 53 -32.19 4.63 -7.23
CA GLU A 53 -32.92 3.60 -7.96
C GLU A 53 -33.96 2.92 -7.08
N GLU A 54 -35.08 2.56 -7.68
CA GLU A 54 -36.17 1.90 -6.97
C GLU A 54 -36.76 0.78 -7.81
N ASP A 55 -36.74 -0.44 -7.27
CA ASP A 55 -37.27 -1.59 -7.97
C ASP A 55 -38.24 -2.39 -7.08
N PRO A 56 -39.31 -1.75 -6.59
CA PRO A 56 -40.30 -2.41 -5.73
C PRO A 56 -41.05 -3.51 -6.47
N ASP A 57 -41.50 -3.20 -7.69
CA ASP A 57 -42.22 -4.16 -8.51
C ASP A 57 -41.34 -5.35 -8.86
N LEU A 58 -40.08 -5.06 -9.19
CA LEU A 58 -39.14 -6.12 -9.55
C LEU A 58 -39.02 -7.14 -8.43
N LYS A 59 -38.98 -6.66 -7.20
CA LYS A 59 -38.89 -7.53 -6.03
C LYS A 59 -40.04 -8.54 -6.01
N ALA A 60 -41.25 -8.04 -6.28
CA ALA A 60 -42.43 -8.88 -6.30
C ALA A 60 -42.32 -9.95 -7.38
N ALA A 61 -41.85 -9.55 -8.55
CA ALA A 61 -41.69 -10.47 -9.67
C ALA A 61 -40.72 -11.59 -9.32
N ILE A 62 -39.60 -11.23 -8.70
CA ILE A 62 -38.59 -12.20 -8.31
C ILE A 62 -39.14 -13.18 -7.27
N GLN A 63 -39.89 -12.66 -6.31
CA GLN A 63 -40.48 -13.47 -5.25
C GLN A 63 -41.44 -14.50 -5.85
N GLU A 64 -42.25 -14.06 -6.81
CA GLU A 64 -43.23 -14.93 -7.45
C GLU A 64 -42.53 -16.01 -8.29
N SER A 65 -41.47 -15.62 -8.98
CA SER A 65 -40.73 -16.56 -9.83
C SER A 65 -40.09 -17.66 -9.00
N LEU A 66 -39.41 -17.27 -7.93
CA LEU A 66 -38.73 -18.24 -7.06
C LEU A 66 -39.75 -19.17 -6.40
N ARG A 67 -40.81 -18.59 -5.86
CA ARG A 67 -41.85 -19.38 -5.20
C ARG A 67 -42.49 -20.35 -6.17
N GLU A 68 -42.82 -19.86 -7.36
CA GLU A 68 -43.43 -20.69 -8.39
C GLU A 68 -42.53 -21.87 -8.75
N ALA A 69 -41.24 -21.59 -8.88
CA ALA A 69 -40.27 -22.62 -9.21
C ALA A 69 -40.24 -23.70 -8.14
N GLU A 70 -40.30 -23.28 -6.87
CA GLU A 70 -40.28 -24.20 -5.75
C GLU A 70 -41.50 -25.12 -5.79
N GLU A 71 -42.66 -24.56 -6.10
CA GLU A 71 -43.90 -25.33 -6.17
C GLU A 71 -43.83 -26.38 -7.27
N ALA A 72 -43.42 -25.97 -8.46
CA ALA A 72 -43.31 -26.88 -9.60
C ALA A 72 -42.30 -27.98 -9.31
N LYS A 73 -41.16 -27.61 -8.73
CA LYS A 73 -40.11 -28.55 -8.39
C LYS A 73 -40.64 -29.60 -7.41
N LEU A 74 -41.37 -29.15 -6.40
CA LEU A 74 -41.94 -30.05 -5.40
C LEU A 74 -42.86 -31.06 -6.06
N ARG A 75 -43.71 -30.58 -6.97
CA ARG A 75 -44.64 -31.45 -7.68
C ARG A 75 -43.89 -32.50 -8.48
N SER A 76 -42.84 -32.06 -9.18
CA SER A 76 -42.03 -32.96 -9.99
C SER A 76 -41.35 -34.02 -9.13
N GLU A 77 -41.38 -35.27 -9.59
CA GLU A 77 -40.76 -36.38 -8.86
C GLU A 77 -40.28 -37.45 -9.83
N ARG A 78 -39.78 -37.03 -10.98
CA ARG A 78 -39.29 -37.96 -11.99
C ARG A 78 -37.78 -38.09 -11.92
N GLN A 79 -37.23 -38.01 -10.70
CA GLN A 79 -35.79 -38.14 -10.49
C GLN A 79 -35.03 -37.16 -11.39
N LYS A 80 -33.88 -37.60 -11.91
CA LYS A 80 -33.04 -36.79 -12.79
C LYS A 80 -32.31 -35.68 -12.02
N ALA A 81 -33.03 -34.96 -11.17
CA ALA A 81 -32.45 -33.90 -10.37
C ALA A 81 -33.44 -33.35 -9.36
N MET A 1 4.87 17.55 9.54
CA MET A 1 5.59 18.20 8.42
C MET A 1 7.10 18.13 8.62
N ASP A 2 7.81 17.69 7.60
CA ASP A 2 9.27 17.58 7.66
C ASP A 2 9.91 18.97 7.66
N ARG A 3 11.01 19.12 6.91
CA ARG A 3 11.72 20.40 6.84
C ARG A 3 12.20 20.83 8.22
N ASP A 4 12.90 19.93 8.90
CA ASP A 4 13.41 20.19 10.24
C ASP A 4 14.42 19.13 10.64
N TYR A 5 15.47 18.98 9.83
CA TYR A 5 16.51 17.99 10.07
C TYR A 5 15.95 16.58 9.96
N SER A 6 14.88 16.45 9.16
CA SER A 6 14.22 15.17 8.95
C SER A 6 13.20 15.28 7.82
N THR A 7 13.21 14.32 6.91
CA THR A 7 12.28 14.30 5.78
C THR A 7 12.43 13.02 4.96
N PRO A 8 11.31 12.36 4.61
CA PRO A 8 11.31 11.13 3.83
C PRO A 8 11.45 11.38 2.32
N GLU A 9 12.59 11.93 1.91
CA GLU A 9 12.83 12.21 0.49
C GLU A 9 13.19 10.94 -0.28
N ASP A 10 12.54 9.83 0.08
CA ASP A 10 12.76 8.55 -0.57
C ASP A 10 14.25 8.18 -0.58
N GLU A 11 14.70 7.52 -1.65
CA GLU A 11 16.09 7.10 -1.76
C GLU A 11 17.02 8.31 -1.79
N GLU A 12 16.60 9.36 -2.49
CA GLU A 12 17.39 10.58 -2.60
C GLU A 12 17.78 11.10 -1.22
N GLU A 13 16.91 10.89 -0.24
CA GLU A 13 17.17 11.34 1.13
C GLU A 13 18.41 10.68 1.72
N LEU A 14 18.42 9.35 1.70
CA LEU A 14 19.55 8.59 2.25
C LEU A 14 20.83 8.81 1.43
N ILE A 15 20.71 8.71 0.11
CA ILE A 15 21.85 8.89 -0.77
C ILE A 15 22.48 10.27 -0.60
N ARG A 16 21.63 11.30 -0.63
CA ARG A 16 22.10 12.67 -0.47
C ARG A 16 22.78 12.87 0.88
N LYS A 17 22.16 12.32 1.92
CA LYS A 17 22.70 12.44 3.27
C LYS A 17 24.12 11.90 3.34
N ALA A 18 24.34 10.73 2.75
CA ALA A 18 25.65 10.11 2.75
C ALA A 18 26.68 10.98 2.03
N ILE A 19 26.32 11.45 0.84
CA ILE A 19 27.21 12.30 0.04
C ILE A 19 27.56 13.58 0.78
N GLU A 20 26.55 14.24 1.34
CA GLU A 20 26.77 15.49 2.07
C GLU A 20 27.72 15.31 3.25
N LEU A 21 27.52 14.25 4.02
CA LEU A 21 28.35 13.96 5.18
C LEU A 21 29.80 13.73 4.76
N SER A 22 30.00 12.96 3.69
CA SER A 22 31.35 12.67 3.21
C SER A 22 32.04 13.94 2.71
N LEU A 23 31.32 14.77 1.96
CA LEU A 23 31.87 16.01 1.43
C LEU A 23 32.27 16.97 2.55
N LYS A 24 31.41 17.09 3.56
CA LYS A 24 31.68 17.99 4.68
C LYS A 24 32.96 17.59 5.41
N GLU A 25 33.10 16.31 5.73
CA GLU A 25 34.28 15.81 6.43
C GLU A 25 34.57 14.36 6.07
N SER A 26 35.85 14.04 5.90
CA SER A 26 36.27 12.69 5.58
C SER A 26 36.32 11.82 6.83
N ARG A 27 35.22 11.81 7.58
CA ARG A 27 35.14 11.03 8.81
C ARG A 27 35.49 9.57 8.57
N ASN A 28 36.20 8.96 9.51
CA ASN A 28 36.61 7.57 9.41
C ASN A 28 35.42 6.65 9.19
N SER A 29 34.28 7.01 9.79
CA SER A 29 33.06 6.21 9.65
C SER A 29 32.57 6.21 8.21
N ALA A 30 31.24 6.11 8.03
CA ALA A 30 30.65 6.10 6.70
C ALA A 30 31.27 5.01 5.83
N SER A 31 31.33 3.80 6.37
CA SER A 31 31.91 2.67 5.64
C SER A 31 31.55 1.35 6.32
N SER A 32 31.33 1.39 7.64
CA SER A 32 30.99 0.21 8.40
C SER A 32 29.66 -0.39 7.94
N GLU A 33 28.69 -0.49 8.84
CA GLU A 33 27.38 -1.04 8.50
C GLU A 33 26.26 -0.31 9.25
N PRO A 34 26.09 1.00 8.98
CA PRO A 34 25.05 1.81 9.62
C PRO A 34 23.65 1.21 9.43
N ILE A 35 23.42 0.64 8.26
CA ILE A 35 22.14 0.03 7.93
C ILE A 35 22.33 -1.41 7.46
N VAL A 36 21.36 -2.26 7.79
CA VAL A 36 21.43 -3.67 7.41
C VAL A 36 21.77 -3.82 5.92
N PRO A 37 22.79 -4.64 5.59
CA PRO A 37 23.22 -4.85 4.21
C PRO A 37 22.15 -5.56 3.38
N VAL A 38 22.55 -6.01 2.19
CA VAL A 38 21.64 -6.71 1.28
C VAL A 38 20.48 -5.81 0.86
N VAL A 39 20.23 -5.74 -0.45
CA VAL A 39 19.15 -4.94 -0.98
C VAL A 39 17.81 -5.63 -0.76
N GLU A 40 16.79 -4.85 -0.44
CA GLU A 40 15.46 -5.41 -0.20
C GLU A 40 15.04 -6.29 -1.37
N SER A 41 14.86 -7.58 -1.10
CA SER A 41 14.48 -8.53 -2.13
C SER A 41 13.28 -9.36 -1.67
N LYS A 42 12.20 -8.68 -1.29
CA LYS A 42 10.99 -9.36 -0.83
C LYS A 42 9.78 -8.46 -0.98
N ASN A 43 8.70 -9.02 -1.51
CA ASN A 43 7.47 -8.27 -1.72
C ASN A 43 6.90 -7.76 -0.40
N GLU A 44 6.54 -6.47 -0.38
CA GLU A 44 5.98 -5.85 0.81
C GLU A 44 4.50 -6.16 0.94
N VAL A 45 4.16 -7.45 0.84
CA VAL A 45 2.78 -7.90 0.93
C VAL A 45 1.96 -7.42 -0.27
N LYS A 46 1.19 -8.33 -0.85
CA LYS A 46 0.36 -8.01 -2.00
C LYS A 46 -0.92 -8.85 -2.01
N ARG A 47 -2.03 -8.23 -2.42
CA ARG A 47 -3.32 -8.91 -2.48
C ARG A 47 -3.83 -9.26 -1.08
N GLN A 48 -5.11 -9.03 -0.86
CA GLN A 48 -5.74 -9.31 0.43
C GLN A 48 -5.60 -10.78 0.80
N GLU A 49 -5.45 -11.04 2.11
CA GLU A 49 -5.30 -12.40 2.60
C GLU A 49 -6.11 -12.62 3.88
N ILE A 50 -7.34 -12.12 3.88
CA ILE A 50 -8.21 -12.26 5.03
C ILE A 50 -9.33 -13.24 4.76
N GLU A 51 -9.50 -14.20 5.66
CA GLU A 51 -10.53 -15.23 5.52
C GLU A 51 -11.92 -14.59 5.45
N GLU A 52 -12.76 -15.10 4.56
CA GLU A 52 -14.11 -14.57 4.39
C GLU A 52 -14.93 -14.75 5.67
N GLU A 53 -15.42 -13.64 6.19
CA GLU A 53 -16.24 -13.64 7.41
C GLU A 53 -16.63 -12.22 7.79
N GLU A 54 -17.93 -11.94 7.74
CA GLU A 54 -18.44 -10.61 8.08
C GLU A 54 -17.66 -9.52 7.37
N ASP A 55 -17.25 -9.80 6.14
CA ASP A 55 -16.48 -8.84 5.34
C ASP A 55 -17.36 -7.65 4.92
N PRO A 56 -16.82 -6.43 5.01
CA PRO A 56 -17.56 -5.22 4.64
C PRO A 56 -17.94 -5.21 3.15
N ASP A 57 -16.97 -5.55 2.30
CA ASP A 57 -17.21 -5.60 0.86
C ASP A 57 -18.18 -6.73 0.50
N LEU A 58 -17.96 -7.90 1.10
CA LEU A 58 -18.82 -9.05 0.84
C LEU A 58 -20.27 -8.72 1.16
N LYS A 59 -20.49 -8.07 2.31
CA LYS A 59 -21.83 -7.69 2.72
C LYS A 59 -22.48 -6.81 1.66
N ALA A 60 -21.74 -5.82 1.18
CA ALA A 60 -22.24 -4.92 0.16
C ALA A 60 -22.62 -5.67 -1.11
N ALA A 61 -21.81 -6.67 -1.44
CA ALA A 61 -22.06 -7.50 -2.62
C ALA A 61 -23.40 -8.21 -2.51
N ILE A 62 -23.66 -8.77 -1.33
CA ILE A 62 -24.92 -9.47 -1.09
C ILE A 62 -26.11 -8.54 -1.24
N GLN A 63 -25.98 -7.33 -0.69
CA GLN A 63 -27.05 -6.34 -0.76
C GLN A 63 -27.38 -6.02 -2.22
N GLU A 64 -26.35 -5.82 -3.03
CA GLU A 64 -26.53 -5.51 -4.44
C GLU A 64 -27.17 -6.68 -5.18
N SER A 65 -26.77 -7.89 -4.80
CA SER A 65 -27.30 -9.10 -5.43
C SER A 65 -28.79 -9.26 -5.15
N LEU A 66 -29.19 -9.00 -3.91
CA LEU A 66 -30.58 -9.12 -3.51
C LEU A 66 -31.45 -8.09 -4.21
N ARG A 67 -31.00 -6.84 -4.23
CA ARG A 67 -31.74 -5.76 -4.86
C ARG A 67 -31.85 -5.99 -6.37
N GLU A 68 -30.73 -6.37 -6.99
CA GLU A 68 -30.70 -6.61 -8.42
C GLU A 68 -31.62 -7.76 -8.80
N ALA A 69 -31.57 -8.83 -8.03
CA ALA A 69 -32.41 -10.00 -8.28
C ALA A 69 -33.88 -9.66 -8.15
N GLU A 70 -34.21 -8.90 -7.11
CA GLU A 70 -35.60 -8.49 -6.85
C GLU A 70 -36.13 -7.68 -8.02
N GLU A 71 -35.32 -6.74 -8.51
CA GLU A 71 -35.71 -5.89 -9.62
C GLU A 71 -35.88 -6.70 -10.90
N ALA A 72 -34.97 -7.65 -11.11
CA ALA A 72 -35.02 -8.51 -12.30
C ALA A 72 -36.30 -9.33 -12.35
N LYS A 73 -36.69 -9.89 -11.21
CA LYS A 73 -37.90 -10.70 -11.13
C LYS A 73 -39.16 -9.84 -11.28
N LEU A 74 -39.18 -8.70 -10.59
CA LEU A 74 -40.32 -7.80 -10.64
C LEU A 74 -40.58 -7.33 -12.07
N ARG A 75 -39.56 -6.79 -12.71
CA ARG A 75 -39.68 -6.30 -14.09
C ARG A 75 -39.84 -7.46 -15.06
N SER A 76 -38.89 -8.40 -15.02
CA SER A 76 -38.92 -9.57 -15.90
C SER A 76 -39.16 -9.16 -17.35
N GLU A 77 -38.38 -8.18 -17.81
CA GLU A 77 -38.50 -7.69 -19.18
C GLU A 77 -38.25 -8.80 -20.19
N ARG A 78 -37.18 -9.56 -19.98
CA ARG A 78 -36.83 -10.65 -20.90
C ARG A 78 -36.10 -11.78 -20.17
N GLN A 79 -36.72 -12.28 -19.10
CA GLN A 79 -36.13 -13.37 -18.32
C GLN A 79 -35.88 -14.59 -19.22
N LYS A 80 -34.61 -15.03 -19.26
CA LYS A 80 -34.24 -16.17 -20.07
C LYS A 80 -34.59 -17.48 -19.38
N ALA A 81 -34.24 -17.58 -18.09
CA ALA A 81 -34.52 -18.78 -17.30
C ALA A 81 -34.16 -18.55 -15.83
N MET A 1 24.69 14.93 -5.54
CA MET A 1 23.90 13.88 -6.23
C MET A 1 22.40 14.14 -6.09
N ASP A 2 21.99 14.49 -4.87
CA ASP A 2 20.59 14.77 -4.58
C ASP A 2 20.06 15.89 -5.47
N ARG A 3 18.81 15.74 -5.91
CA ARG A 3 18.19 16.74 -6.77
C ARG A 3 16.68 16.53 -6.86
N ASP A 4 16.25 15.27 -6.70
CA ASP A 4 14.84 14.92 -6.76
C ASP A 4 14.10 15.36 -5.50
N TYR A 5 14.00 16.69 -5.31
CA TYR A 5 13.32 17.25 -4.16
C TYR A 5 13.98 16.84 -2.84
N SER A 6 15.31 16.97 -2.78
CA SER A 6 16.05 16.62 -1.58
C SER A 6 17.52 17.00 -1.72
N THR A 7 17.77 18.09 -2.43
CA THR A 7 19.14 18.57 -2.64
C THR A 7 19.71 19.23 -1.38
N PRO A 8 20.99 18.95 -1.08
CA PRO A 8 21.66 19.52 0.09
C PRO A 8 22.11 20.96 -0.13
N GLU A 9 21.99 21.79 0.89
CA GLU A 9 22.39 23.19 0.79
C GLU A 9 22.36 23.87 2.16
N ASP A 10 23.35 24.71 2.41
CA ASP A 10 23.45 25.45 3.66
C ASP A 10 23.62 24.49 4.85
N GLU A 11 22.96 24.83 5.98
CA GLU A 11 23.04 23.99 7.17
C GLU A 11 22.50 22.60 6.93
N GLU A 12 21.41 22.51 6.18
CA GLU A 12 20.79 21.21 5.89
C GLU A 12 21.82 20.24 5.29
N GLU A 13 22.72 20.77 4.47
CA GLU A 13 23.75 19.95 3.84
C GLU A 13 24.62 19.29 4.90
N LEU A 14 25.08 20.09 5.87
CA LEU A 14 25.92 19.58 6.95
C LEU A 14 25.18 18.52 7.77
N ILE A 15 23.89 18.77 8.00
CA ILE A 15 23.07 17.83 8.77
C ILE A 15 23.01 16.47 8.09
N ARG A 16 22.76 16.46 6.79
CA ARG A 16 22.68 15.22 6.02
C ARG A 16 24.00 14.46 6.10
N LYS A 17 25.11 15.17 5.89
CA LYS A 17 26.43 14.55 5.94
C LYS A 17 26.69 13.94 7.31
N ALA A 18 26.41 14.70 8.36
CA ALA A 18 26.61 14.23 9.73
C ALA A 18 25.87 12.92 9.97
N ILE A 19 24.63 12.85 9.47
CA ILE A 19 23.82 11.65 9.63
C ILE A 19 24.46 10.46 8.90
N GLU A 20 24.98 10.71 7.70
CA GLU A 20 25.60 9.66 6.91
C GLU A 20 26.79 9.03 7.65
N LEU A 21 27.69 9.86 8.15
CA LEU A 21 28.86 9.38 8.89
C LEU A 21 28.45 8.73 10.20
N SER A 22 27.48 9.32 10.87
CA SER A 22 26.99 8.80 12.15
C SER A 22 26.49 7.37 11.99
N LEU A 23 25.71 7.13 10.95
CA LEU A 23 25.16 5.80 10.69
C LEU A 23 26.26 4.85 10.22
N LYS A 24 27.11 5.35 9.32
CA LYS A 24 28.21 4.56 8.78
C LYS A 24 29.31 4.35 9.82
N GLU A 25 29.10 4.89 11.02
CA GLU A 25 30.07 4.76 12.10
C GLU A 25 30.19 3.31 12.55
N SER A 26 30.05 3.05 13.86
CA SER A 26 30.15 1.71 14.39
C SER A 26 29.05 0.82 13.80
N ARG A 27 27.84 1.35 13.75
CA ARG A 27 26.70 0.63 13.21
C ARG A 27 26.90 0.32 11.72
N ASN A 28 26.41 -0.84 11.29
CA ASN A 28 26.54 -1.26 9.90
C ASN A 28 25.61 -0.45 8.99
N SER A 29 25.86 0.85 8.88
CA SER A 29 25.06 1.73 8.05
C SER A 29 23.59 1.74 8.52
N ALA A 30 22.66 1.84 7.58
CA ALA A 30 21.24 1.85 7.92
C ALA A 30 20.82 0.55 8.57
N SER A 31 21.29 -0.57 8.02
CA SER A 31 20.96 -1.89 8.53
C SER A 31 19.45 -2.10 8.56
N SER A 32 18.78 -1.64 7.51
CA SER A 32 17.33 -1.79 7.41
C SER A 32 16.95 -3.23 7.10
N GLU A 33 17.73 -3.86 6.24
CA GLU A 33 17.48 -5.25 5.84
C GLU A 33 16.09 -5.41 5.22
N PRO A 34 15.82 -4.67 4.12
CA PRO A 34 14.52 -4.72 3.43
C PRO A 34 14.36 -5.98 2.58
N ILE A 35 14.75 -7.13 3.11
CA ILE A 35 14.64 -8.39 2.40
C ILE A 35 13.17 -8.72 2.12
N VAL A 36 12.88 -9.11 0.87
CA VAL A 36 11.52 -9.45 0.48
C VAL A 36 11.00 -10.69 1.19
N PRO A 37 9.83 -10.59 1.84
CA PRO A 37 9.22 -11.70 2.57
C PRO A 37 8.46 -12.64 1.65
N VAL A 38 8.51 -13.93 1.96
CA VAL A 38 7.82 -14.95 1.16
C VAL A 38 6.33 -14.63 1.05
N VAL A 39 5.78 -14.82 -0.15
CA VAL A 39 4.36 -14.54 -0.40
C VAL A 39 3.72 -15.70 -1.18
N GLU A 40 2.78 -15.38 -2.07
CA GLU A 40 2.09 -16.39 -2.88
C GLU A 40 1.67 -17.59 -2.02
N SER A 41 1.92 -18.80 -2.52
CA SER A 41 1.55 -20.02 -1.80
C SER A 41 2.04 -19.98 -0.35
N LYS A 42 1.14 -20.26 0.57
CA LYS A 42 1.45 -20.26 1.99
C LYS A 42 0.24 -20.70 2.82
N ASN A 43 0.48 -21.45 3.88
CA ASN A 43 -0.60 -21.93 4.73
C ASN A 43 -0.28 -21.69 6.22
N GLU A 44 -0.02 -20.44 6.56
CA GLU A 44 0.30 -20.08 7.94
C GLU A 44 -0.45 -18.81 8.36
N VAL A 45 -1.72 -18.74 7.96
CA VAL A 45 -2.56 -17.58 8.30
C VAL A 45 -2.04 -16.30 7.66
N LYS A 46 -2.93 -15.57 6.99
CA LYS A 46 -2.58 -14.32 6.34
C LYS A 46 -3.81 -13.66 5.72
N ARG A 47 -3.96 -12.36 5.95
CA ARG A 47 -5.10 -11.62 5.42
C ARG A 47 -5.06 -11.60 3.90
N GLN A 48 -6.16 -12.06 3.28
CA GLN A 48 -6.26 -12.09 1.82
C GLN A 48 -7.60 -12.67 1.39
N GLU A 49 -8.02 -13.75 2.05
CA GLU A 49 -9.29 -14.40 1.74
C GLU A 49 -9.64 -15.44 2.81
N ILE A 50 -10.89 -15.42 3.24
CA ILE A 50 -11.37 -16.35 4.26
C ILE A 50 -11.64 -17.74 3.68
N GLU A 51 -10.78 -18.17 2.75
CA GLU A 51 -10.91 -19.48 2.11
C GLU A 51 -12.20 -19.57 1.29
N GLU A 52 -12.10 -20.17 0.11
CA GLU A 52 -13.25 -20.32 -0.78
C GLU A 52 -12.89 -21.23 -1.95
N GLU A 53 -11.85 -20.85 -2.69
CA GLU A 53 -11.39 -21.62 -3.83
C GLU A 53 -12.45 -21.70 -4.93
N GLU A 54 -13.01 -20.54 -5.28
CA GLU A 54 -14.03 -20.46 -6.34
C GLU A 54 -15.32 -21.19 -5.94
N ASP A 55 -16.45 -20.57 -6.26
CA ASP A 55 -17.77 -21.13 -5.97
C ASP A 55 -18.86 -20.30 -6.61
N PRO A 56 -19.85 -20.95 -7.27
CA PRO A 56 -20.95 -20.25 -7.94
C PRO A 56 -21.69 -19.30 -7.00
N ASP A 57 -21.95 -19.75 -5.79
CA ASP A 57 -22.67 -18.94 -4.80
C ASP A 57 -21.93 -17.64 -4.53
N LEU A 58 -20.61 -17.72 -4.39
CA LEU A 58 -19.78 -16.55 -4.12
C LEU A 58 -19.92 -15.53 -5.23
N LYS A 59 -19.82 -15.99 -6.48
CA LYS A 59 -19.93 -15.12 -7.64
C LYS A 59 -21.30 -14.42 -7.66
N ALA A 60 -22.35 -15.19 -7.40
CA ALA A 60 -23.71 -14.65 -7.38
C ALA A 60 -23.84 -13.56 -6.33
N ALA A 61 -23.22 -13.79 -5.17
CA ALA A 61 -23.26 -12.82 -4.08
C ALA A 61 -22.64 -11.49 -4.50
N ILE A 62 -21.48 -11.55 -5.13
CA ILE A 62 -20.79 -10.35 -5.58
C ILE A 62 -21.64 -9.57 -6.57
N GLN A 63 -22.20 -10.26 -7.56
CA GLN A 63 -23.03 -9.62 -8.58
C GLN A 63 -24.25 -8.97 -7.94
N GLU A 64 -24.87 -9.67 -7.00
CA GLU A 64 -26.06 -9.16 -6.32
C GLU A 64 -25.77 -7.86 -5.59
N SER A 65 -24.66 -7.82 -4.87
CA SER A 65 -24.26 -6.63 -4.13
C SER A 65 -23.98 -5.45 -5.06
N LEU A 66 -23.20 -5.71 -6.10
CA LEU A 66 -22.86 -4.67 -7.06
C LEU A 66 -24.11 -4.11 -7.73
N ARG A 67 -25.03 -5.00 -8.09
CA ARG A 67 -26.27 -4.61 -8.74
C ARG A 67 -27.11 -3.72 -7.83
N GLU A 68 -27.18 -4.09 -6.55
CA GLU A 68 -27.96 -3.32 -5.58
C GLU A 68 -27.41 -1.91 -5.43
N ALA A 69 -26.09 -1.78 -5.34
CA ALA A 69 -25.44 -0.49 -5.19
C ALA A 69 -25.66 0.40 -6.41
N GLU A 70 -25.39 -0.15 -7.59
CA GLU A 70 -25.53 0.59 -8.84
C GLU A 70 -26.97 1.04 -9.07
N GLU A 71 -27.91 0.12 -8.85
CA GLU A 71 -29.33 0.43 -9.04
C GLU A 71 -29.82 1.49 -8.06
N ALA A 72 -29.40 1.36 -6.80
CA ALA A 72 -29.80 2.30 -5.75
C ALA A 72 -29.34 3.72 -6.08
N LYS A 73 -28.06 3.86 -6.42
CA LYS A 73 -27.50 5.18 -6.74
C LYS A 73 -28.12 5.73 -8.02
N LEU A 74 -28.25 4.88 -9.04
CA LEU A 74 -28.81 5.29 -10.31
C LEU A 74 -30.22 5.86 -10.15
N ARG A 75 -31.03 5.18 -9.34
CA ARG A 75 -32.41 5.60 -9.10
C ARG A 75 -32.46 6.97 -8.43
N SER A 76 -31.64 7.15 -7.41
CA SER A 76 -31.59 8.42 -6.68
C SER A 76 -31.00 9.54 -7.54
N GLU A 77 -30.10 10.33 -6.96
CA GLU A 77 -29.46 11.43 -7.68
C GLU A 77 -30.50 12.42 -8.20
N ARG A 78 -31.43 12.80 -7.34
CA ARG A 78 -32.47 13.76 -7.70
C ARG A 78 -32.36 15.03 -6.88
N GLN A 79 -31.20 15.68 -6.95
CA GLN A 79 -30.96 16.91 -6.22
C GLN A 79 -31.89 18.03 -6.69
N LYS A 80 -31.47 19.28 -6.48
CA LYS A 80 -32.26 20.42 -6.89
C LYS A 80 -32.30 20.54 -8.41
N ALA A 81 -33.49 20.78 -8.96
CA ALA A 81 -33.66 20.92 -10.40
C ALA A 81 -35.08 21.37 -10.74
N MET A 1 -70.03 -17.59 -19.60
CA MET A 1 -68.56 -17.69 -19.73
C MET A 1 -67.95 -18.49 -18.58
N ASP A 2 -68.48 -18.27 -17.38
CA ASP A 2 -67.99 -18.96 -16.19
C ASP A 2 -68.06 -20.47 -16.36
N ARG A 3 -67.07 -21.17 -15.83
CA ARG A 3 -67.03 -22.62 -15.92
C ARG A 3 -66.51 -23.25 -14.63
N ASP A 4 -65.35 -22.78 -14.18
CA ASP A 4 -64.75 -23.29 -12.95
C ASP A 4 -65.12 -22.42 -11.76
N TYR A 5 -66.24 -21.71 -11.87
CA TYR A 5 -66.73 -20.84 -10.81
C TYR A 5 -65.63 -19.91 -10.32
N SER A 6 -64.79 -19.44 -11.25
CA SER A 6 -63.69 -18.54 -10.91
C SER A 6 -63.12 -17.88 -12.16
N THR A 7 -63.98 -17.16 -12.89
CA THR A 7 -63.58 -16.48 -14.11
C THR A 7 -62.39 -15.56 -13.85
N PRO A 8 -61.38 -15.57 -14.75
CA PRO A 8 -60.19 -14.73 -14.61
C PRO A 8 -60.54 -13.24 -14.55
N GLU A 9 -59.95 -12.54 -13.60
CA GLU A 9 -60.21 -11.11 -13.43
C GLU A 9 -59.39 -10.27 -14.42
N ASP A 10 -59.35 -10.72 -15.67
CA ASP A 10 -58.61 -10.02 -16.72
C ASP A 10 -57.13 -9.84 -16.33
N GLU A 11 -56.65 -8.60 -16.39
CA GLU A 11 -55.26 -8.30 -16.05
C GLU A 11 -54.86 -8.91 -14.71
N GLU A 12 -55.77 -8.87 -13.75
CA GLU A 12 -55.51 -9.42 -12.43
C GLU A 12 -54.98 -10.84 -12.52
N GLU A 13 -55.56 -11.64 -13.42
CA GLU A 13 -55.14 -13.02 -13.60
C GLU A 13 -53.66 -13.07 -13.97
N LEU A 14 -53.27 -12.21 -14.92
CA LEU A 14 -51.88 -12.14 -15.35
C LEU A 14 -50.98 -11.77 -14.18
N ILE A 15 -51.51 -10.92 -13.29
CA ILE A 15 -50.76 -10.49 -12.12
C ILE A 15 -50.52 -11.67 -11.19
N ARG A 16 -51.52 -12.53 -11.05
CA ARG A 16 -51.41 -13.71 -10.19
C ARG A 16 -50.31 -14.63 -10.69
N LYS A 17 -50.40 -15.03 -11.96
CA LYS A 17 -49.41 -15.92 -12.55
C LYS A 17 -48.02 -15.28 -12.53
N ALA A 18 -47.98 -13.96 -12.75
CA ALA A 18 -46.72 -13.24 -12.74
C ALA A 18 -46.02 -13.39 -11.40
N ILE A 19 -46.78 -13.21 -10.32
CA ILE A 19 -46.23 -13.34 -8.98
C ILE A 19 -45.73 -14.77 -8.77
N GLU A 20 -46.48 -15.73 -9.28
CA GLU A 20 -46.09 -17.14 -9.16
C GLU A 20 -44.69 -17.33 -9.75
N LEU A 21 -44.47 -16.75 -10.92
CA LEU A 21 -43.18 -16.83 -11.59
C LEU A 21 -42.10 -16.23 -10.69
N SER A 22 -42.43 -15.10 -10.08
CA SER A 22 -41.50 -14.42 -9.19
C SER A 22 -41.12 -15.34 -8.03
N LEU A 23 -42.12 -16.07 -7.52
CA LEU A 23 -41.89 -16.99 -6.43
C LEU A 23 -40.87 -18.06 -6.83
N LYS A 24 -41.01 -18.58 -8.05
CA LYS A 24 -40.11 -19.59 -8.56
C LYS A 24 -38.66 -19.11 -8.50
N GLU A 25 -38.48 -17.80 -8.75
CA GLU A 25 -37.16 -17.19 -8.72
C GLU A 25 -36.26 -17.72 -9.83
N SER A 26 -35.51 -16.82 -10.46
CA SER A 26 -34.60 -17.18 -11.54
C SER A 26 -33.51 -18.13 -11.05
N ARG A 27 -33.21 -19.14 -11.85
CA ARG A 27 -32.19 -20.12 -11.51
C ARG A 27 -30.83 -19.46 -11.30
N ASN A 28 -30.11 -19.90 -10.28
CA ASN A 28 -28.79 -19.36 -9.97
C ASN A 28 -28.89 -17.86 -9.63
N SER A 29 -27.93 -17.09 -10.15
CA SER A 29 -27.90 -15.64 -9.91
C SER A 29 -27.65 -15.32 -8.44
N ALA A 30 -26.73 -14.39 -8.19
CA ALA A 30 -26.40 -13.99 -6.83
C ALA A 30 -25.46 -12.79 -6.82
N SER A 31 -25.78 -11.80 -5.99
CA SER A 31 -24.96 -10.59 -5.88
C SER A 31 -23.62 -10.90 -5.21
N SER A 32 -23.20 -10.04 -4.28
CA SER A 32 -21.94 -10.22 -3.57
C SER A 32 -20.76 -10.19 -4.55
N GLU A 33 -19.69 -10.92 -4.22
CA GLU A 33 -18.52 -10.98 -5.07
C GLU A 33 -17.93 -9.58 -5.24
N PRO A 34 -17.40 -9.00 -4.15
CA PRO A 34 -16.81 -7.65 -4.17
C PRO A 34 -15.76 -7.49 -5.27
N ILE A 35 -15.91 -6.44 -6.07
CA ILE A 35 -14.98 -6.15 -7.15
C ILE A 35 -13.75 -5.41 -6.64
N VAL A 36 -12.58 -5.79 -7.13
CA VAL A 36 -11.33 -5.16 -6.73
C VAL A 36 -11.10 -5.28 -5.22
N PRO A 37 -10.79 -6.50 -4.74
CA PRO A 37 -10.54 -6.74 -3.32
C PRO A 37 -9.26 -6.05 -2.85
N VAL A 38 -9.33 -5.38 -1.71
CA VAL A 38 -8.18 -4.68 -1.16
C VAL A 38 -7.04 -5.63 -0.85
N VAL A 39 -5.89 -5.39 -1.48
CA VAL A 39 -4.72 -6.23 -1.28
C VAL A 39 -3.56 -5.77 -2.17
N GLU A 40 -2.36 -5.72 -1.60
CA GLU A 40 -1.17 -5.31 -2.34
C GLU A 40 0.09 -5.56 -1.52
N SER A 41 -0.09 -6.25 -0.39
CA SER A 41 1.03 -6.57 0.50
C SER A 41 1.84 -5.31 0.81
N LYS A 42 3.17 -5.45 0.89
CA LYS A 42 4.04 -4.31 1.18
C LYS A 42 5.51 -4.72 1.06
N ASN A 43 6.30 -3.89 0.39
CA ASN A 43 7.72 -4.16 0.20
C ASN A 43 8.53 -2.88 0.27
N GLU A 44 9.69 -2.94 0.92
CA GLU A 44 10.57 -1.79 1.05
C GLU A 44 11.90 -2.19 1.68
N VAL A 45 12.65 -3.04 0.98
CA VAL A 45 13.94 -3.52 1.45
C VAL A 45 14.90 -3.75 0.29
N LYS A 46 14.88 -2.83 -0.67
CA LYS A 46 15.76 -2.94 -1.84
C LYS A 46 17.22 -2.73 -1.46
N ARG A 47 17.47 -1.72 -0.62
CA ARG A 47 18.83 -1.41 -0.18
C ARG A 47 18.81 -0.41 0.98
N GLN A 48 19.60 -0.70 2.00
CA GLN A 48 19.69 0.16 3.18
C GLN A 48 20.73 -0.37 4.16
N GLU A 49 21.44 0.54 4.80
CA GLU A 49 22.48 0.14 5.76
C GLU A 49 22.44 1.03 7.00
N ILE A 50 22.48 0.39 8.17
CA ILE A 50 22.46 1.11 9.44
C ILE A 50 23.76 0.90 10.21
N GLU A 51 24.51 1.98 10.41
CA GLU A 51 25.78 1.92 11.13
C GLU A 51 26.47 3.28 11.12
N GLU A 52 27.04 3.67 12.26
CA GLU A 52 27.72 4.95 12.37
C GLU A 52 28.54 5.04 13.66
N GLU A 53 29.15 3.92 14.04
CA GLU A 53 29.96 3.86 15.25
C GLU A 53 31.43 3.76 14.89
N GLU A 54 31.86 4.61 13.95
CA GLU A 54 33.24 4.63 13.49
C GLU A 54 33.60 6.01 12.96
N ASP A 55 34.76 6.51 13.35
CA ASP A 55 35.22 7.82 12.92
C ASP A 55 36.74 7.86 12.74
N PRO A 56 37.31 6.93 11.94
CA PRO A 56 38.75 6.89 11.70
C PRO A 56 39.26 8.21 11.14
N ASP A 57 38.45 8.82 10.27
CA ASP A 57 38.80 10.09 9.65
C ASP A 57 39.03 11.16 10.70
N LEU A 58 38.24 11.13 11.77
CA LEU A 58 38.37 12.11 12.84
C LEU A 58 39.78 12.10 13.40
N LYS A 59 40.28 10.91 13.72
CA LYS A 59 41.63 10.76 14.25
C LYS A 59 42.66 11.30 13.26
N ALA A 60 42.42 11.04 11.98
CA ALA A 60 43.32 11.51 10.93
C ALA A 60 43.34 13.03 10.87
N ALA A 61 42.18 13.65 11.06
CA ALA A 61 42.05 15.11 11.04
C ALA A 61 42.85 15.75 12.17
N ILE A 62 42.64 15.24 13.39
CA ILE A 62 43.35 15.77 14.55
C ILE A 62 44.84 15.59 14.40
N GLN A 63 45.24 14.39 13.98
CA GLN A 63 46.65 14.08 13.78
C GLN A 63 47.25 15.01 12.72
N GLU A 64 46.48 15.25 11.66
CA GLU A 64 46.91 16.12 10.58
C GLU A 64 47.17 17.53 11.10
N SER A 65 46.28 18.01 11.96
CA SER A 65 46.41 19.34 12.53
C SER A 65 47.71 19.44 13.33
N LEU A 66 47.98 18.43 14.14
CA LEU A 66 49.19 18.39 14.95
C LEU A 66 50.43 18.41 14.07
N ARG A 67 50.38 17.65 12.98
CA ARG A 67 51.50 17.57 12.05
C ARG A 67 51.76 18.94 11.42
N GLU A 68 50.67 19.61 11.00
CA GLU A 68 50.78 20.93 10.39
C GLU A 68 51.46 21.91 11.34
N ALA A 69 51.05 21.87 12.60
CA ALA A 69 51.63 22.74 13.62
C ALA A 69 53.11 22.45 13.80
N GLU A 70 53.45 21.17 13.74
CA GLU A 70 54.84 20.73 13.90
C GLU A 70 55.71 21.31 12.78
N GLU A 71 55.17 21.29 11.56
CA GLU A 71 55.91 21.81 10.40
C GLU A 71 56.11 23.31 10.51
N ALA A 72 55.04 24.03 10.85
CA ALA A 72 55.11 25.48 11.00
C ALA A 72 56.09 25.89 12.08
N LYS A 73 56.03 25.19 13.22
CA LYS A 73 56.91 25.48 14.34
C LYS A 73 58.35 25.11 13.99
N LEU A 74 58.51 23.99 13.29
CA LEU A 74 59.83 23.52 12.89
C LEU A 74 60.54 24.58 12.05
N ARG A 75 59.87 25.05 11.02
CA ARG A 75 60.42 26.07 10.14
C ARG A 75 60.63 27.38 10.91
N SER A 76 59.55 27.86 11.53
CA SER A 76 59.59 29.08 12.32
C SER A 76 60.34 30.20 11.59
N GLU A 77 61.43 30.68 12.19
CA GLU A 77 62.23 31.76 11.59
C GLU A 77 61.43 33.05 11.53
N ARG A 78 60.67 33.32 12.57
CA ARG A 78 59.86 34.53 12.63
C ARG A 78 60.74 35.75 12.86
N GLN A 79 60.50 36.81 12.07
CA GLN A 79 61.27 38.05 12.16
C GLN A 79 62.67 37.88 11.55
N LYS A 80 63.38 36.83 11.99
CA LYS A 80 64.72 36.55 11.49
C LYS A 80 64.65 35.98 10.08
N ALA A 81 65.57 36.42 9.22
CA ALA A 81 65.62 35.95 7.84
C ALA A 81 64.31 36.23 7.10
N MET A 1 -40.65 -5.31 -9.42
CA MET A 1 -40.80 -3.96 -8.83
C MET A 1 -42.19 -3.39 -9.12
N ASP A 2 -43.21 -4.23 -8.93
CA ASP A 2 -44.59 -3.82 -9.17
C ASP A 2 -45.06 -2.84 -8.10
N ARG A 3 -46.33 -2.95 -7.71
CA ARG A 3 -46.90 -2.08 -6.70
C ARG A 3 -46.73 -0.61 -7.08
N ASP A 4 -46.87 -0.33 -8.38
CA ASP A 4 -46.74 1.03 -8.89
C ASP A 4 -47.92 1.40 -9.77
N TYR A 5 -49.13 1.18 -9.25
CA TYR A 5 -50.35 1.48 -9.99
C TYR A 5 -50.44 0.62 -11.25
N SER A 6 -50.40 -0.70 -11.06
CA SER A 6 -50.46 -1.64 -12.17
C SER A 6 -50.99 -2.98 -11.71
N THR A 7 -50.57 -3.39 -10.52
CA THR A 7 -50.97 -4.65 -9.88
C THR A 7 -50.77 -5.86 -10.80
N PRO A 8 -50.29 -6.99 -10.23
CA PRO A 8 -50.06 -8.23 -10.98
C PRO A 8 -51.30 -8.65 -11.78
N GLU A 9 -51.07 -9.11 -13.01
CA GLU A 9 -52.17 -9.54 -13.87
C GLU A 9 -52.67 -10.92 -13.49
N ASP A 10 -51.80 -11.91 -13.59
CA ASP A 10 -52.13 -13.29 -13.26
C ASP A 10 -50.90 -14.19 -13.43
N GLU A 11 -50.54 -14.46 -14.67
CA GLU A 11 -49.37 -15.27 -14.97
C GLU A 11 -48.10 -14.43 -14.90
N GLU A 12 -48.20 -13.21 -15.40
CA GLU A 12 -47.08 -12.28 -15.39
C GLU A 12 -46.55 -12.10 -13.97
N GLU A 13 -47.45 -12.23 -13.00
CA GLU A 13 -47.07 -12.09 -11.60
C GLU A 13 -45.96 -13.08 -11.24
N LEU A 14 -46.24 -14.37 -11.46
CA LEU A 14 -45.27 -15.41 -11.16
C LEU A 14 -43.99 -15.21 -11.97
N ILE A 15 -44.16 -14.86 -13.25
CA ILE A 15 -43.02 -14.63 -14.12
C ILE A 15 -42.10 -13.56 -13.54
N ARG A 16 -42.69 -12.49 -13.02
CA ARG A 16 -41.93 -11.40 -12.42
C ARG A 16 -41.15 -11.90 -11.21
N LYS A 17 -41.82 -12.68 -10.37
CA LYS A 17 -41.18 -13.23 -9.17
C LYS A 17 -40.03 -14.15 -9.52
N ALA A 18 -40.23 -15.01 -10.52
CA ALA A 18 -39.20 -15.95 -10.94
C ALA A 18 -37.95 -15.23 -11.44
N ILE A 19 -38.15 -14.23 -12.31
CA ILE A 19 -37.04 -13.46 -12.85
C ILE A 19 -36.26 -12.77 -11.74
N GLU A 20 -36.98 -12.16 -10.80
CA GLU A 20 -36.36 -11.46 -9.69
C GLU A 20 -35.53 -12.42 -8.84
N LEU A 21 -36.05 -13.63 -8.66
CA LEU A 21 -35.35 -14.65 -7.88
C LEU A 21 -34.01 -15.01 -8.51
N SER A 22 -34.03 -15.24 -9.81
CA SER A 22 -32.81 -15.60 -10.54
C SER A 22 -31.81 -14.45 -10.55
N LEU A 23 -32.31 -13.24 -10.75
CA LEU A 23 -31.46 -12.05 -10.79
C LEU A 23 -30.72 -11.86 -9.47
N LYS A 24 -31.42 -12.08 -8.36
CA LYS A 24 -30.83 -11.92 -7.04
C LYS A 24 -29.59 -12.80 -6.88
N GLU A 25 -29.74 -14.09 -7.17
CA GLU A 25 -28.63 -15.04 -7.05
C GLU A 25 -29.04 -16.43 -7.51
N SER A 26 -30.13 -16.94 -6.94
CA SER A 26 -30.63 -18.27 -7.27
C SER A 26 -29.55 -19.32 -7.05
N ARG A 27 -28.82 -19.19 -5.94
CA ARG A 27 -27.75 -20.13 -5.59
C ARG A 27 -27.58 -20.20 -4.07
N ASN A 28 -26.39 -19.81 -3.59
CA ASN A 28 -26.09 -19.84 -2.16
C ASN A 28 -26.09 -21.26 -1.63
N SER A 29 -25.42 -22.15 -2.35
CA SER A 29 -25.32 -23.55 -1.95
C SER A 29 -24.41 -23.71 -0.74
N ALA A 30 -23.30 -22.98 -0.74
CA ALA A 30 -22.34 -23.03 0.35
C ALA A 30 -21.30 -21.93 0.22
N SER A 31 -20.95 -21.31 1.35
CA SER A 31 -19.97 -20.23 1.36
C SER A 31 -18.63 -20.70 0.78
N SER A 32 -18.11 -21.80 1.32
CA SER A 32 -16.84 -22.35 0.86
C SER A 32 -15.69 -21.38 1.10
N GLU A 33 -14.47 -21.91 1.10
CA GLU A 33 -13.27 -21.11 1.31
C GLU A 33 -13.24 -20.48 2.71
N PRO A 34 -13.31 -21.31 3.77
CA PRO A 34 -13.30 -20.82 5.15
C PRO A 34 -12.01 -20.08 5.49
N ILE A 35 -10.88 -20.68 5.14
CA ILE A 35 -9.57 -20.08 5.41
C ILE A 35 -9.41 -18.77 4.64
N VAL A 36 -8.81 -17.78 5.31
CA VAL A 36 -8.58 -16.47 4.68
C VAL A 36 -7.65 -16.60 3.48
N PRO A 37 -8.02 -15.99 2.34
CA PRO A 37 -7.20 -16.05 1.12
C PRO A 37 -5.99 -15.13 1.21
N VAL A 38 -4.80 -15.70 1.03
CA VAL A 38 -3.56 -14.92 1.08
C VAL A 38 -3.09 -14.59 -0.34
N VAL A 39 -4.03 -14.15 -1.17
CA VAL A 39 -3.72 -13.80 -2.56
C VAL A 39 -3.15 -12.39 -2.66
N GLU A 40 -2.30 -12.02 -1.71
CA GLU A 40 -1.67 -10.70 -1.70
C GLU A 40 -0.64 -10.60 -0.58
N SER A 41 0.27 -11.57 -0.52
CA SER A 41 1.31 -11.59 0.50
C SER A 41 2.16 -10.32 0.42
N LYS A 42 2.34 -9.66 1.56
CA LYS A 42 3.13 -8.44 1.63
C LYS A 42 2.64 -7.42 0.61
N ASN A 43 3.58 -6.71 -0.03
CA ASN A 43 3.22 -5.71 -1.03
C ASN A 43 4.48 -5.16 -1.71
N GLU A 44 5.40 -6.06 -2.04
CA GLU A 44 6.66 -5.68 -2.69
C GLU A 44 7.39 -4.63 -1.87
N VAL A 45 7.41 -4.82 -0.55
CA VAL A 45 8.08 -3.90 0.34
C VAL A 45 9.58 -3.85 0.06
N LYS A 46 10.14 -2.64 0.04
CA LYS A 46 11.57 -2.47 -0.23
C LYS A 46 12.00 -1.03 0.02
N ARG A 47 11.46 -0.42 1.08
CA ARG A 47 11.81 0.96 1.42
C ARG A 47 13.23 1.03 1.99
N GLN A 48 14.10 1.74 1.29
CA GLN A 48 15.49 1.88 1.72
C GLN A 48 15.65 3.06 2.68
N GLU A 49 16.33 2.81 3.80
CA GLU A 49 16.57 3.85 4.80
C GLU A 49 17.54 4.90 4.27
N ILE A 50 17.15 6.16 4.38
CA ILE A 50 17.98 7.26 3.91
C ILE A 50 17.87 8.47 4.85
N GLU A 51 19.02 9.09 5.15
CA GLU A 51 19.04 10.25 6.02
C GLU A 51 18.45 11.48 5.34
N GLU A 52 18.94 12.67 5.70
CA GLU A 52 18.45 13.92 5.12
C GLU A 52 18.98 14.11 3.70
N GLU A 53 19.79 13.17 3.22
CA GLU A 53 20.36 13.24 1.89
C GLU A 53 21.23 14.48 1.73
N GLU A 54 21.22 15.08 0.55
CA GLU A 54 22.02 16.28 0.27
C GLU A 54 23.50 16.03 0.51
N ASP A 55 24.26 15.90 -0.57
CA ASP A 55 25.70 15.67 -0.48
C ASP A 55 26.01 14.50 0.44
N PRO A 56 25.44 13.30 0.17
CA PRO A 56 25.67 12.11 1.00
C PRO A 56 27.14 11.67 1.00
N ASP A 57 27.70 11.48 -0.18
CA ASP A 57 29.09 11.05 -0.31
C ASP A 57 30.05 12.18 0.06
N LEU A 58 29.74 13.39 -0.40
CA LEU A 58 30.58 14.55 -0.12
C LEU A 58 30.70 14.79 1.38
N LYS A 59 29.59 14.64 2.09
CA LYS A 59 29.57 14.84 3.54
C LYS A 59 30.56 13.90 4.23
N ALA A 60 30.57 12.64 3.82
CA ALA A 60 31.47 11.65 4.39
C ALA A 60 32.92 11.98 4.07
N ALA A 61 33.18 12.36 2.83
CA ALA A 61 34.53 12.69 2.39
C ALA A 61 35.11 13.86 3.19
N ILE A 62 34.35 14.94 3.29
CA ILE A 62 34.79 16.12 4.03
C ILE A 62 34.94 15.80 5.52
N GLN A 63 34.05 14.94 6.02
CA GLN A 63 34.09 14.55 7.42
C GLN A 63 35.43 13.91 7.77
N GLU A 64 35.85 12.97 6.93
CA GLU A 64 37.13 12.29 7.15
C GLU A 64 38.29 13.26 7.02
N SER A 65 38.21 14.14 6.03
CA SER A 65 39.26 15.12 5.79
C SER A 65 39.37 16.09 6.97
N LEU A 66 38.22 16.49 7.50
CA LEU A 66 38.19 17.42 8.63
C LEU A 66 38.79 16.78 9.88
N ARG A 67 38.42 15.53 10.13
CA ARG A 67 38.94 14.81 11.29
C ARG A 67 40.46 14.65 11.19
N GLU A 68 40.92 14.30 10.00
CA GLU A 68 42.35 14.13 9.75
C GLU A 68 43.08 15.46 9.98
N ALA A 69 42.49 16.54 9.49
CA ALA A 69 43.06 17.87 9.65
C ALA A 69 43.13 18.26 11.12
N GLU A 70 42.10 17.88 11.88
CA GLU A 70 42.04 18.18 13.29
C GLU A 70 43.18 17.50 14.05
N GLU A 71 43.42 16.23 13.73
CA GLU A 71 44.48 15.47 14.37
C GLU A 71 45.86 16.02 13.99
N ALA A 72 46.04 16.28 12.70
CA ALA A 72 47.31 16.80 12.19
C ALA A 72 47.64 18.14 12.84
N LYS A 73 46.66 19.04 12.86
CA LYS A 73 46.83 20.36 13.45
C LYS A 73 47.11 20.25 14.94
N LEU A 74 46.39 19.34 15.60
CA LEU A 74 46.55 19.13 17.04
C LEU A 74 47.99 18.76 17.36
N ARG A 75 48.55 17.81 16.61
CA ARG A 75 49.92 17.37 16.83
C ARG A 75 50.90 18.51 16.56
N SER A 76 50.65 19.24 15.46
CA SER A 76 51.51 20.36 15.09
C SER A 76 51.55 21.42 16.18
N GLU A 77 52.68 22.12 16.28
CA GLU A 77 52.85 23.15 17.30
C GLU A 77 53.75 24.28 16.81
N ARG A 78 53.49 24.74 15.58
CA ARG A 78 54.28 25.81 14.98
C ARG A 78 55.75 25.42 14.89
N GLN A 79 56.02 24.30 14.24
CA GLN A 79 57.39 23.81 14.09
C GLN A 79 57.46 22.71 13.03
N LYS A 80 56.99 23.03 11.83
CA LYS A 80 56.99 22.08 10.72
C LYS A 80 56.69 22.77 9.40
N ALA A 81 57.32 22.28 8.32
CA ALA A 81 57.14 22.85 7.00
C ALA A 81 57.85 22.02 5.94
N MET A 1 -38.78 -28.21 -9.58
CA MET A 1 -38.60 -27.57 -10.91
C MET A 1 -37.11 -27.51 -11.29
N ASP A 2 -36.28 -27.13 -10.33
CA ASP A 2 -34.84 -27.03 -10.56
C ASP A 2 -34.25 -28.38 -10.95
N ARG A 3 -33.33 -28.37 -11.91
CA ARG A 3 -32.68 -29.59 -12.38
C ARG A 3 -31.17 -29.50 -12.19
N ASP A 4 -30.42 -30.04 -13.14
CA ASP A 4 -28.96 -30.03 -13.07
C ASP A 4 -28.43 -28.60 -13.24
N TYR A 5 -28.81 -27.96 -14.34
CA TYR A 5 -28.36 -26.60 -14.62
C TYR A 5 -29.45 -25.58 -14.28
N SER A 6 -30.71 -26.00 -14.35
CA SER A 6 -31.83 -25.13 -14.06
C SER A 6 -31.71 -24.51 -12.66
N THR A 7 -31.03 -25.23 -11.78
CA THR A 7 -30.82 -24.76 -10.41
C THR A 7 -30.30 -23.32 -10.38
N PRO A 8 -30.73 -22.52 -9.38
CA PRO A 8 -30.32 -21.13 -9.25
C PRO A 8 -28.82 -20.94 -9.44
N GLU A 9 -28.44 -19.79 -10.00
CA GLU A 9 -27.03 -19.48 -10.25
C GLU A 9 -26.30 -19.10 -8.96
N ASP A 10 -26.56 -19.84 -7.89
CA ASP A 10 -25.92 -19.58 -6.60
C ASP A 10 -26.16 -18.14 -6.15
N GLU A 11 -25.10 -17.48 -5.68
CA GLU A 11 -25.21 -16.09 -5.22
C GLU A 11 -25.74 -15.17 -6.32
N GLU A 12 -25.30 -15.42 -7.56
CA GLU A 12 -25.73 -14.61 -8.70
C GLU A 12 -27.26 -14.49 -8.75
N GLU A 13 -27.95 -15.60 -8.48
CA GLU A 13 -29.40 -15.60 -8.51
C GLU A 13 -29.97 -14.57 -7.54
N LEU A 14 -29.48 -14.57 -6.31
CA LEU A 14 -29.93 -13.63 -5.30
C LEU A 14 -29.62 -12.19 -5.70
N ILE A 15 -28.46 -12.01 -6.33
CA ILE A 15 -28.03 -10.67 -6.76
C ILE A 15 -29.03 -10.08 -7.75
N ARG A 16 -29.36 -10.85 -8.78
CA ARG A 16 -30.30 -10.40 -9.80
C ARG A 16 -31.66 -10.09 -9.19
N LYS A 17 -32.14 -11.01 -8.36
CA LYS A 17 -33.43 -10.83 -7.70
C LYS A 17 -33.44 -9.57 -6.85
N ALA A 18 -32.34 -9.35 -6.12
CA ALA A 18 -32.21 -8.19 -5.26
C ALA A 18 -32.36 -6.89 -6.06
N ILE A 19 -31.69 -6.84 -7.21
CA ILE A 19 -31.74 -5.66 -8.08
C ILE A 19 -33.15 -5.41 -8.59
N GLU A 20 -33.83 -6.47 -9.00
CA GLU A 20 -35.19 -6.36 -9.53
C GLU A 20 -36.16 -5.79 -8.49
N LEU A 21 -36.23 -6.45 -7.33
CA LEU A 21 -37.12 -6.02 -6.25
C LEU A 21 -36.75 -4.63 -5.74
N SER A 22 -35.45 -4.35 -5.68
CA SER A 22 -34.97 -3.06 -5.20
C SER A 22 -35.48 -1.92 -6.08
N LEU A 23 -35.35 -2.09 -7.39
CA LEU A 23 -35.80 -1.06 -8.33
C LEU A 23 -37.32 -0.90 -8.30
N LYS A 24 -38.04 -2.02 -8.27
CA LYS A 24 -39.49 -1.98 -8.24
C LYS A 24 -40.01 -1.24 -7.01
N GLU A 25 -39.52 -1.62 -5.83
CA GLU A 25 -39.95 -0.98 -4.59
C GLU A 25 -39.37 0.43 -4.49
N SER A 26 -38.05 0.51 -4.37
CA SER A 26 -37.36 1.80 -4.26
C SER A 26 -35.86 1.59 -4.11
N ARG A 27 -35.07 2.30 -4.91
CA ARG A 27 -33.63 2.19 -4.85
C ARG A 27 -33.10 2.73 -3.52
N ASN A 28 -32.20 1.97 -2.90
CA ASN A 28 -31.63 2.36 -1.62
C ASN A 28 -30.48 1.44 -1.23
N SER A 29 -29.51 1.30 -2.14
CA SER A 29 -28.36 0.44 -1.89
C SER A 29 -27.65 0.84 -0.59
N ALA A 30 -27.32 -0.15 0.23
CA ALA A 30 -26.65 0.09 1.50
C ALA A 30 -25.33 0.84 1.29
N SER A 31 -25.20 1.97 1.97
CA SER A 31 -23.99 2.77 1.86
C SER A 31 -22.82 2.14 2.60
N SER A 32 -21.74 1.89 1.87
CA SER A 32 -20.55 1.29 2.45
C SER A 32 -19.78 2.31 3.29
N GLU A 33 -18.55 2.62 2.89
CA GLU A 33 -17.74 3.60 3.60
C GLU A 33 -16.54 4.05 2.76
N PRO A 34 -16.79 4.52 1.52
CA PRO A 34 -15.72 4.98 0.63
C PRO A 34 -14.96 6.17 1.21
N ILE A 35 -13.64 6.15 1.07
CA ILE A 35 -12.81 7.22 1.59
C ILE A 35 -11.37 7.11 1.07
N VAL A 36 -10.84 8.23 0.59
CA VAL A 36 -9.48 8.27 0.06
C VAL A 36 -8.44 8.10 1.17
N PRO A 37 -7.36 7.35 0.91
CA PRO A 37 -6.30 7.11 1.90
C PRO A 37 -5.38 8.33 2.07
N VAL A 38 -6.00 9.50 2.24
CA VAL A 38 -5.25 10.74 2.42
C VAL A 38 -4.47 11.11 1.16
N VAL A 39 -4.64 12.36 0.70
CA VAL A 39 -3.96 12.84 -0.49
C VAL A 39 -2.53 13.27 -0.16
N GLU A 40 -1.80 12.38 0.50
CA GLU A 40 -0.42 12.66 0.88
C GLU A 40 0.24 11.40 1.43
N SER A 41 -0.08 10.26 0.82
CA SER A 41 0.47 8.97 1.25
C SER A 41 1.83 8.72 0.59
N LYS A 42 2.41 9.76 0.02
CA LYS A 42 3.71 9.64 -0.64
C LYS A 42 4.83 9.60 0.39
N ASN A 43 4.79 10.54 1.34
CA ASN A 43 5.81 10.62 2.39
C ASN A 43 7.21 10.69 1.78
N GLU A 44 8.17 9.97 2.37
CA GLU A 44 9.54 9.96 1.87
C GLU A 44 10.07 11.39 1.70
N VAL A 45 9.81 12.23 2.70
CA VAL A 45 10.26 13.62 2.64
C VAL A 45 11.79 13.71 2.63
N LYS A 46 12.33 14.10 1.48
CA LYS A 46 13.78 14.23 1.32
C LYS A 46 14.09 15.20 0.17
N ARG A 47 13.31 15.09 -0.91
CA ARG A 47 13.48 15.95 -2.07
C ARG A 47 12.94 17.36 -1.81
N GLN A 48 13.59 18.07 -0.89
CA GLN A 48 13.18 19.42 -0.53
C GLN A 48 14.30 20.16 0.20
N GLU A 49 14.98 19.45 1.09
CA GLU A 49 16.08 20.05 1.85
C GLU A 49 17.13 20.62 0.92
N ILE A 50 17.49 21.88 1.15
CA ILE A 50 18.48 22.56 0.33
C ILE A 50 19.87 21.96 0.52
N GLU A 51 20.37 21.35 -0.54
CA GLU A 51 21.70 20.72 -0.54
C GLU A 51 22.22 20.57 -1.97
N GLU A 52 21.85 21.52 -2.82
CA GLU A 52 22.27 21.51 -4.22
C GLU A 52 23.71 21.99 -4.36
N GLU A 53 24.03 23.08 -3.66
CA GLU A 53 25.37 23.67 -3.71
C GLU A 53 26.42 22.63 -3.37
N GLU A 54 27.60 22.76 -4.00
CA GLU A 54 28.70 21.84 -3.77
C GLU A 54 29.36 22.10 -2.41
N ASP A 55 28.58 21.94 -1.34
CA ASP A 55 29.09 22.16 0.00
C ASP A 55 30.29 21.26 0.28
N PRO A 56 31.47 21.85 0.58
CA PRO A 56 32.68 21.08 0.88
C PRO A 56 32.53 20.21 2.12
N ASP A 57 31.85 20.74 3.12
CA ASP A 57 31.62 20.03 4.37
C ASP A 57 30.87 18.72 4.14
N LEU A 58 29.89 18.77 3.24
CA LEU A 58 29.07 17.59 2.93
C LEU A 58 29.94 16.44 2.45
N LYS A 59 30.87 16.73 1.54
CA LYS A 59 31.76 15.70 1.00
C LYS A 59 32.56 15.03 2.10
N ALA A 60 33.12 15.83 3.00
CA ALA A 60 33.90 15.32 4.11
C ALA A 60 33.04 14.49 5.05
N ALA A 61 31.83 14.96 5.33
CA ALA A 61 30.90 14.26 6.21
C ALA A 61 30.57 12.87 5.68
N ILE A 62 30.24 12.80 4.39
CA ILE A 62 29.90 11.52 3.76
C ILE A 62 31.09 10.56 3.81
N GLN A 63 32.27 11.08 3.51
CA GLN A 63 33.49 10.27 3.50
C GLN A 63 33.71 9.64 4.87
N GLU A 64 33.62 10.46 5.92
CA GLU A 64 33.83 9.98 7.28
C GLU A 64 32.78 8.94 7.65
N SER A 65 31.55 9.18 7.24
CA SER A 65 30.44 8.27 7.53
C SER A 65 30.69 6.90 6.91
N LEU A 66 31.19 6.90 5.67
CA LEU A 66 31.46 5.65 4.97
C LEU A 66 32.57 4.86 5.65
N ARG A 67 33.64 5.55 6.02
CA ARG A 67 34.78 4.92 6.69
C ARG A 67 34.37 4.34 8.03
N GLU A 68 33.63 5.12 8.82
CA GLU A 68 33.18 4.68 10.13
C GLU A 68 32.27 3.46 10.02
N ALA A 69 31.37 3.49 9.05
CA ALA A 69 30.44 2.38 8.84
C ALA A 69 31.17 1.10 8.49
N GLU A 70 32.16 1.20 7.63
CA GLU A 70 32.95 0.05 7.20
C GLU A 70 33.69 -0.56 8.39
N GLU A 71 34.37 0.28 9.17
CA GLU A 71 35.12 -0.19 10.33
C GLU A 71 34.19 -0.87 11.34
N ALA A 72 33.07 -0.22 11.62
CA ALA A 72 32.10 -0.76 12.57
C ALA A 72 31.61 -2.14 12.13
N LYS A 73 31.36 -2.29 10.83
CA LYS A 73 30.89 -3.55 10.29
C LYS A 73 31.95 -4.64 10.43
N LEU A 74 33.21 -4.27 10.21
CA LEU A 74 34.31 -5.22 10.32
C LEU A 74 34.40 -5.79 11.73
N ARG A 75 34.34 -4.90 12.71
CA ARG A 75 34.42 -5.31 14.11
C ARG A 75 33.17 -6.09 14.54
N SER A 76 32.01 -5.60 14.11
CA SER A 76 30.74 -6.22 14.44
C SER A 76 30.70 -7.67 13.98
N GLU A 77 30.10 -8.54 14.79
CA GLU A 77 30.00 -9.96 14.47
C GLU A 77 28.98 -10.65 15.40
N ARG A 78 27.94 -9.91 15.75
CA ARG A 78 26.90 -10.43 16.63
C ARG A 78 25.90 -11.28 15.84
N GLN A 79 25.33 -12.28 16.50
CA GLN A 79 24.36 -13.16 15.86
C GLN A 79 23.49 -13.87 16.89
N LYS A 80 24.12 -14.36 17.95
CA LYS A 80 23.38 -15.06 19.01
C LYS A 80 24.26 -15.24 20.24
N ALA A 81 25.52 -15.64 20.02
CA ALA A 81 26.47 -15.85 21.11
C ALA A 81 25.94 -16.88 22.10
#